data_1TRK
#
_entry.id   1TRK
#
_cell.length_a   76.300
_cell.length_b   113.300
_cell.length_c   160.900
_cell.angle_alpha   90.00
_cell.angle_beta   90.00
_cell.angle_gamma   90.00
#
_symmetry.space_group_name_H-M   'P 21 21 21'
#
loop_
_entity.id
_entity.type
_entity.pdbx_description
1 polymer TRANSKETOLASE
2 non-polymer 'CALCIUM ION'
3 non-polymer 'THIAMINE DIPHOSPHATE'
4 water water
#
_entity_poly.entity_id   1
_entity_poly.type   'polypeptide(L)'
_entity_poly.pdbx_seq_one_letter_code
;MTQFTDIDKLAVSTIRILAVDTVSKANSGHPGAPLGMAPAAHVLWSQMRMNPTNPDWINRDRFVLSNGHAVALLYSMLHL
TGYDLSIEDLKQFRQLGSRTPGHPEFELPGVEVTTGPLGQGISNAVGMAMAQANLAATYNKPGFTLSDNYTYVFLGDGCL
QEGISSEASSLAGHLKLGNLIAIYDDNKITIDGATSISFDEDVAKRYEAYGWEVLYVENGNEDLAGIAKAIAQAKLSKDK
PTLIKMTTTIGYGSLHAGSHSVHGAPLKADDVKQLKSKFGFNPDKSFVVPQEVYDHYQKTILKPGVEANNKWNKLFSEYQ
KKFPELGAELARRLSGQLPANWESKLPTYTAKDSAVATRKLSETVLEDVYNQLPELIGGSADLTPSNLTRWKEALDFQPP
SSGSGNYSGRYIRYGIREHAMGAIMNGISAFGANYKPYGGTFLNFVSYAAGAVRLSALSGHPVIWVATHDSIGVGEDGPT
HQPIETLAHFRSLPNIQVWRPADGNEVSAAYKNSLESKHTPSIIALSRQNLPQLEGSSIESASKGGYVLQDVANPDIILV
ATGSEVSLSVEAAKTLAAKNIKARVVSLPDFFTFDKQPLEYRLSVLPDNVPIMSVEVLATTCWGKYAHQSFGIDRFGASG
KAPEVFKFFGFTPEGVAERAQKTIAFYKGDKLISPLKKAF
;
_entity_poly.pdbx_strand_id   A,B
#
loop_
_chem_comp.id
_chem_comp.type
_chem_comp.name
_chem_comp.formula
CA non-polymer 'CALCIUM ION' 'Ca 2'
TPP non-polymer 'THIAMINE DIPHOSPHATE' 'C12 H19 N4 O7 P2 S 1'
#
# COMPACT_ATOMS: atom_id res chain seq x y z
N GLN A 3 -9.58 10.45 -42.64
CA GLN A 3 -10.76 11.02 -43.32
C GLN A 3 -12.13 10.48 -42.89
N PHE A 4 -12.73 11.21 -41.94
CA PHE A 4 -14.00 10.80 -41.33
C PHE A 4 -15.20 11.30 -42.11
N THR A 5 -16.22 10.46 -42.19
CA THR A 5 -17.47 10.82 -42.85
C THR A 5 -18.68 10.71 -41.93
N ASP A 6 -19.87 10.83 -42.48
CA ASP A 6 -21.09 10.66 -41.69
C ASP A 6 -21.29 9.30 -41.04
N ILE A 7 -20.77 8.23 -41.61
CA ILE A 7 -20.72 6.97 -40.87
C ILE A 7 -19.81 7.02 -39.58
N ASP A 8 -18.74 7.83 -39.50
CA ASP A 8 -17.96 7.98 -38.27
C ASP A 8 -18.74 8.74 -37.19
N LYS A 9 -19.52 9.74 -37.58
CA LYS A 9 -20.45 10.38 -36.65
C LYS A 9 -21.58 9.45 -36.19
N LEU A 10 -22.17 8.63 -37.07
CA LEU A 10 -23.15 7.64 -36.64
C LEU A 10 -22.47 6.60 -35.71
N ALA A 11 -21.31 6.05 -36.02
CA ALA A 11 -20.51 5.19 -35.12
C ALA A 11 -20.31 5.78 -33.69
N VAL A 12 -19.85 7.05 -33.58
CA VAL A 12 -19.69 7.77 -32.32
C VAL A 12 -21.02 7.95 -31.62
N SER A 13 -22.13 8.24 -32.30
CA SER A 13 -23.43 8.25 -31.60
C SER A 13 -23.89 6.89 -31.08
N THR A 14 -23.62 5.82 -31.83
CA THR A 14 -24.08 4.50 -31.41
C THR A 14 -23.30 4.03 -30.20
N ILE A 15 -22.01 4.37 -30.12
CA ILE A 15 -21.18 4.07 -28.93
C ILE A 15 -21.73 4.82 -27.74
N ARG A 16 -21.95 6.14 -27.81
CA ARG A 16 -22.53 6.87 -26.68
C ARG A 16 -23.82 6.34 -26.15
N ILE A 17 -24.71 6.03 -27.08
CA ILE A 17 -26.02 5.58 -26.69
C ILE A 17 -26.02 4.16 -26.22
N LEU A 18 -25.22 3.29 -26.80
CA LEU A 18 -25.23 1.89 -26.36
C LEU A 18 -24.67 1.85 -24.92
N ALA A 19 -23.67 2.74 -24.67
CA ALA A 19 -23.11 2.89 -23.33
C ALA A 19 -24.07 3.41 -22.27
N VAL A 20 -24.89 4.41 -22.62
CA VAL A 20 -25.92 4.98 -21.75
C VAL A 20 -26.97 3.92 -21.51
N ASP A 21 -27.40 3.18 -22.54
CA ASP A 21 -28.36 2.11 -22.27
C ASP A 21 -27.86 0.98 -21.37
N THR A 22 -26.62 0.55 -21.56
CA THR A 22 -25.98 -0.46 -20.72
C THR A 22 -26.07 -0.06 -19.25
N VAL A 23 -25.67 1.18 -18.95
CA VAL A 23 -25.74 1.75 -17.60
C VAL A 23 -27.18 1.94 -17.10
N SER A 24 -28.04 2.63 -17.84
CA SER A 24 -29.43 2.81 -17.44
C SER A 24 -30.18 1.50 -17.20
N LYS A 25 -30.00 0.38 -17.93
CA LYS A 25 -30.69 -0.88 -17.62
C LYS A 25 -30.26 -1.53 -16.31
N ALA A 26 -28.96 -1.46 -15.94
CA ALA A 26 -28.47 -1.89 -14.65
C ALA A 26 -28.92 -1.05 -13.44
N ASN A 27 -29.29 0.19 -13.77
CA ASN A 27 -29.60 1.25 -12.84
C ASN A 27 -28.49 1.37 -11.79
N SER A 28 -27.30 1.31 -12.35
CA SER A 28 -26.06 1.35 -11.61
C SER A 28 -24.92 1.48 -12.62
N GLY A 29 -23.91 2.26 -12.33
CA GLY A 29 -22.80 2.37 -13.23
C GLY A 29 -22.48 3.84 -13.51
N HIS A 30 -21.47 4.00 -14.35
CA HIS A 30 -20.92 5.32 -14.58
C HIS A 30 -21.04 5.76 -16.04
N PRO A 31 -21.95 6.69 -16.32
CA PRO A 31 -22.24 7.17 -17.64
C PRO A 31 -21.39 8.31 -18.18
N GLY A 32 -20.84 9.16 -17.31
CA GLY A 32 -20.05 10.34 -17.69
C GLY A 32 -18.84 10.19 -18.62
N ALA A 33 -17.81 9.43 -18.22
CA ALA A 33 -16.64 9.33 -19.08
C ALA A 33 -16.86 8.47 -20.34
N PRO A 34 -17.66 7.35 -20.40
CA PRO A 34 -17.98 6.72 -21.69
C PRO A 34 -18.57 7.71 -22.69
N LEU A 35 -19.54 8.55 -22.31
CA LEU A 35 -19.98 9.66 -23.18
C LEU A 35 -18.87 10.64 -23.60
N GLY A 36 -17.99 11.13 -22.71
CA GLY A 36 -16.91 12.05 -23.12
C GLY A 36 -15.82 11.41 -24.00
N MET A 37 -15.46 10.17 -23.75
CA MET A 37 -14.41 9.53 -24.55
C MET A 37 -14.80 8.69 -25.79
N ALA A 38 -16.09 8.45 -26.07
CA ALA A 38 -16.50 7.77 -27.29
C ALA A 38 -15.90 8.31 -28.60
N PRO A 39 -15.79 9.64 -28.87
CA PRO A 39 -15.05 10.12 -30.04
C PRO A 39 -13.63 9.57 -30.20
N ALA A 40 -12.87 9.65 -29.12
CA ALA A 40 -11.50 9.18 -29.12
C ALA A 40 -11.41 7.66 -29.23
N ALA A 41 -12.36 6.90 -28.64
CA ALA A 41 -12.36 5.42 -28.78
C ALA A 41 -12.64 5.00 -30.25
N HIS A 42 -13.62 5.62 -30.91
CA HIS A 42 -13.84 5.42 -32.36
C HIS A 42 -12.55 5.70 -33.12
N VAL A 43 -11.95 6.88 -33.01
CA VAL A 43 -10.75 7.18 -33.80
C VAL A 43 -9.58 6.23 -33.50
N LEU A 44 -9.32 5.95 -32.23
CA LEU A 44 -8.24 5.03 -31.86
C LEU A 44 -8.43 3.56 -32.33
N TRP A 45 -9.57 2.93 -31.99
CA TRP A 45 -9.82 1.51 -32.34
C TRP A 45 -9.83 1.37 -33.85
N SER A 46 -10.29 2.39 -34.61
CA SER A 46 -10.32 2.29 -36.10
C SER A 46 -8.98 2.20 -36.82
N GLN A 47 -8.03 2.72 -36.07
CA GLN A 47 -6.65 2.76 -36.47
C GLN A 47 -5.78 1.72 -35.75
N MET A 48 -6.28 0.95 -34.78
CA MET A 48 -5.48 -0.09 -34.15
C MET A 48 -5.44 -1.38 -34.98
N ARG A 49 -4.28 -2.01 -34.99
CA ARG A 49 -4.13 -3.34 -35.59
C ARG A 49 -4.35 -4.48 -34.56
N MET A 50 -5.50 -5.11 -34.65
CA MET A 50 -6.01 -6.14 -33.73
C MET A 50 -6.83 -7.20 -34.43
N ASN A 51 -6.81 -8.46 -34.10
CA ASN A 51 -7.79 -9.36 -34.67
C ASN A 51 -8.89 -9.65 -33.62
N PRO A 52 -10.13 -9.16 -33.68
CA PRO A 52 -11.19 -9.57 -32.76
C PRO A 52 -11.47 -11.10 -32.73
N THR A 53 -11.21 -11.92 -33.77
CA THR A 53 -11.45 -13.36 -33.63
C THR A 53 -10.24 -14.12 -33.09
N ASN A 54 -9.15 -13.41 -32.84
CA ASN A 54 -8.01 -13.97 -32.11
C ASN A 54 -7.45 -12.93 -31.14
N PRO A 55 -8.08 -12.69 -29.99
CA PRO A 55 -7.63 -11.68 -29.01
C PRO A 55 -6.25 -12.00 -28.42
N ASP A 56 -5.67 -13.16 -28.67
CA ASP A 56 -4.33 -13.51 -28.22
C ASP A 56 -3.15 -13.33 -29.14
N TRP A 57 -3.39 -12.82 -30.35
CA TRP A 57 -2.31 -12.60 -31.32
C TRP A 57 -1.23 -11.72 -30.67
N ILE A 58 0.01 -12.24 -30.56
CA ILE A 58 1.10 -11.57 -29.86
C ILE A 58 1.45 -10.19 -30.33
N ASN A 59 1.38 -10.00 -31.65
CA ASN A 59 1.68 -8.66 -32.15
C ASN A 59 0.46 -7.75 -32.25
N ARG A 60 -0.66 -8.03 -31.56
CA ARG A 60 -1.80 -7.13 -31.64
C ARG A 60 -1.46 -5.79 -30.93
N ASP A 61 -1.97 -4.66 -31.41
CA ASP A 61 -1.84 -3.45 -30.65
C ASP A 61 -2.66 -3.64 -29.37
N ARG A 62 -2.20 -3.17 -28.23
CA ARG A 62 -2.95 -3.31 -26.98
C ARG A 62 -3.59 -2.02 -26.51
N PHE A 63 -4.79 -2.14 -25.93
CA PHE A 63 -5.56 -1.04 -25.35
C PHE A 63 -5.87 -1.31 -23.87
N VAL A 64 -5.57 -0.33 -23.03
CA VAL A 64 -5.91 -0.40 -21.61
C VAL A 64 -6.82 0.75 -21.16
N LEU A 65 -7.96 0.41 -20.59
CA LEU A 65 -8.85 1.41 -20.03
C LEU A 65 -8.47 1.62 -18.55
N SER A 66 -7.45 2.45 -18.22
CA SER A 66 -7.04 2.69 -16.82
C SER A 66 -8.13 3.30 -15.95
N ASN A 67 -8.94 4.19 -16.54
CA ASN A 67 -10.09 4.69 -15.81
C ASN A 67 -11.21 3.65 -15.88
N GLY A 68 -11.02 2.52 -15.21
CA GLY A 68 -11.89 1.37 -15.28
C GLY A 68 -13.38 1.57 -15.07
N HIS A 69 -13.80 2.64 -14.39
CA HIS A 69 -15.21 2.84 -14.14
C HIS A 69 -15.96 3.26 -15.38
N ALA A 70 -15.24 3.70 -16.42
CA ALA A 70 -15.81 4.00 -17.72
C ALA A 70 -16.09 2.71 -18.55
N VAL A 71 -16.28 1.56 -17.90
CA VAL A 71 -16.42 0.22 -18.48
C VAL A 71 -17.42 0.10 -19.58
N ALA A 72 -18.59 0.75 -19.45
CA ALA A 72 -19.63 0.64 -20.46
C ALA A 72 -19.12 1.05 -21.83
N LEU A 73 -18.07 1.91 -21.90
CA LEU A 73 -17.47 2.32 -23.17
C LEU A 73 -16.69 1.12 -23.70
N LEU A 74 -15.85 0.49 -22.90
CA LEU A 74 -15.13 -0.68 -23.38
C LEU A 74 -16.04 -1.84 -23.84
N TYR A 75 -17.08 -2.16 -23.07
CA TYR A 75 -18.00 -3.24 -23.39
C TYR A 75 -18.69 -2.96 -24.72
N SER A 76 -19.16 -1.71 -24.86
CA SER A 76 -19.64 -1.20 -26.15
C SER A 76 -18.74 -1.43 -27.34
N MET A 77 -17.48 -1.02 -27.23
CA MET A 77 -16.54 -1.22 -28.30
C MET A 77 -16.28 -2.68 -28.66
N LEU A 78 -16.11 -3.57 -27.66
CA LEU A 78 -15.87 -4.98 -27.90
C LEU A 78 -16.99 -5.63 -28.69
N HIS A 79 -18.21 -5.28 -28.33
CA HIS A 79 -19.38 -5.76 -29.05
C HIS A 79 -19.40 -5.28 -30.51
N LEU A 80 -19.21 -3.97 -30.70
CA LEU A 80 -19.36 -3.36 -32.02
C LEU A 80 -18.31 -3.75 -33.03
N THR A 81 -17.12 -4.04 -32.55
CA THR A 81 -16.04 -4.38 -33.46
C THR A 81 -15.83 -5.86 -33.60
N GLY A 82 -16.78 -6.64 -33.09
CA GLY A 82 -16.85 -8.04 -33.41
C GLY A 82 -16.13 -8.98 -32.50
N TYR A 83 -15.90 -8.55 -31.26
CA TYR A 83 -15.35 -9.46 -30.24
C TYR A 83 -16.47 -10.38 -29.71
N ASP A 84 -16.10 -11.35 -28.87
CA ASP A 84 -17.11 -12.24 -28.35
C ASP A 84 -17.81 -11.65 -27.11
N LEU A 85 -18.71 -10.73 -27.40
CA LEU A 85 -19.57 -10.08 -26.41
C LEU A 85 -20.88 -9.65 -27.06
N SER A 86 -22.01 -10.21 -26.69
CA SER A 86 -23.27 -9.89 -27.35
C SER A 86 -24.15 -8.83 -26.68
N ILE A 87 -25.24 -8.35 -27.27
CA ILE A 87 -26.14 -7.33 -26.67
C ILE A 87 -26.76 -7.87 -25.38
N GLU A 88 -27.01 -9.16 -25.45
CA GLU A 88 -27.46 -9.88 -24.28
C GLU A 88 -26.52 -9.80 -23.08
N ASP A 89 -25.21 -9.89 -23.32
CA ASP A 89 -24.22 -9.68 -22.26
C ASP A 89 -24.27 -8.28 -21.68
N LEU A 90 -24.33 -7.26 -22.55
CA LEU A 90 -24.48 -5.86 -22.13
C LEU A 90 -25.77 -5.59 -21.34
N LYS A 91 -26.86 -6.26 -21.74
CA LYS A 91 -28.13 -6.21 -21.02
C LYS A 91 -28.08 -6.86 -19.62
N GLN A 92 -26.99 -7.56 -19.33
CA GLN A 92 -26.76 -8.09 -17.98
C GLN A 92 -25.62 -7.39 -17.17
N PHE A 93 -25.19 -6.19 -17.60
CA PHE A 93 -24.12 -5.43 -16.95
C PHE A 93 -24.36 -5.29 -15.47
N ARG A 94 -23.35 -5.56 -14.62
CA ARG A 94 -23.43 -5.42 -13.15
C ARG A 94 -24.37 -6.36 -12.37
N GLN A 95 -24.91 -7.35 -13.06
CA GLN A 95 -25.75 -8.42 -12.53
C GLN A 95 -25.00 -9.69 -12.23
N LEU A 96 -25.42 -10.31 -11.14
CA LEU A 96 -24.76 -11.54 -10.68
C LEU A 96 -24.62 -12.65 -11.72
N GLY A 97 -23.42 -13.17 -11.90
CA GLY A 97 -23.19 -14.19 -12.90
C GLY A 97 -22.91 -13.68 -14.32
N SER A 98 -23.09 -12.39 -14.62
CA SER A 98 -22.99 -11.94 -16.03
C SER A 98 -21.58 -11.90 -16.57
N ARG A 99 -21.39 -11.82 -17.90
CA ARG A 99 -20.04 -11.64 -18.45
C ARG A 99 -19.50 -10.21 -18.42
N THR A 100 -20.38 -9.30 -18.06
CA THR A 100 -20.11 -7.88 -17.97
C THR A 100 -20.12 -7.29 -16.54
N PRO A 101 -19.15 -7.63 -15.65
CA PRO A 101 -19.09 -7.09 -14.29
C PRO A 101 -18.91 -5.56 -14.27
N GLY A 102 -19.18 -4.89 -13.16
CA GLY A 102 -19.11 -3.43 -13.09
C GLY A 102 -17.76 -2.76 -13.28
N HIS A 103 -16.64 -3.48 -13.28
CA HIS A 103 -15.31 -2.95 -13.64
C HIS A 103 -14.62 -3.99 -14.53
N PRO A 104 -13.76 -3.74 -15.52
CA PRO A 104 -13.37 -4.77 -16.47
C PRO A 104 -12.42 -5.81 -15.89
N GLU A 105 -12.70 -7.10 -16.09
CA GLU A 105 -11.79 -8.17 -15.67
C GLU A 105 -10.90 -8.87 -16.68
N PHE A 106 -9.58 -9.02 -16.43
CA PHE A 106 -8.64 -9.76 -17.27
C PHE A 106 -9.14 -11.06 -17.97
N GLU A 107 -10.00 -11.86 -17.38
CA GLU A 107 -10.63 -13.05 -17.94
C GLU A 107 -11.41 -12.85 -19.24
N LEU A 108 -12.09 -11.71 -19.45
CA LEU A 108 -12.83 -11.50 -20.68
C LEU A 108 -11.90 -11.28 -21.91
N PRO A 109 -12.05 -11.92 -23.08
CA PRO A 109 -11.27 -11.58 -24.27
C PRO A 109 -11.43 -10.12 -24.72
N GLY A 110 -10.36 -9.49 -25.16
CA GLY A 110 -10.34 -8.04 -25.40
C GLY A 110 -10.07 -7.19 -24.17
N VAL A 111 -10.15 -7.72 -22.93
CA VAL A 111 -9.85 -6.91 -21.76
C VAL A 111 -8.42 -7.29 -21.35
N GLU A 112 -7.46 -6.36 -21.50
CA GLU A 112 -6.06 -6.74 -21.30
C GLU A 112 -5.54 -6.95 -19.87
N VAL A 113 -6.23 -6.38 -18.91
CA VAL A 113 -5.86 -6.45 -17.49
C VAL A 113 -7.07 -6.08 -16.67
N THR A 114 -7.13 -6.37 -15.35
CA THR A 114 -8.33 -5.83 -14.67
C THR A 114 -7.99 -4.50 -14.05
N THR A 115 -8.83 -3.54 -14.37
CA THR A 115 -8.68 -2.18 -13.85
C THR A 115 -9.90 -1.79 -13.04
N GLY A 116 -9.93 -0.55 -12.53
CA GLY A 116 -10.98 -0.11 -11.59
C GLY A 116 -10.36 0.65 -10.40
N PRO A 117 -9.54 0.00 -9.54
CA PRO A 117 -8.56 0.66 -8.67
C PRO A 117 -7.68 1.63 -9.50
N LEU A 118 -7.81 2.92 -9.23
CA LEU A 118 -7.09 3.94 -10.02
C LEU A 118 -5.57 3.90 -9.95
N GLY A 119 -4.96 4.21 -11.11
CA GLY A 119 -3.52 4.22 -11.34
C GLY A 119 -2.91 2.89 -11.78
N GLN A 120 -3.66 1.82 -11.62
CA GLN A 120 -3.21 0.48 -12.04
C GLN A 120 -2.97 0.28 -13.54
N GLY A 121 -4.03 0.51 -14.32
CA GLY A 121 -4.02 0.39 -15.80
C GLY A 121 -2.85 1.09 -16.50
N ILE A 122 -2.64 2.40 -16.26
CA ILE A 122 -1.49 3.11 -16.85
C ILE A 122 -0.14 2.47 -16.47
N SER A 123 -0.01 1.96 -15.24
CA SER A 123 1.25 1.31 -14.82
C SER A 123 1.39 -0.07 -15.45
N ASN A 124 0.32 -0.84 -15.61
CA ASN A 124 0.37 -2.11 -16.36
C ASN A 124 0.81 -1.90 -17.82
N ALA A 125 0.25 -0.85 -18.44
CA ALA A 125 0.57 -0.50 -19.83
C ALA A 125 2.04 -0.17 -20.00
N VAL A 126 2.69 0.38 -18.96
CA VAL A 126 4.16 0.60 -18.99
C VAL A 126 4.88 -0.78 -19.11
N GLY A 127 4.49 -1.75 -18.30
CA GLY A 127 5.06 -3.08 -18.38
C GLY A 127 4.80 -3.74 -19.73
N MET A 128 3.55 -3.70 -20.25
CA MET A 128 3.27 -4.15 -21.62
C MET A 128 4.22 -3.50 -22.64
N ALA A 129 4.52 -2.20 -22.59
CA ALA A 129 5.52 -1.55 -23.46
C ALA A 129 6.96 -2.10 -23.29
N MET A 130 7.39 -2.36 -22.05
CA MET A 130 8.70 -2.94 -21.74
C MET A 130 8.85 -4.35 -22.30
N ALA A 131 7.83 -5.20 -22.08
CA ALA A 131 7.78 -6.54 -22.62
C ALA A 131 7.81 -6.48 -24.15
N GLN A 132 7.05 -5.59 -24.81
CA GLN A 132 7.22 -5.43 -26.26
C GLN A 132 8.64 -5.03 -26.65
N ALA A 133 9.28 -4.08 -25.94
CA ALA A 133 10.58 -3.64 -26.43
C ALA A 133 11.59 -4.77 -26.26
N ASN A 134 11.48 -5.58 -25.20
CA ASN A 134 12.32 -6.79 -25.07
C ASN A 134 12.06 -7.92 -26.10
N LEU A 135 10.82 -8.35 -26.38
CA LEU A 135 10.51 -9.30 -27.44
C LEU A 135 11.05 -8.83 -28.81
N ALA A 136 10.75 -7.60 -29.29
CA ALA A 136 11.34 -7.02 -30.52
C ALA A 136 12.84 -7.10 -30.58
N ALA A 137 13.52 -6.65 -29.52
CA ALA A 137 14.96 -6.75 -29.46
C ALA A 137 15.50 -8.17 -29.37
N THR A 138 14.76 -9.15 -28.88
CA THR A 138 15.32 -10.49 -28.71
C THR A 138 15.15 -11.33 -29.99
N TYR A 139 13.97 -11.12 -30.62
CA TYR A 139 13.55 -11.98 -31.71
C TYR A 139 13.49 -11.39 -33.12
N ASN A 140 13.36 -10.07 -33.30
CA ASN A 140 13.30 -9.52 -34.65
C ASN A 140 14.64 -9.66 -35.36
N LYS A 141 14.54 -9.97 -36.63
CA LYS A 141 15.71 -10.15 -37.48
C LYS A 141 15.44 -9.36 -38.76
N PRO A 142 16.44 -8.86 -39.47
CA PRO A 142 16.26 -8.13 -40.74
C PRO A 142 15.35 -8.87 -41.75
N GLY A 143 14.25 -8.34 -42.24
CA GLY A 143 13.32 -9.13 -43.06
C GLY A 143 12.21 -9.76 -42.22
N PHE A 144 12.42 -9.95 -40.92
CA PHE A 144 11.44 -10.50 -40.02
C PHE A 144 11.11 -9.57 -38.84
N THR A 145 10.23 -8.61 -39.03
CA THR A 145 9.77 -7.83 -37.88
C THR A 145 8.56 -8.45 -37.19
N LEU A 146 8.86 -9.36 -36.26
CA LEU A 146 7.79 -10.08 -35.56
C LEU A 146 7.08 -9.26 -34.51
N SER A 147 7.79 -8.32 -33.90
CA SER A 147 7.18 -7.52 -32.87
C SER A 147 7.41 -6.04 -33.11
N ASP A 148 6.29 -5.38 -33.08
CA ASP A 148 6.28 -3.92 -33.26
C ASP A 148 5.01 -3.20 -32.80
N ASN A 149 4.18 -3.85 -31.99
CA ASN A 149 2.97 -3.17 -31.54
C ASN A 149 3.07 -1.95 -30.60
N TYR A 150 1.98 -1.21 -30.65
CA TYR A 150 1.76 -0.07 -29.77
C TYR A 150 0.93 -0.45 -28.55
N THR A 151 1.07 0.36 -27.52
CA THR A 151 0.31 0.17 -26.30
C THR A 151 -0.39 1.50 -26.06
N TYR A 152 -1.70 1.44 -26.08
CA TYR A 152 -2.56 2.59 -25.96
C TYR A 152 -3.19 2.61 -24.59
N VAL A 153 -3.24 3.77 -23.92
CA VAL A 153 -3.87 3.86 -22.58
C VAL A 153 -4.93 4.97 -22.48
N PHE A 154 -6.15 4.73 -22.04
CA PHE A 154 -7.05 5.80 -21.69
C PHE A 154 -6.92 6.03 -20.19
N LEU A 155 -6.76 7.26 -19.76
CA LEU A 155 -6.76 7.54 -18.34
C LEU A 155 -7.51 8.84 -18.00
N GLY A 156 -7.86 9.01 -16.71
CA GLY A 156 -8.58 10.19 -16.25
C GLY A 156 -7.85 10.92 -15.14
N ASP A 157 -8.49 11.91 -14.53
CA ASP A 157 -7.87 12.66 -13.43
C ASP A 157 -7.46 11.89 -12.18
N GLY A 158 -8.35 11.01 -11.68
CA GLY A 158 -8.01 10.12 -10.57
C GLY A 158 -6.72 9.32 -10.72
N CYS A 159 -6.53 8.74 -11.91
CA CYS A 159 -5.30 8.01 -12.24
C CYS A 159 -4.05 8.89 -12.11
N LEU A 160 -4.16 10.18 -12.51
CA LEU A 160 -3.05 11.13 -12.42
C LEU A 160 -2.67 11.62 -11.03
N GLN A 161 -3.65 11.57 -10.12
CA GLN A 161 -3.42 11.88 -8.69
C GLN A 161 -2.81 10.77 -7.86
N GLU A 162 -3.08 9.52 -8.23
CA GLU A 162 -2.50 8.39 -7.55
C GLU A 162 -0.98 8.32 -7.74
N GLY A 163 -0.22 8.10 -6.66
CA GLY A 163 1.23 8.12 -6.73
C GLY A 163 1.85 7.01 -7.58
N ILE A 164 1.18 5.86 -7.68
CA ILE A 164 1.64 4.78 -8.57
C ILE A 164 1.83 5.20 -10.08
N SER A 165 0.97 6.07 -10.65
CA SER A 165 1.13 6.49 -12.04
C SER A 165 2.27 7.50 -12.12
N SER A 166 2.61 8.24 -11.05
CA SER A 166 3.87 9.04 -11.09
C SER A 166 5.09 8.15 -11.09
N GLU A 167 5.16 7.11 -10.24
CA GLU A 167 6.32 6.20 -10.26
C GLU A 167 6.51 5.56 -11.63
N ALA A 168 5.42 4.98 -12.13
CA ALA A 168 5.42 4.36 -13.44
C ALA A 168 5.75 5.32 -14.60
N SER A 169 5.20 6.54 -14.58
CA SER A 169 5.47 7.58 -15.59
C SER A 169 6.90 8.10 -15.56
N SER A 170 7.48 8.24 -14.37
CA SER A 170 8.93 8.55 -14.23
C SER A 170 9.83 7.47 -14.87
N LEU A 171 9.55 6.21 -14.51
CA LEU A 171 10.32 5.11 -15.09
C LEU A 171 10.15 4.99 -16.60
N ALA A 172 8.91 5.04 -17.12
CA ALA A 172 8.57 5.10 -18.56
C ALA A 172 9.31 6.19 -19.33
N GLY A 173 9.45 7.44 -18.84
CA GLY A 173 10.30 8.43 -19.47
C GLY A 173 11.79 8.04 -19.49
N HIS A 174 12.30 7.54 -18.34
CA HIS A 174 13.67 7.07 -18.30
C HIS A 174 13.99 6.01 -19.34
N LEU A 175 13.09 5.03 -19.49
CA LEU A 175 13.35 3.93 -20.42
C LEU A 175 13.01 4.27 -21.86
N LYS A 176 12.55 5.49 -22.19
CA LYS A 176 12.27 5.97 -23.56
C LYS A 176 11.29 5.11 -24.35
N LEU A 177 10.18 4.81 -23.72
CA LEU A 177 9.27 3.87 -24.32
C LEU A 177 8.33 4.57 -25.31
N GLY A 178 8.86 4.77 -26.52
CA GLY A 178 8.20 5.44 -27.62
C GLY A 178 6.89 4.84 -28.17
N ASN A 179 6.65 3.53 -27.92
CA ASN A 179 5.38 2.94 -28.35
C ASN A 179 4.20 2.98 -27.37
N LEU A 180 4.45 3.67 -26.24
CA LEU A 180 3.42 3.88 -25.24
C LEU A 180 2.80 5.26 -25.48
N ILE A 181 1.51 5.27 -25.81
CA ILE A 181 0.72 6.47 -26.12
C ILE A 181 -0.46 6.50 -25.16
N ALA A 182 -0.57 7.54 -24.34
CA ALA A 182 -1.63 7.59 -23.36
C ALA A 182 -2.50 8.80 -23.66
N ILE A 183 -3.83 8.63 -23.62
CA ILE A 183 -4.77 9.70 -23.83
C ILE A 183 -5.54 9.99 -22.53
N TYR A 184 -5.24 11.20 -22.09
CA TYR A 184 -5.80 11.80 -20.91
C TYR A 184 -7.12 12.48 -21.14
N ASP A 185 -8.17 11.96 -20.53
CA ASP A 185 -9.50 12.55 -20.57
C ASP A 185 -9.56 13.80 -19.67
N ASP A 186 -9.11 14.94 -20.17
CA ASP A 186 -9.09 16.16 -19.33
C ASP A 186 -10.47 16.81 -19.17
N ASN A 187 -11.33 16.29 -18.28
CA ASN A 187 -12.67 16.83 -18.23
C ASN A 187 -12.99 17.75 -17.07
N LYS A 188 -12.05 18.13 -16.20
CA LYS A 188 -12.26 19.09 -15.11
C LYS A 188 -13.10 18.76 -13.90
N ILE A 189 -13.59 17.53 -13.86
CA ILE A 189 -14.47 17.01 -12.83
C ILE A 189 -13.95 15.69 -12.22
N THR A 190 -14.01 15.52 -10.91
CA THR A 190 -13.80 14.20 -10.31
C THR A 190 -14.97 13.93 -9.36
N ILE A 191 -15.00 12.94 -8.46
CA ILE A 191 -16.21 12.75 -7.62
C ILE A 191 -16.57 13.97 -6.74
N ASP A 192 -15.62 14.66 -6.05
CA ASP A 192 -16.00 15.76 -5.17
C ASP A 192 -16.37 17.07 -5.85
N GLY A 193 -16.35 17.09 -7.18
CA GLY A 193 -16.70 18.30 -7.92
C GLY A 193 -15.60 18.62 -8.90
N ALA A 194 -15.33 19.93 -9.00
CA ALA A 194 -14.31 20.45 -9.89
C ALA A 194 -12.87 20.09 -9.48
N THR A 195 -11.98 19.76 -10.42
CA THR A 195 -10.59 19.42 -10.05
C THR A 195 -9.86 20.60 -9.45
N SER A 196 -10.26 21.83 -9.69
CA SER A 196 -9.60 22.94 -9.02
C SER A 196 -9.61 22.89 -7.49
N ILE A 197 -10.62 22.23 -6.90
CA ILE A 197 -10.74 21.97 -5.44
C ILE A 197 -9.58 21.23 -4.74
N SER A 198 -8.92 20.31 -5.46
CA SER A 198 -7.75 19.63 -4.91
C SER A 198 -6.70 19.27 -5.92
N PHE A 199 -6.83 19.56 -7.21
CA PHE A 199 -5.93 19.12 -8.25
C PHE A 199 -5.76 20.16 -9.40
N ASP A 200 -4.91 21.13 -9.12
CA ASP A 200 -4.62 22.17 -10.11
C ASP A 200 -3.18 22.22 -10.64
N GLU A 201 -2.46 21.11 -10.54
CA GLU A 201 -1.09 21.09 -11.04
C GLU A 201 -0.95 21.17 -12.55
N ASP A 202 0.23 21.51 -13.04
CA ASP A 202 0.46 21.57 -14.46
C ASP A 202 0.91 20.18 -14.93
N VAL A 203 -0.09 19.35 -15.30
CA VAL A 203 0.13 18.00 -15.82
C VAL A 203 1.13 17.88 -16.98
N ALA A 204 0.97 18.75 -18.01
CA ALA A 204 1.85 18.74 -19.17
C ALA A 204 3.33 18.95 -18.83
N LYS A 205 3.56 19.96 -18.00
CA LYS A 205 4.89 20.31 -17.50
C LYS A 205 5.47 19.19 -16.61
N ARG A 206 4.66 18.57 -15.72
CA ARG A 206 5.12 17.38 -15.02
C ARG A 206 5.46 16.24 -15.99
N TYR A 207 4.66 15.93 -17.01
CA TYR A 207 5.04 14.82 -17.94
C TYR A 207 6.29 15.09 -18.84
N GLU A 208 6.47 16.34 -19.30
CA GLU A 208 7.72 16.79 -19.92
C GLU A 208 8.94 16.65 -18.98
N ALA A 209 8.86 16.99 -17.69
CA ALA A 209 9.97 16.66 -16.78
C ALA A 209 10.33 15.17 -16.70
N TYR A 210 9.41 14.18 -16.86
CA TYR A 210 9.76 12.74 -16.90
C TYR A 210 10.42 12.30 -18.22
N GLY A 211 10.35 13.12 -19.24
CA GLY A 211 10.92 12.73 -20.52
C GLY A 211 9.83 12.41 -21.51
N TRP A 212 8.55 12.69 -21.24
CA TRP A 212 7.47 12.37 -22.18
C TRP A 212 7.18 13.55 -23.14
N GLU A 213 6.70 13.23 -24.34
CA GLU A 213 6.11 14.22 -25.20
C GLU A 213 4.68 14.52 -24.81
N VAL A 214 4.30 15.79 -24.76
CA VAL A 214 2.91 16.08 -24.51
C VAL A 214 2.31 16.73 -25.78
N LEU A 215 1.15 16.23 -26.18
CA LEU A 215 0.41 16.78 -27.31
C LEU A 215 -0.95 17.17 -26.80
N TYR A 216 -1.66 18.03 -27.51
CA TYR A 216 -2.92 18.55 -27.02
C TYR A 216 -3.97 18.45 -28.09
N VAL A 217 -5.20 18.13 -27.66
CA VAL A 217 -6.41 18.13 -28.51
C VAL A 217 -7.42 18.92 -27.67
N GLU A 218 -7.67 20.16 -28.05
CA GLU A 218 -8.58 21.01 -27.26
C GLU A 218 -10.06 20.68 -27.29
N ASN A 219 -10.52 20.08 -28.39
CA ASN A 219 -11.90 19.66 -28.47
C ASN A 219 -12.01 18.14 -28.74
N GLY A 220 -12.08 17.42 -27.65
CA GLY A 220 -12.25 15.99 -27.73
C GLY A 220 -13.71 15.56 -27.87
N ASN A 221 -14.65 16.45 -27.59
CA ASN A 221 -16.08 16.23 -27.82
C ASN A 221 -16.52 15.99 -29.25
N GLU A 222 -15.75 16.52 -30.19
CA GLU A 222 -16.17 16.45 -31.58
C GLU A 222 -15.01 16.43 -32.57
N ASP A 223 -13.79 16.82 -32.26
CA ASP A 223 -12.78 16.91 -33.29
C ASP A 223 -11.99 15.65 -33.51
N LEU A 224 -12.66 14.83 -34.32
CA LEU A 224 -12.09 13.57 -34.77
C LEU A 224 -10.77 13.61 -35.54
N ALA A 225 -10.63 14.55 -36.51
CA ALA A 225 -9.39 14.75 -37.25
C ALA A 225 -8.24 15.15 -36.37
N GLY A 226 -8.58 16.06 -35.44
CA GLY A 226 -7.61 16.56 -34.47
C GLY A 226 -7.14 15.42 -33.57
N ILE A 227 -8.07 14.62 -33.04
CA ILE A 227 -7.66 13.41 -32.31
C ILE A 227 -6.81 12.49 -33.20
N ALA A 228 -7.17 12.22 -34.50
CA ALA A 228 -6.38 11.35 -35.35
C ALA A 228 -4.98 11.89 -35.63
N LYS A 229 -4.89 13.21 -35.76
CA LYS A 229 -3.61 13.90 -35.95
C LYS A 229 -2.71 13.79 -34.73
N ALA A 230 -3.27 13.88 -33.52
CA ALA A 230 -2.46 13.64 -32.31
C ALA A 230 -1.96 12.21 -32.23
N ILE A 231 -2.81 11.20 -32.50
CA ILE A 231 -2.34 9.81 -32.47
C ILE A 231 -1.26 9.55 -33.53
N ALA A 232 -1.44 10.08 -34.76
CA ALA A 232 -0.44 9.90 -35.80
C ALA A 232 0.89 10.53 -35.45
N GLN A 233 0.90 11.77 -34.91
CA GLN A 233 2.13 12.41 -34.47
C GLN A 233 2.81 11.72 -33.29
N ALA A 234 1.99 11.23 -32.35
CA ALA A 234 2.48 10.40 -31.27
C ALA A 234 3.16 9.17 -31.84
N LYS A 235 2.69 8.50 -32.92
CA LYS A 235 3.47 7.32 -33.40
C LYS A 235 4.83 7.65 -33.97
N LEU A 236 5.10 8.94 -34.16
CA LEU A 236 6.42 9.36 -34.59
C LEU A 236 7.39 9.54 -33.43
N SER A 237 6.89 9.77 -32.18
CA SER A 237 7.57 9.88 -30.85
C SER A 237 8.50 8.68 -30.66
N LYS A 238 9.46 8.24 -31.47
CA LYS A 238 10.11 6.91 -31.26
C LYS A 238 10.87 6.61 -29.94
N ASP A 239 11.38 7.68 -29.37
CA ASP A 239 12.19 7.60 -28.17
C ASP A 239 11.58 8.37 -27.00
N LYS A 240 10.32 8.69 -27.07
CA LYS A 240 9.69 9.39 -25.99
C LYS A 240 8.29 8.83 -25.78
N PRO A 241 7.75 8.40 -24.62
CA PRO A 241 6.32 8.10 -24.53
C PRO A 241 5.53 9.36 -24.74
N THR A 242 4.29 9.22 -25.12
CA THR A 242 3.50 10.37 -25.46
C THR A 242 2.22 10.44 -24.64
N LEU A 243 1.99 11.57 -23.97
CA LEU A 243 0.72 11.84 -23.34
C LEU A 243 -0.07 12.84 -24.21
N ILE A 244 -1.29 12.52 -24.60
CA ILE A 244 -2.19 13.37 -25.41
C ILE A 244 -3.19 13.95 -24.43
N LYS A 245 -3.06 15.23 -24.12
CA LYS A 245 -4.03 15.89 -23.24
C LYS A 245 -5.26 16.34 -24.04
N MET A 246 -6.38 15.62 -23.86
CA MET A 246 -7.61 15.84 -24.61
C MET A 246 -8.75 16.26 -23.71
N THR A 247 -9.02 17.51 -23.93
CA THR A 247 -10.07 18.16 -23.17
C THR A 247 -11.44 17.69 -23.64
N THR A 248 -12.31 17.26 -22.73
CA THR A 248 -13.66 16.80 -23.10
C THR A 248 -14.68 17.31 -22.12
N THR A 249 -15.98 17.14 -22.32
CA THR A 249 -16.93 17.50 -21.30
C THR A 249 -17.55 16.22 -20.76
N ILE A 250 -17.42 16.00 -19.47
CA ILE A 250 -18.02 14.82 -18.85
C ILE A 250 -19.52 14.70 -19.18
N GLY A 251 -19.95 13.50 -19.59
CA GLY A 251 -21.35 13.28 -19.94
C GLY A 251 -21.86 14.12 -21.11
N TYR A 252 -21.01 14.48 -22.07
CA TYR A 252 -21.41 15.20 -23.28
C TYR A 252 -22.72 14.65 -23.88
N GLY A 253 -23.68 15.57 -24.09
CA GLY A 253 -24.99 15.23 -24.63
C GLY A 253 -26.12 15.20 -23.59
N SER A 254 -25.79 14.91 -22.34
CA SER A 254 -26.75 14.93 -21.25
C SER A 254 -27.09 16.33 -20.84
N LEU A 255 -28.30 16.42 -20.36
CA LEU A 255 -28.83 17.63 -19.73
C LEU A 255 -27.95 18.16 -18.56
N HIS A 256 -27.05 17.32 -18.01
CA HIS A 256 -26.21 17.68 -16.87
C HIS A 256 -24.73 17.43 -17.14
N ALA A 257 -24.43 17.49 -18.44
CA ALA A 257 -23.07 17.33 -18.92
C ALA A 257 -22.17 18.36 -18.25
N GLY A 258 -20.93 18.07 -17.88
CA GLY A 258 -20.08 19.02 -17.17
C GLY A 258 -20.38 19.09 -15.66
N SER A 259 -21.29 18.26 -15.15
CA SER A 259 -21.53 18.19 -13.70
C SER A 259 -21.00 16.90 -13.08
N HIS A 260 -20.48 16.86 -11.83
CA HIS A 260 -20.07 15.56 -11.27
C HIS A 260 -21.23 14.62 -10.88
N SER A 261 -22.46 15.17 -10.93
CA SER A 261 -23.68 14.38 -10.76
C SER A 261 -23.86 13.32 -11.85
N VAL A 262 -23.24 13.55 -13.04
CA VAL A 262 -23.19 12.62 -14.17
C VAL A 262 -21.97 11.65 -14.14
N HIS A 263 -21.17 11.66 -13.08
CA HIS A 263 -20.05 10.72 -12.97
C HIS A 263 -20.42 9.24 -12.69
N GLY A 264 -21.23 8.98 -11.68
CA GLY A 264 -21.38 7.63 -11.17
C GLY A 264 -22.77 7.18 -10.77
N ALA A 265 -23.72 7.74 -11.48
CA ALA A 265 -25.12 7.37 -11.34
C ALA A 265 -25.76 7.33 -12.74
N PRO A 266 -26.74 6.47 -13.06
CA PRO A 266 -27.44 6.55 -14.36
C PRO A 266 -28.09 7.91 -14.70
N LEU A 267 -28.26 8.18 -15.98
CA LEU A 267 -28.95 9.38 -16.37
C LEU A 267 -30.45 9.20 -16.07
N LYS A 268 -31.18 10.26 -15.72
CA LYS A 268 -32.61 10.14 -15.55
C LYS A 268 -33.25 9.72 -16.89
N ALA A 269 -34.26 8.85 -16.87
CA ALA A 269 -34.96 8.37 -18.08
C ALA A 269 -35.30 9.35 -19.19
N ASP A 270 -35.76 10.54 -18.80
CA ASP A 270 -36.02 11.53 -19.82
C ASP A 270 -34.79 12.24 -20.36
N ASP A 271 -33.70 12.25 -19.59
CA ASP A 271 -32.40 12.76 -20.05
C ASP A 271 -31.88 11.80 -21.14
N VAL A 272 -31.84 10.49 -20.83
CA VAL A 272 -31.59 9.47 -21.85
C VAL A 272 -32.50 9.66 -23.11
N LYS A 273 -33.83 9.91 -23.01
CA LYS A 273 -34.69 10.23 -24.18
C LYS A 273 -34.26 11.40 -25.06
N GLN A 274 -34.16 12.59 -24.49
CA GLN A 274 -33.70 13.77 -25.20
C GLN A 274 -32.33 13.56 -25.84
N LEU A 275 -31.47 12.86 -25.09
CA LEU A 275 -30.16 12.48 -25.62
C LEU A 275 -30.33 11.63 -26.88
N LYS A 276 -31.15 10.56 -26.89
CA LYS A 276 -31.44 9.77 -28.11
C LYS A 276 -31.98 10.61 -29.28
N SER A 277 -32.97 11.47 -29.03
CA SER A 277 -33.52 12.37 -30.07
C SER A 277 -32.49 13.35 -30.64
N LYS A 278 -31.67 13.97 -29.76
CA LYS A 278 -30.54 14.85 -30.11
C LYS A 278 -29.53 14.24 -31.07
N PHE A 279 -29.31 12.93 -30.90
CA PHE A 279 -28.43 12.14 -31.74
C PHE A 279 -29.03 11.43 -32.97
N GLY A 280 -30.32 11.67 -33.22
CA GLY A 280 -31.00 11.08 -34.36
C GLY A 280 -31.54 9.68 -34.10
N PHE A 281 -31.67 9.31 -32.82
CA PHE A 281 -32.15 7.99 -32.45
C PHE A 281 -33.57 8.01 -31.89
N ASN A 282 -34.35 6.97 -32.11
CA ASN A 282 -35.67 6.86 -31.50
C ASN A 282 -35.54 6.81 -29.98
N PRO A 283 -36.10 7.74 -29.18
CA PRO A 283 -36.04 7.79 -27.70
C PRO A 283 -36.80 6.67 -26.98
N ASP A 284 -37.68 5.96 -27.69
CA ASP A 284 -38.40 4.83 -27.08
C ASP A 284 -37.82 3.42 -27.32
N LYS A 285 -36.71 3.38 -28.05
CA LYS A 285 -35.98 2.16 -28.32
C LYS A 285 -34.61 2.12 -27.64
N SER A 286 -34.14 0.95 -27.29
CA SER A 286 -32.84 0.83 -26.64
C SER A 286 -31.97 -0.33 -27.13
N PHE A 287 -30.67 -0.28 -26.87
CA PHE A 287 -29.70 -1.25 -27.39
C PHE A 287 -29.78 -1.40 -28.91
N VAL A 288 -30.01 -0.29 -29.62
CA VAL A 288 -30.07 -0.26 -31.11
C VAL A 288 -28.72 -0.06 -31.80
N VAL A 289 -28.22 -1.00 -32.57
CA VAL A 289 -27.03 -0.80 -33.38
C VAL A 289 -27.51 -0.79 -34.87
N PRO A 290 -27.45 0.37 -35.59
CA PRO A 290 -27.62 0.50 -37.03
C PRO A 290 -26.79 -0.48 -37.81
N GLN A 291 -27.33 -1.26 -38.76
CA GLN A 291 -26.52 -2.12 -39.60
C GLN A 291 -25.23 -1.53 -40.17
N GLU A 292 -25.30 -0.25 -40.53
CA GLU A 292 -24.16 0.49 -41.12
C GLU A 292 -22.97 0.51 -40.19
N VAL A 293 -23.24 0.64 -38.89
CA VAL A 293 -22.13 0.63 -37.93
C VAL A 293 -21.47 -0.74 -37.87
N TYR A 294 -22.23 -1.86 -37.75
CA TYR A 294 -21.59 -3.19 -37.88
C TYR A 294 -20.82 -3.38 -39.20
N ASP A 295 -21.44 -3.02 -40.33
CA ASP A 295 -20.78 -3.20 -41.61
C ASP A 295 -19.48 -2.47 -41.69
N HIS A 296 -19.52 -1.27 -41.16
CA HIS A 296 -18.35 -0.41 -41.19
C HIS A 296 -17.21 -0.95 -40.35
N TYR A 297 -17.43 -1.43 -39.13
CA TYR A 297 -16.32 -1.97 -38.33
C TYR A 297 -15.73 -3.26 -38.87
N GLN A 298 -16.60 -4.08 -39.49
CA GLN A 298 -16.21 -5.26 -40.24
C GLN A 298 -15.19 -4.91 -41.33
N LYS A 299 -15.44 -3.86 -42.14
CA LYS A 299 -14.47 -3.45 -43.13
C LYS A 299 -13.26 -2.67 -42.60
N THR A 300 -13.40 -1.82 -41.61
CA THR A 300 -12.27 -1.03 -41.11
C THR A 300 -11.35 -1.72 -40.13
N ILE A 301 -11.89 -2.57 -39.24
CA ILE A 301 -11.13 -3.24 -38.17
C ILE A 301 -11.01 -4.76 -38.32
N LEU A 302 -12.16 -5.45 -38.35
CA LEU A 302 -12.14 -6.91 -38.34
C LEU A 302 -11.49 -7.57 -39.54
N LYS A 303 -11.96 -7.39 -40.79
CA LYS A 303 -11.28 -8.05 -41.90
C LYS A 303 -9.86 -7.61 -42.15
N PRO A 304 -9.47 -6.34 -42.08
CA PRO A 304 -8.03 -5.99 -42.11
C PRO A 304 -7.24 -6.62 -40.95
N GLY A 305 -7.79 -6.75 -39.72
CA GLY A 305 -7.06 -7.38 -38.61
C GLY A 305 -6.81 -8.86 -38.86
N VAL A 306 -7.84 -9.59 -39.36
CA VAL A 306 -7.67 -11.01 -39.71
C VAL A 306 -6.57 -11.14 -40.75
N GLU A 307 -6.57 -10.26 -41.74
CA GLU A 307 -5.54 -10.31 -42.79
C GLU A 307 -4.14 -10.05 -42.23
N ALA A 308 -4.02 -9.02 -41.39
CA ALA A 308 -2.76 -8.71 -40.68
C ALA A 308 -2.27 -9.88 -39.82
N ASN A 309 -3.17 -10.60 -39.14
CA ASN A 309 -2.79 -11.76 -38.35
C ASN A 309 -2.32 -12.90 -39.27
N ASN A 310 -3.05 -13.09 -40.37
CA ASN A 310 -2.73 -14.13 -41.32
C ASN A 310 -1.37 -13.85 -41.96
N LYS A 311 -1.03 -12.61 -42.28
CA LYS A 311 0.31 -12.31 -42.81
C LYS A 311 1.35 -12.64 -41.75
N TRP A 312 1.07 -12.17 -40.51
CA TRP A 312 2.01 -12.35 -39.41
C TRP A 312 2.28 -13.84 -39.26
N ASN A 313 1.25 -14.67 -39.40
CA ASN A 313 1.43 -16.12 -39.33
C ASN A 313 2.37 -16.70 -40.38
N LYS A 314 2.29 -16.18 -41.62
CA LYS A 314 3.19 -16.69 -42.64
C LYS A 314 4.57 -16.19 -42.38
N LEU A 315 4.79 -14.96 -41.94
CA LEU A 315 6.16 -14.51 -41.64
C LEU A 315 6.69 -15.33 -40.44
N PHE A 316 5.93 -15.69 -39.40
CA PHE A 316 6.48 -16.55 -38.36
C PHE A 316 6.85 -17.95 -38.93
N SER A 317 6.13 -18.56 -39.88
CA SER A 317 6.60 -19.83 -40.51
C SER A 317 7.93 -19.64 -41.22
N GLU A 318 8.07 -18.59 -42.03
CA GLU A 318 9.34 -18.31 -42.70
C GLU A 318 10.49 -18.19 -41.70
N TYR A 319 10.23 -17.43 -40.62
CA TYR A 319 11.16 -17.19 -39.50
C TYR A 319 11.72 -18.45 -38.89
N GLN A 320 10.84 -19.40 -38.55
CA GLN A 320 11.25 -20.66 -37.95
C GLN A 320 12.15 -21.55 -38.82
N LYS A 321 11.99 -21.44 -40.15
CA LYS A 321 12.88 -22.11 -41.10
C LYS A 321 14.21 -21.35 -41.20
N LYS A 322 14.23 -20.02 -41.43
CA LYS A 322 15.47 -19.24 -41.49
C LYS A 322 16.29 -19.26 -40.20
N PHE A 323 15.51 -19.30 -39.12
CA PHE A 323 16.01 -19.24 -37.75
C PHE A 323 15.49 -20.35 -36.82
N PRO A 324 15.77 -21.64 -37.02
CA PRO A 324 15.19 -22.72 -36.25
C PRO A 324 15.28 -22.69 -34.74
N GLU A 325 16.41 -22.20 -34.24
CA GLU A 325 16.76 -22.04 -32.82
C GLU A 325 15.87 -21.04 -32.03
N LEU A 326 15.86 -19.78 -32.49
CA LEU A 326 14.99 -18.72 -31.97
C LEU A 326 13.52 -18.95 -32.32
N GLY A 327 13.27 -19.55 -33.49
CA GLY A 327 11.91 -19.90 -33.92
C GLY A 327 11.24 -20.88 -32.97
N ALA A 328 11.97 -21.93 -32.65
CA ALA A 328 11.55 -22.95 -31.68
C ALA A 328 11.28 -22.38 -30.28
N GLU A 329 12.21 -21.58 -29.76
CA GLU A 329 12.04 -20.86 -28.49
C GLU A 329 10.82 -19.94 -28.52
N LEU A 330 10.68 -19.04 -29.48
CA LEU A 330 9.50 -18.17 -29.52
C LEU A 330 8.24 -19.00 -29.65
N ALA A 331 8.28 -20.05 -30.46
CA ALA A 331 7.14 -20.96 -30.60
C ALA A 331 6.76 -21.66 -29.28
N ARG A 332 7.73 -22.07 -28.46
CA ARG A 332 7.45 -22.67 -27.15
C ARG A 332 6.83 -21.67 -26.15
N ARG A 333 7.39 -20.45 -26.16
CA ARG A 333 6.89 -19.36 -25.30
C ARG A 333 5.47 -18.97 -25.71
N LEU A 334 5.16 -18.88 -27.01
CA LEU A 334 3.80 -18.51 -27.41
C LEU A 334 2.84 -19.61 -27.13
N SER A 335 3.34 -20.86 -27.02
CA SER A 335 2.48 -21.96 -26.60
C SER A 335 2.30 -22.00 -25.10
N GLY A 336 3.16 -21.26 -24.39
CA GLY A 336 3.04 -21.06 -22.96
C GLY A 336 3.60 -22.23 -22.18
N GLN A 337 4.57 -22.91 -22.75
CA GLN A 337 5.17 -24.03 -22.05
C GLN A 337 6.61 -23.69 -21.65
N LEU A 338 7.01 -24.10 -20.46
CA LEU A 338 8.39 -23.97 -19.98
C LEU A 338 9.29 -25.04 -20.67
N PRO A 339 10.60 -24.87 -20.87
CA PRO A 339 11.46 -25.86 -21.51
C PRO A 339 11.30 -27.28 -20.99
N ALA A 340 11.38 -28.31 -21.82
CA ALA A 340 11.44 -29.71 -21.33
C ALA A 340 12.51 -29.93 -20.27
N ASN A 341 11.86 -30.32 -19.18
CA ASN A 341 12.54 -30.63 -17.94
C ASN A 341 13.55 -29.60 -17.43
N TRP A 342 13.19 -28.32 -17.47
CA TRP A 342 14.02 -27.23 -16.92
C TRP A 342 14.47 -27.40 -15.45
N GLU A 343 13.61 -27.95 -14.55
CA GLU A 343 13.79 -28.15 -13.08
C GLU A 343 14.98 -28.96 -12.64
N SER A 344 15.52 -29.67 -13.61
CA SER A 344 16.75 -30.40 -13.45
C SER A 344 17.89 -29.44 -13.20
N LYS A 345 17.78 -28.15 -13.54
CA LYS A 345 18.87 -27.24 -13.19
C LYS A 345 18.81 -26.57 -11.79
N LEU A 346 17.72 -26.85 -11.08
CA LEU A 346 17.50 -26.31 -9.76
C LEU A 346 18.46 -26.94 -8.77
N PRO A 347 19.19 -26.16 -7.95
CA PRO A 347 20.12 -26.65 -6.93
C PRO A 347 19.52 -27.56 -5.88
N THR A 348 20.10 -28.71 -5.55
CA THR A 348 19.63 -29.45 -4.39
C THR A 348 20.81 -29.57 -3.40
N TYR A 349 20.50 -29.78 -2.14
CA TYR A 349 21.47 -29.69 -1.04
C TYR A 349 21.28 -30.85 -0.05
N THR A 350 22.19 -31.00 0.89
CA THR A 350 22.08 -32.02 1.97
C THR A 350 22.55 -31.45 3.28
N ALA A 351 22.19 -32.05 4.42
CA ALA A 351 22.68 -31.67 5.76
C ALA A 351 24.14 -31.30 5.91
N LYS A 352 24.97 -31.91 5.07
CA LYS A 352 26.43 -31.68 5.02
C LYS A 352 26.92 -30.32 4.45
N ASP A 353 26.09 -29.68 3.61
CA ASP A 353 26.42 -28.39 2.99
C ASP A 353 26.45 -27.18 3.92
N SER A 354 26.93 -26.04 3.49
CA SER A 354 27.07 -24.89 4.39
C SER A 354 25.77 -24.23 4.83
N ALA A 355 25.80 -23.54 5.96
CA ALA A 355 24.72 -22.67 6.40
C ALA A 355 24.69 -21.44 5.51
N VAL A 356 23.59 -21.18 4.78
CA VAL A 356 23.57 -20.10 3.81
C VAL A 356 22.37 -19.23 4.09
N ALA A 357 22.43 -17.89 4.00
CA ALA A 357 21.18 -17.12 4.08
C ALA A 357 20.25 -17.54 2.95
N THR A 358 18.97 -17.59 3.19
CA THR A 358 18.02 -18.08 2.18
C THR A 358 17.89 -17.08 1.02
N ARG A 359 18.23 -15.82 1.29
CA ARG A 359 18.30 -14.82 0.22
C ARG A 359 19.43 -15.13 -0.77
N LYS A 360 20.56 -15.64 -0.28
CA LYS A 360 21.67 -16.00 -1.16
C LYS A 360 21.44 -17.33 -1.88
N LEU A 361 20.70 -18.27 -1.25
CA LEU A 361 20.24 -19.45 -1.99
C LEU A 361 19.33 -19.02 -3.16
N SER A 362 18.53 -17.98 -2.93
CA SER A 362 17.64 -17.44 -3.98
C SER A 362 18.45 -16.97 -5.20
N GLU A 363 19.50 -16.19 -4.91
CA GLU A 363 20.48 -15.72 -5.88
C GLU A 363 21.09 -16.86 -6.68
N THR A 364 21.53 -17.96 -6.04
CA THR A 364 22.04 -19.13 -6.79
C THR A 364 21.04 -19.78 -7.71
N VAL A 365 19.77 -19.95 -7.30
CA VAL A 365 18.74 -20.44 -8.20
C VAL A 365 18.67 -19.52 -9.43
N LEU A 366 18.56 -18.20 -9.28
CA LEU A 366 18.44 -17.30 -10.43
C LEU A 366 19.66 -17.40 -11.30
N GLU A 367 20.88 -17.57 -10.77
CA GLU A 367 22.03 -17.89 -11.62
C GLU A 367 21.87 -19.21 -12.40
N ASP A 368 21.46 -20.31 -11.78
CA ASP A 368 21.29 -21.56 -12.50
C ASP A 368 20.20 -21.57 -13.56
N VAL A 369 19.14 -20.76 -13.42
CA VAL A 369 18.03 -20.71 -14.38
C VAL A 369 17.95 -19.57 -15.41
N TYR A 370 18.48 -18.33 -15.26
CA TYR A 370 18.31 -17.29 -16.27
C TYR A 370 18.72 -17.75 -17.66
N ASN A 371 19.72 -18.61 -17.67
CA ASN A 371 20.22 -19.22 -18.89
C ASN A 371 19.23 -20.23 -19.53
N GLN A 372 18.53 -21.00 -18.72
CA GLN A 372 17.54 -21.96 -19.18
C GLN A 372 16.25 -21.29 -19.59
N LEU A 373 15.95 -20.15 -18.97
CA LEU A 373 14.70 -19.49 -19.20
C LEU A 373 14.85 -18.07 -19.75
N PRO A 374 14.88 -17.95 -21.09
CA PRO A 374 14.91 -16.65 -21.79
C PRO A 374 13.74 -15.74 -21.43
N GLU A 375 12.60 -16.33 -21.08
CA GLU A 375 11.43 -15.55 -20.67
C GLU A 375 11.47 -14.97 -19.26
N LEU A 376 12.50 -15.30 -18.47
CA LEU A 376 12.67 -14.79 -17.10
C LEU A 376 13.20 -13.36 -17.12
N ILE A 377 12.43 -12.39 -16.62
CA ILE A 377 12.92 -11.01 -16.58
C ILE A 377 12.75 -10.49 -15.14
N GLY A 378 13.89 -10.08 -14.62
CA GLY A 378 13.95 -9.70 -13.23
C GLY A 378 14.28 -8.26 -12.91
N GLY A 379 14.47 -8.01 -11.63
CA GLY A 379 14.78 -6.68 -11.19
C GLY A 379 14.65 -6.41 -9.69
N SER A 380 14.91 -5.16 -9.36
CA SER A 380 14.86 -4.76 -7.97
C SER A 380 14.49 -3.30 -7.81
N ALA A 381 13.78 -3.02 -6.73
CA ALA A 381 13.46 -1.66 -6.41
C ALA A 381 14.57 -1.01 -5.55
N ASP A 382 15.71 -0.79 -6.25
CA ASP A 382 16.96 -0.26 -5.74
C ASP A 382 17.58 -0.98 -4.55
N LEU A 383 17.35 -2.28 -4.51
CA LEU A 383 17.89 -3.13 -3.46
C LEU A 383 18.69 -4.30 -4.03
N THR A 384 19.14 -4.13 -5.30
CA THR A 384 19.88 -5.16 -6.05
C THR A 384 20.99 -5.81 -5.24
N PRO A 385 21.89 -5.07 -4.55
CA PRO A 385 22.95 -5.66 -3.74
C PRO A 385 22.48 -6.33 -2.47
N SER A 386 21.39 -5.88 -1.84
CA SER A 386 20.81 -6.48 -0.62
C SER A 386 19.90 -7.71 -0.87
N ASN A 387 19.28 -7.72 -2.04
CA ASN A 387 18.36 -8.78 -2.51
C ASN A 387 19.05 -9.95 -3.27
N LEU A 388 20.31 -9.79 -3.74
CA LEU A 388 21.04 -10.76 -4.59
C LEU A 388 20.17 -11.36 -5.74
N THR A 389 19.61 -10.39 -6.47
CA THR A 389 18.60 -10.62 -7.49
C THR A 389 19.10 -10.47 -8.94
N ARG A 390 20.32 -9.92 -8.98
CA ARG A 390 21.03 -9.65 -10.23
C ARG A 390 22.01 -10.81 -10.52
N TRP A 391 21.81 -11.56 -11.64
CA TRP A 391 22.84 -12.55 -11.98
C TRP A 391 24.09 -12.01 -12.67
N LYS A 392 25.27 -12.61 -12.43
CA LYS A 392 26.56 -12.00 -12.76
C LYS A 392 26.71 -11.65 -14.24
N GLU A 393 26.35 -12.59 -15.11
CA GLU A 393 26.35 -12.33 -16.55
C GLU A 393 25.13 -11.48 -17.05
N ALA A 394 24.42 -10.68 -16.23
CA ALA A 394 23.22 -9.99 -16.72
C ALA A 394 23.45 -8.67 -17.46
N LEU A 395 22.60 -8.45 -18.43
CA LEU A 395 22.64 -7.19 -19.16
C LEU A 395 21.46 -6.40 -18.64
N ASP A 396 21.56 -5.10 -18.36
CA ASP A 396 20.39 -4.38 -17.90
C ASP A 396 19.47 -3.99 -19.04
N PHE A 397 18.17 -3.99 -18.78
CA PHE A 397 17.17 -3.48 -19.69
C PHE A 397 17.25 -1.95 -19.60
N GLN A 398 17.86 -1.37 -20.62
CA GLN A 398 18.03 0.08 -20.72
C GLN A 398 17.79 0.53 -22.17
N PRO A 399 17.47 1.78 -22.54
CA PRO A 399 17.58 2.29 -23.93
C PRO A 399 18.99 2.13 -24.50
N PRO A 400 19.20 1.81 -25.77
CA PRO A 400 20.51 1.69 -26.40
C PRO A 400 21.34 2.94 -26.20
N SER A 401 20.71 4.12 -26.38
CA SER A 401 21.35 5.41 -26.16
C SER A 401 22.02 5.59 -24.80
N SER A 402 21.54 4.84 -23.82
CA SER A 402 22.10 4.94 -22.48
C SER A 402 23.54 4.44 -22.38
N GLY A 403 23.92 3.44 -23.17
CA GLY A 403 25.24 2.82 -23.01
C GLY A 403 25.29 1.86 -21.80
N SER A 404 24.48 2.07 -20.76
CA SER A 404 24.39 1.23 -19.56
C SER A 404 23.84 -0.18 -19.75
N GLY A 405 23.25 -0.45 -20.92
CA GLY A 405 22.66 -1.74 -21.29
C GLY A 405 21.80 -1.62 -22.54
N ASN A 406 20.85 -2.50 -22.85
CA ASN A 406 19.92 -2.25 -23.97
C ASN A 406 18.56 -2.99 -23.84
N TYR A 407 17.62 -2.82 -24.73
CA TYR A 407 16.32 -3.47 -24.62
C TYR A 407 16.22 -4.99 -24.66
N SER A 408 17.27 -5.71 -25.06
CA SER A 408 17.24 -7.18 -25.01
C SER A 408 17.71 -7.66 -23.62
N GLY A 409 18.21 -6.69 -22.80
CA GLY A 409 18.68 -6.97 -21.45
C GLY A 409 17.54 -7.46 -20.60
N ARG A 410 17.84 -8.25 -19.58
CA ARG A 410 16.77 -8.81 -18.79
C ARG A 410 16.74 -8.49 -17.28
N TYR A 411 17.51 -7.47 -16.92
CA TYR A 411 17.45 -7.01 -15.55
C TYR A 411 16.99 -5.57 -15.53
N ILE A 412 15.86 -5.34 -14.89
CA ILE A 412 15.24 -4.02 -14.75
C ILE A 412 15.66 -3.30 -13.45
N ARG A 413 16.15 -2.06 -13.58
CA ARG A 413 16.49 -1.21 -12.43
C ARG A 413 15.23 -0.42 -12.12
N TYR A 414 14.34 -0.89 -11.25
CA TYR A 414 13.13 -0.11 -11.08
C TYR A 414 13.27 1.16 -10.26
N GLY A 415 14.35 1.34 -9.45
CA GLY A 415 14.46 2.49 -8.54
C GLY A 415 13.57 2.33 -7.31
N ILE A 416 13.37 3.32 -6.46
CA ILE A 416 12.54 3.08 -5.30
C ILE A 416 11.06 3.31 -5.60
N ARG A 417 10.56 2.30 -6.29
CA ARG A 417 9.21 2.36 -6.81
C ARG A 417 8.45 1.06 -6.62
N GLU A 418 8.20 0.62 -5.38
CA GLU A 418 7.57 -0.68 -5.18
C GLU A 418 6.18 -0.87 -5.75
N HIS A 419 5.31 0.11 -5.61
CA HIS A 419 3.93 -0.05 -6.08
C HIS A 419 3.92 -0.11 -7.59
N ALA A 420 4.70 0.71 -8.30
CA ALA A 420 4.77 0.62 -9.75
C ALA A 420 5.43 -0.66 -10.22
N MET A 421 6.46 -1.16 -9.51
CA MET A 421 7.12 -2.42 -9.87
C MET A 421 6.09 -3.54 -9.83
N GLY A 422 5.18 -3.54 -8.84
CA GLY A 422 4.10 -4.55 -8.83
C GLY A 422 3.14 -4.51 -10.01
N ALA A 423 2.72 -3.31 -10.43
CA ALA A 423 1.82 -3.17 -11.58
C ALA A 423 2.47 -3.42 -12.94
N ILE A 424 3.73 -2.98 -13.06
CA ILE A 424 4.56 -3.20 -14.24
C ILE A 424 4.82 -4.67 -14.40
N MET A 425 5.07 -5.40 -13.29
CA MET A 425 5.23 -6.85 -13.41
C MET A 425 3.92 -7.47 -13.88
N ASN A 426 2.78 -7.01 -13.38
CA ASN A 426 1.47 -7.46 -13.87
C ASN A 426 1.29 -7.24 -15.40
N GLY A 427 1.62 -6.03 -15.91
CA GLY A 427 1.63 -5.71 -17.33
C GLY A 427 2.62 -6.55 -18.16
N ILE A 428 3.88 -6.81 -17.79
CA ILE A 428 4.79 -7.75 -18.45
C ILE A 428 4.21 -9.19 -18.53
N SER A 429 3.69 -9.74 -17.42
CA SER A 429 3.01 -11.02 -17.43
C SER A 429 1.75 -11.05 -18.35
N ALA A 430 0.89 -10.04 -18.25
CA ALA A 430 -0.29 -9.97 -19.10
C ALA A 430 0.05 -9.82 -20.60
N PHE A 431 1.25 -9.42 -21.00
CA PHE A 431 1.58 -9.25 -22.41
C PHE A 431 1.57 -10.58 -23.14
N GLY A 432 1.96 -11.65 -22.44
CA GLY A 432 2.01 -12.97 -23.05
C GLY A 432 3.44 -13.46 -23.32
N ALA A 433 3.62 -14.37 -24.27
CA ALA A 433 4.92 -14.98 -24.63
C ALA A 433 5.66 -15.59 -23.46
N ASN A 434 4.86 -16.09 -22.55
CA ASN A 434 5.34 -16.68 -21.34
C ASN A 434 6.33 -15.86 -20.51
N TYR A 435 6.33 -14.51 -20.53
CA TYR A 435 7.15 -13.70 -19.64
C TYR A 435 6.91 -14.05 -18.17
N LYS A 436 8.06 -14.29 -17.55
CA LYS A 436 8.09 -14.62 -16.15
C LYS A 436 8.75 -13.50 -15.36
N PRO A 437 8.06 -12.37 -15.01
CA PRO A 437 8.67 -11.29 -14.24
C PRO A 437 8.88 -11.61 -12.76
N TYR A 438 9.98 -11.10 -12.26
CA TYR A 438 10.13 -11.08 -10.82
C TYR A 438 10.68 -9.77 -10.32
N GLY A 439 10.36 -9.40 -9.09
CA GLY A 439 10.84 -8.13 -8.55
C GLY A 439 11.29 -8.28 -7.11
N GLY A 440 12.41 -7.66 -6.79
CA GLY A 440 12.94 -7.68 -5.45
C GLY A 440 12.73 -6.41 -4.65
N THR A 441 12.45 -6.63 -3.39
CA THR A 441 12.46 -5.60 -2.39
C THR A 441 12.45 -6.25 -1.01
N PHE A 442 12.48 -5.46 0.09
CA PHE A 442 12.40 -5.99 1.44
C PHE A 442 10.97 -6.42 1.74
N LEU A 443 10.72 -7.50 2.52
CA LEU A 443 9.35 -7.90 2.72
C LEU A 443 8.41 -6.83 3.29
N ASN A 444 8.94 -6.06 4.25
CA ASN A 444 8.18 -4.96 4.79
C ASN A 444 7.69 -3.89 3.79
N PHE A 445 8.31 -3.74 2.63
CA PHE A 445 7.86 -2.73 1.67
C PHE A 445 7.11 -3.31 0.49
N VAL A 446 6.92 -4.63 0.45
CA VAL A 446 5.96 -5.18 -0.49
C VAL A 446 4.60 -4.59 -0.10
N SER A 447 4.42 -4.16 1.17
CA SER A 447 3.16 -3.51 1.58
C SER A 447 2.93 -2.14 0.96
N TYR A 448 3.97 -1.48 0.46
CA TYR A 448 3.81 -0.24 -0.30
C TYR A 448 3.05 -0.48 -1.65
N ALA A 449 3.22 -1.71 -2.11
CA ALA A 449 2.63 -2.20 -3.33
C ALA A 449 1.34 -3.04 -3.17
N ALA A 450 0.67 -3.08 -1.99
CA ALA A 450 -0.54 -3.88 -1.81
C ALA A 450 -1.63 -3.77 -2.90
N GLY A 451 -1.80 -2.56 -3.43
CA GLY A 451 -2.77 -2.27 -4.50
C GLY A 451 -2.66 -3.16 -5.74
N ALA A 452 -1.42 -3.40 -6.20
CA ALA A 452 -1.09 -4.14 -7.41
C ALA A 452 -1.02 -5.63 -7.04
N VAL A 453 -0.40 -6.01 -5.89
CA VAL A 453 -0.34 -7.39 -5.46
C VAL A 453 -1.77 -7.93 -5.43
N ARG A 454 -2.79 -7.21 -4.94
CA ARG A 454 -4.15 -7.72 -4.90
C ARG A 454 -4.70 -7.98 -6.27
N LEU A 455 -4.35 -7.16 -7.27
CA LEU A 455 -4.81 -7.39 -8.64
C LEU A 455 -4.03 -8.53 -9.28
N SER A 456 -2.77 -8.81 -8.91
CA SER A 456 -2.08 -10.03 -9.40
C SER A 456 -2.86 -11.30 -9.00
N ALA A 457 -3.39 -11.34 -7.78
CA ALA A 457 -4.21 -12.43 -7.25
C ALA A 457 -5.64 -12.50 -7.77
N LEU A 458 -6.33 -11.38 -7.81
CA LEU A 458 -7.64 -11.26 -8.42
C LEU A 458 -7.66 -11.69 -9.92
N SER A 459 -6.73 -11.19 -10.76
CA SER A 459 -6.64 -11.66 -12.17
C SER A 459 -5.86 -12.90 -12.49
N GLY A 460 -4.99 -13.23 -11.57
CA GLY A 460 -4.22 -14.42 -11.78
C GLY A 460 -3.01 -14.17 -12.65
N HIS A 461 -2.22 -13.14 -12.34
CA HIS A 461 -0.96 -12.94 -13.04
C HIS A 461 0.11 -13.66 -12.22
N PRO A 462 0.81 -14.71 -12.66
CA PRO A 462 1.81 -15.37 -11.85
C PRO A 462 3.15 -14.64 -11.70
N VAL A 463 3.08 -13.43 -11.13
CA VAL A 463 4.32 -12.67 -10.89
C VAL A 463 5.01 -13.15 -9.60
N ILE A 464 6.32 -12.96 -9.52
CA ILE A 464 7.07 -13.38 -8.36
C ILE A 464 7.77 -12.20 -7.65
N TRP A 465 7.49 -12.07 -6.38
CA TRP A 465 8.12 -11.11 -5.49
C TRP A 465 9.27 -11.76 -4.69
N VAL A 466 10.52 -11.33 -4.88
CA VAL A 466 11.62 -11.87 -4.14
C VAL A 466 11.80 -10.88 -2.97
N ALA A 467 11.16 -11.28 -1.88
CA ALA A 467 11.00 -10.48 -0.68
C ALA A 467 11.98 -10.83 0.42
N THR A 468 13.09 -10.12 0.43
CA THR A 468 14.15 -10.43 1.36
C THR A 468 13.96 -9.76 2.71
N HIS A 469 14.83 -9.98 3.71
CA HIS A 469 14.78 -9.31 5.02
C HIS A 469 13.43 -9.56 5.69
N ASP A 470 13.06 -10.85 5.79
CA ASP A 470 11.74 -11.28 6.23
C ASP A 470 11.30 -11.14 7.67
N SER A 471 12.11 -10.65 8.62
CA SER A 471 11.72 -10.72 10.03
C SER A 471 12.63 -9.86 10.88
N ILE A 472 12.49 -9.88 12.22
CA ILE A 472 13.48 -9.34 13.17
C ILE A 472 14.95 -9.74 12.97
N GLY A 473 15.23 -10.77 12.17
CA GLY A 473 16.57 -11.13 11.72
C GLY A 473 17.25 -10.03 10.87
N VAL A 474 16.51 -8.99 10.47
CA VAL A 474 17.04 -7.71 9.92
C VAL A 474 18.01 -7.08 10.94
N GLY A 475 17.54 -7.11 12.19
CA GLY A 475 18.34 -6.69 13.32
C GLY A 475 18.41 -5.20 13.47
N GLU A 476 19.61 -4.63 13.20
CA GLU A 476 19.88 -3.20 13.45
C GLU A 476 19.00 -2.15 12.76
N ASP A 477 18.42 -2.35 11.57
CA ASP A 477 17.51 -1.32 11.08
C ASP A 477 16.27 -1.06 11.93
N GLY A 478 15.86 -1.99 12.78
CA GLY A 478 14.77 -1.76 13.71
C GLY A 478 13.38 -1.94 13.21
N PRO A 479 12.39 -1.54 14.00
CA PRO A 479 10.99 -1.83 13.80
C PRO A 479 10.34 -1.32 12.54
N THR A 480 10.86 -0.21 11.97
CA THR A 480 10.32 0.34 10.72
C THR A 480 10.65 -0.53 9.50
N HIS A 481 11.65 -1.43 9.66
CA HIS A 481 12.04 -2.35 8.59
C HIS A 481 11.80 -3.82 8.94
N GLN A 482 11.20 -4.19 10.08
CA GLN A 482 11.04 -5.59 10.49
C GLN A 482 9.61 -6.02 10.25
N PRO A 483 9.24 -6.88 9.27
CA PRO A 483 7.88 -7.38 9.07
C PRO A 483 7.30 -7.99 10.34
N ILE A 484 6.01 -7.80 10.63
CA ILE A 484 5.34 -8.51 11.73
C ILE A 484 4.02 -9.09 11.22
N GLU A 485 3.27 -8.28 10.54
CA GLU A 485 1.94 -8.53 10.06
C GLU A 485 1.92 -8.92 8.59
N THR A 486 3.06 -8.89 7.90
CA THR A 486 3.01 -8.92 6.44
C THR A 486 2.54 -10.22 5.83
N LEU A 487 3.05 -11.33 6.39
CA LEU A 487 2.58 -12.62 5.89
C LEU A 487 1.14 -12.94 6.28
N ALA A 488 0.67 -12.57 7.47
CA ALA A 488 -0.73 -12.73 7.84
C ALA A 488 -1.69 -12.06 6.88
N HIS A 489 -1.31 -10.86 6.47
CA HIS A 489 -2.03 -10.15 5.41
C HIS A 489 -2.07 -10.97 4.11
N PHE A 490 -0.95 -11.36 3.45
CA PHE A 490 -1.07 -12.00 2.14
C PHE A 490 -1.53 -13.45 2.22
N ARG A 491 -1.40 -14.14 3.36
CA ARG A 491 -2.07 -15.43 3.53
C ARG A 491 -3.58 -15.26 3.68
N SER A 492 -4.12 -14.06 3.99
CA SER A 492 -5.54 -13.77 4.04
C SER A 492 -6.12 -13.37 2.71
N LEU A 493 -5.24 -13.17 1.74
CA LEU A 493 -5.65 -12.81 0.38
C LEU A 493 -5.86 -14.08 -0.47
N PRO A 494 -7.00 -14.28 -1.15
CA PRO A 494 -7.19 -15.49 -1.93
C PRO A 494 -6.20 -15.51 -3.10
N ASN A 495 -5.81 -16.71 -3.55
CA ASN A 495 -5.00 -16.93 -4.73
C ASN A 495 -3.63 -16.23 -4.83
N ILE A 496 -2.89 -16.44 -3.77
CA ILE A 496 -1.51 -16.02 -3.77
C ILE A 496 -0.73 -16.97 -2.89
N GLN A 497 0.37 -17.44 -3.44
CA GLN A 497 1.33 -18.26 -2.73
C GLN A 497 2.28 -17.43 -1.85
N VAL A 498 2.44 -17.68 -0.56
CA VAL A 498 3.38 -16.96 0.29
C VAL A 498 4.38 -17.99 0.82
N TRP A 499 5.51 -18.12 0.14
CA TRP A 499 6.53 -19.10 0.45
C TRP A 499 7.50 -18.59 1.49
N ARG A 500 7.80 -19.32 2.57
CA ARG A 500 8.80 -18.84 3.52
C ARG A 500 9.77 -20.01 3.75
N PRO A 501 10.65 -20.29 2.74
CA PRO A 501 11.54 -21.42 2.73
C PRO A 501 12.58 -21.51 3.82
N ALA A 502 12.82 -22.70 4.33
CA ALA A 502 13.77 -22.84 5.42
C ALA A 502 15.25 -23.05 5.06
N ASP A 503 15.49 -23.58 3.88
CA ASP A 503 16.85 -23.95 3.50
C ASP A 503 16.94 -24.09 1.99
N GLY A 504 18.10 -24.57 1.53
CA GLY A 504 18.39 -24.83 0.14
C GLY A 504 17.35 -25.60 -0.65
N ASN A 505 16.97 -26.79 -0.18
CA ASN A 505 15.92 -27.52 -0.91
C ASN A 505 14.53 -26.87 -0.91
N GLU A 506 14.14 -26.21 0.19
CA GLU A 506 12.88 -25.50 0.18
C GLU A 506 12.91 -24.28 -0.73
N VAL A 507 14.03 -23.58 -0.91
CA VAL A 507 14.13 -22.46 -1.87
C VAL A 507 13.88 -22.97 -3.32
N SER A 508 14.54 -24.06 -3.70
CA SER A 508 14.29 -24.67 -4.99
C SER A 508 12.85 -25.08 -5.21
N ALA A 509 12.19 -25.64 -4.19
CA ALA A 509 10.77 -25.96 -4.32
C ALA A 509 9.87 -24.73 -4.45
N ALA A 510 10.25 -23.65 -3.74
CA ALA A 510 9.54 -22.39 -3.87
C ALA A 510 9.69 -21.83 -5.29
N TYR A 511 10.90 -21.79 -5.88
CA TYR A 511 11.03 -21.39 -7.30
C TYR A 511 10.38 -22.33 -8.33
N LYS A 512 10.43 -23.66 -8.18
CA LYS A 512 9.75 -24.49 -9.14
C LYS A 512 8.23 -24.35 -9.05
N ASN A 513 7.56 -24.36 -7.88
CA ASN A 513 6.11 -24.09 -7.86
C ASN A 513 5.72 -22.69 -8.35
N SER A 514 6.51 -21.68 -8.01
CA SER A 514 6.23 -20.31 -8.47
C SER A 514 6.40 -20.13 -9.96
N LEU A 515 7.48 -20.66 -10.56
CA LEU A 515 7.64 -20.59 -12.01
C LEU A 515 6.72 -21.50 -12.83
N GLU A 516 6.23 -22.60 -12.29
CA GLU A 516 5.26 -23.45 -13.02
C GLU A 516 3.79 -23.01 -13.00
N SER A 517 3.59 -22.12 -12.04
CA SER A 517 2.32 -21.48 -11.82
C SER A 517 1.80 -20.67 -13.01
N LYS A 518 0.57 -20.95 -13.44
CA LYS A 518 -0.02 -20.19 -14.54
C LYS A 518 -1.06 -19.15 -14.15
N HIS A 519 -1.64 -19.26 -12.96
CA HIS A 519 -2.75 -18.39 -12.56
C HIS A 519 -2.59 -17.84 -11.14
N THR A 520 -1.44 -18.05 -10.47
CA THR A 520 -1.28 -17.69 -9.07
C THR A 520 0.05 -16.98 -8.81
N PRO A 521 0.03 -15.69 -8.38
CA PRO A 521 1.22 -14.94 -7.98
C PRO A 521 1.89 -15.58 -6.77
N SER A 522 3.10 -15.14 -6.53
CA SER A 522 3.85 -15.65 -5.43
C SER A 522 4.75 -14.64 -4.71
N ILE A 523 4.80 -14.69 -3.39
CA ILE A 523 5.77 -13.94 -2.64
C ILE A 523 6.74 -14.95 -2.03
N ILE A 524 8.03 -14.82 -2.26
CA ILE A 524 8.96 -15.69 -1.57
C ILE A 524 9.72 -14.88 -0.50
N ALA A 525 9.44 -15.13 0.79
CA ALA A 525 10.09 -14.46 1.92
C ALA A 525 11.38 -15.15 2.30
N LEU A 526 12.42 -14.35 2.24
CA LEU A 526 13.77 -14.80 2.40
C LEU A 526 14.60 -14.18 3.55
N SER A 527 15.45 -14.95 4.22
CA SER A 527 16.22 -14.48 5.36
C SER A 527 17.44 -13.61 5.06
N ARG A 528 17.73 -12.63 5.92
CA ARG A 528 19.01 -11.93 5.84
C ARG A 528 20.12 -12.80 6.45
N GLN A 529 19.84 -13.48 7.57
CA GLN A 529 20.84 -14.29 8.24
C GLN A 529 21.08 -15.73 7.72
N ASN A 530 22.29 -16.27 7.92
CA ASN A 530 22.58 -17.65 7.54
C ASN A 530 21.70 -18.72 8.14
N LEU A 531 21.21 -19.75 7.41
CA LEU A 531 20.43 -20.84 8.01
C LEU A 531 20.99 -22.22 7.66
N PRO A 532 20.98 -23.23 8.54
CA PRO A 532 21.53 -24.56 8.25
C PRO A 532 20.79 -25.29 7.11
N GLN A 533 21.41 -26.27 6.45
CA GLN A 533 20.69 -27.12 5.51
C GLN A 533 20.11 -28.22 6.36
N LEU A 534 18.80 -28.35 6.21
CA LEU A 534 18.08 -29.32 7.00
C LEU A 534 18.12 -30.78 6.57
N GLU A 535 18.43 -31.69 7.49
CA GLU A 535 18.29 -33.12 7.25
C GLU A 535 16.82 -33.51 7.12
N GLY A 536 16.44 -34.04 5.97
CA GLY A 536 15.04 -34.43 5.75
C GLY A 536 14.26 -33.51 4.79
N SER A 537 14.81 -32.36 4.48
CA SER A 537 14.12 -31.51 3.50
C SER A 537 14.35 -31.99 2.09
N SER A 538 13.40 -31.90 1.18
CA SER A 538 13.66 -32.20 -0.23
C SER A 538 12.80 -31.36 -1.22
N ILE A 539 13.14 -31.15 -2.50
CA ILE A 539 12.27 -30.39 -3.41
C ILE A 539 10.90 -31.01 -3.48
N GLU A 540 10.86 -32.32 -3.53
CA GLU A 540 9.62 -33.05 -3.72
C GLU A 540 8.67 -32.90 -2.57
N SER A 541 9.17 -33.06 -1.35
CA SER A 541 8.30 -32.81 -0.18
C SER A 541 7.94 -31.37 0.08
N ALA A 542 8.84 -30.41 -0.10
CA ALA A 542 8.48 -29.03 0.16
C ALA A 542 7.52 -28.55 -0.89
N SER A 543 7.56 -29.11 -2.09
CA SER A 543 6.59 -28.75 -3.12
C SER A 543 5.17 -29.04 -2.78
N LYS A 544 4.96 -29.78 -1.71
CA LYS A 544 3.61 -30.03 -1.26
C LYS A 544 3.07 -28.98 -0.32
N GLY A 545 3.93 -27.99 -0.03
CA GLY A 545 3.52 -26.85 0.82
C GLY A 545 3.68 -27.04 2.34
N GLY A 546 3.48 -28.24 2.85
CA GLY A 546 3.71 -28.62 4.23
C GLY A 546 4.05 -30.10 4.24
N TYR A 547 4.99 -30.49 5.10
CA TYR A 547 5.42 -31.86 5.19
C TYR A 547 6.08 -32.18 6.55
N VAL A 548 6.17 -33.48 6.91
CA VAL A 548 6.87 -33.88 8.13
C VAL A 548 8.36 -33.85 7.87
N LEU A 549 9.09 -32.94 8.50
CA LEU A 549 10.53 -32.89 8.37
C LEU A 549 11.20 -33.96 9.23
N GLN A 550 10.77 -33.98 10.49
CA GLN A 550 11.28 -34.94 11.46
C GLN A 550 10.16 -35.69 12.11
N ASP A 551 10.07 -36.98 11.81
CA ASP A 551 9.07 -37.83 12.45
C ASP A 551 9.51 -38.60 13.69
N VAL A 552 8.58 -38.90 14.55
CA VAL A 552 8.75 -39.81 15.69
C VAL A 552 7.47 -40.58 15.78
N ALA A 553 7.48 -41.79 16.31
CA ALA A 553 6.20 -42.51 16.48
C ALA A 553 5.63 -42.10 17.83
N ASN A 554 4.33 -41.96 18.01
CA ASN A 554 3.72 -41.50 19.27
C ASN A 554 4.29 -40.15 19.78
N PRO A 555 4.14 -39.07 19.00
CA PRO A 555 4.58 -37.76 19.43
C PRO A 555 3.74 -37.23 20.58
N ASP A 556 4.45 -36.64 21.53
CA ASP A 556 3.80 -35.91 22.61
C ASP A 556 3.27 -34.57 22.10
N ILE A 557 3.99 -34.02 21.11
CA ILE A 557 3.67 -32.76 20.47
C ILE A 557 4.10 -32.64 19.00
N ILE A 558 3.31 -31.90 18.19
CA ILE A 558 3.80 -31.49 16.87
C ILE A 558 4.24 -30.00 16.90
N LEU A 559 5.44 -29.74 16.46
CA LEU A 559 5.92 -28.38 16.31
C LEU A 559 5.76 -28.05 14.83
N VAL A 560 4.90 -27.10 14.47
CA VAL A 560 4.75 -26.58 13.08
C VAL A 560 5.50 -25.24 12.92
N ALA A 561 6.40 -25.13 11.94
CA ALA A 561 7.20 -23.94 11.81
C ALA A 561 7.52 -23.56 10.37
N THR A 562 8.09 -22.38 10.09
CA THR A 562 8.35 -21.93 8.73
C THR A 562 9.68 -21.18 8.70
N GLY A 563 10.32 -21.02 7.52
CA GLY A 563 11.50 -20.17 7.39
C GLY A 563 12.60 -20.47 8.39
N SER A 564 13.22 -19.44 9.01
CA SER A 564 14.25 -19.53 10.08
C SER A 564 13.82 -20.29 11.34
N GLU A 565 12.52 -20.41 11.65
CA GLU A 565 12.10 -21.10 12.86
C GLU A 565 11.99 -22.63 12.71
N VAL A 566 12.24 -23.21 11.54
CA VAL A 566 12.19 -24.65 11.36
C VAL A 566 13.46 -25.17 12.00
N SER A 567 14.63 -24.59 11.67
CA SER A 567 15.87 -25.05 12.29
C SER A 567 15.88 -24.89 13.80
N LEU A 568 15.29 -23.81 14.27
CA LEU A 568 15.10 -23.56 15.69
C LEU A 568 14.23 -24.66 16.31
N SER A 569 13.19 -25.05 15.59
CA SER A 569 12.29 -26.10 16.03
C SER A 569 12.99 -27.44 16.08
N VAL A 570 13.86 -27.82 15.13
CA VAL A 570 14.69 -29.03 15.17
C VAL A 570 15.59 -29.08 16.43
N GLU A 571 16.17 -27.92 16.75
CA GLU A 571 16.99 -27.75 17.94
C GLU A 571 16.23 -27.89 19.24
N ALA A 572 15.05 -27.29 19.30
CA ALA A 572 14.18 -27.42 20.45
C ALA A 572 13.70 -28.85 20.62
N ALA A 573 13.43 -29.56 19.49
CA ALA A 573 13.14 -30.97 19.53
C ALA A 573 14.33 -31.81 20.08
N LYS A 574 15.60 -31.48 19.84
CA LYS A 574 16.71 -32.17 20.50
C LYS A 574 16.69 -31.93 22.01
N THR A 575 16.40 -30.68 22.38
CA THR A 575 16.20 -30.34 23.78
C THR A 575 15.05 -31.14 24.35
N LEU A 576 13.87 -31.23 23.74
CA LEU A 576 12.76 -32.00 24.31
C LEU A 576 13.01 -33.52 24.41
N ALA A 577 13.81 -34.02 23.45
CA ALA A 577 14.23 -35.43 23.39
C ALA A 577 15.02 -35.80 24.64
N ALA A 578 15.97 -34.94 25.02
CA ALA A 578 16.68 -35.08 26.30
C ALA A 578 15.73 -35.28 27.50
N LYS A 579 14.52 -34.73 27.52
CA LYS A 579 13.59 -34.90 28.65
C LYS A 579 12.50 -35.96 28.51
N ASN A 580 12.75 -36.85 27.55
CA ASN A 580 11.84 -37.90 27.15
C ASN A 580 10.55 -37.45 26.50
N ILE A 581 10.62 -36.29 25.85
CA ILE A 581 9.49 -35.79 25.11
C ILE A 581 9.84 -35.94 23.65
N LYS A 582 8.86 -36.48 22.93
CA LYS A 582 9.02 -36.75 21.51
C LYS A 582 8.19 -35.78 20.70
N ALA A 583 8.92 -35.02 19.90
CA ALA A 583 8.36 -34.00 19.01
C ALA A 583 8.51 -34.30 17.54
N ARG A 584 7.42 -34.31 16.83
CA ARG A 584 7.45 -34.40 15.38
C ARG A 584 7.66 -32.94 14.88
N VAL A 585 8.59 -32.63 13.98
CA VAL A 585 8.68 -31.27 13.42
C VAL A 585 8.12 -31.20 12.00
N VAL A 586 7.06 -30.39 11.82
CA VAL A 586 6.45 -30.11 10.51
C VAL A 586 6.95 -28.77 9.97
N SER A 587 7.29 -28.78 8.68
CA SER A 587 7.74 -27.56 8.01
C SER A 587 6.61 -27.17 7.08
N LEU A 588 6.16 -25.94 7.19
CA LEU A 588 5.08 -25.47 6.35
C LEU A 588 5.42 -24.30 5.42
N PRO A 589 6.29 -24.48 4.40
CA PRO A 589 6.80 -23.38 3.60
C PRO A 589 5.75 -22.56 2.87
N ASP A 590 4.56 -23.08 2.65
CA ASP A 590 3.47 -22.30 2.07
C ASP A 590 2.09 -22.73 2.42
N PHE A 591 1.30 -21.89 3.09
CA PHE A 591 -0.10 -22.15 3.36
C PHE A 591 -0.93 -22.41 2.11
N PHE A 592 -0.85 -21.55 1.09
CA PHE A 592 -1.58 -21.82 -0.15
C PHE A 592 -1.37 -23.23 -0.79
N THR A 593 -0.12 -23.65 -1.08
CA THR A 593 0.18 -24.96 -1.66
C THR A 593 -0.20 -26.12 -0.74
N PHE A 594 0.00 -25.97 0.58
CA PHE A 594 -0.39 -26.98 1.54
C PHE A 594 -1.92 -27.13 1.53
N ASP A 595 -2.69 -26.04 1.53
CA ASP A 595 -4.14 -26.11 1.48
C ASP A 595 -4.67 -26.73 0.21
N LYS A 596 -3.88 -26.70 -0.87
CA LYS A 596 -4.27 -27.37 -2.11
C LYS A 596 -4.10 -28.88 -2.06
N GLN A 597 -3.36 -29.45 -1.11
CA GLN A 597 -3.20 -30.87 -1.07
C GLN A 597 -4.49 -31.54 -0.66
N PRO A 598 -4.71 -32.81 -1.00
CA PRO A 598 -5.89 -33.52 -0.52
C PRO A 598 -5.99 -33.59 1.00
N LEU A 599 -7.19 -33.45 1.56
CA LEU A 599 -7.45 -33.48 3.02
C LEU A 599 -6.86 -34.65 3.73
N GLU A 600 -6.77 -35.80 3.10
CA GLU A 600 -6.14 -36.93 3.75
C GLU A 600 -4.64 -36.73 3.84
N TYR A 601 -3.99 -36.03 2.89
CA TYR A 601 -2.57 -35.70 3.06
C TYR A 601 -2.46 -34.67 4.19
N ARG A 602 -3.24 -33.59 4.17
CA ARG A 602 -3.15 -32.57 5.23
C ARG A 602 -3.37 -33.21 6.61
N LEU A 603 -4.41 -34.02 6.86
CA LEU A 603 -4.56 -34.76 8.12
C LEU A 603 -3.44 -35.75 8.49
N SER A 604 -2.68 -36.26 7.53
CA SER A 604 -1.53 -37.10 7.82
C SER A 604 -0.44 -36.23 8.39
N VAL A 605 -0.35 -34.99 7.92
CA VAL A 605 0.65 -34.07 8.46
C VAL A 605 0.26 -33.45 9.80
N LEU A 606 -1.00 -33.08 9.94
CA LEU A 606 -1.55 -32.48 11.17
C LEU A 606 -2.75 -33.30 11.69
N PRO A 607 -2.50 -34.42 12.38
CA PRO A 607 -3.55 -35.36 12.78
C PRO A 607 -4.31 -34.97 14.02
N ASP A 608 -5.42 -35.65 14.30
CA ASP A 608 -6.09 -35.48 15.58
C ASP A 608 -5.22 -36.03 16.72
N ASN A 609 -5.66 -35.85 17.94
CA ASN A 609 -5.01 -36.35 19.15
C ASN A 609 -3.59 -35.99 19.57
N VAL A 610 -3.05 -34.90 19.05
CA VAL A 610 -1.72 -34.51 19.48
C VAL A 610 -1.87 -33.00 19.65
N PRO A 611 -1.36 -32.32 20.69
CA PRO A 611 -1.24 -30.86 20.64
C PRO A 611 -0.26 -30.43 19.57
N ILE A 612 -0.64 -29.32 18.95
CA ILE A 612 0.11 -28.79 17.83
C ILE A 612 0.45 -27.36 18.20
N MET A 613 1.72 -27.01 18.25
CA MET A 613 2.17 -25.65 18.54
C MET A 613 2.95 -25.02 17.36
N SER A 614 2.52 -23.85 16.88
CA SER A 614 3.25 -23.22 15.79
C SER A 614 4.40 -22.32 16.23
N VAL A 615 5.50 -22.22 15.45
CA VAL A 615 6.67 -21.37 15.83
C VAL A 615 7.04 -20.52 14.62
N GLU A 616 6.85 -19.22 14.73
CA GLU A 616 7.16 -18.27 13.64
C GLU A 616 7.37 -16.85 14.21
N VAL A 617 8.46 -16.13 13.91
CA VAL A 617 8.65 -14.82 14.56
C VAL A 617 7.89 -13.63 13.96
N LEU A 618 6.62 -13.85 13.65
CA LEU A 618 5.70 -12.88 13.03
C LEU A 618 4.32 -13.02 13.67
N ALA A 619 3.28 -12.30 13.23
CA ALA A 619 2.01 -12.29 13.93
C ALA A 619 1.42 -13.68 14.14
N THR A 620 0.69 -13.92 15.24
CA THR A 620 0.17 -15.27 15.50
C THR A 620 -1.23 -15.40 14.99
N THR A 621 -1.82 -14.27 14.61
CA THR A 621 -3.22 -14.27 14.20
C THR A 621 -3.75 -15.23 13.09
N CYS A 622 -2.99 -15.65 12.07
CA CYS A 622 -3.39 -16.60 11.02
C CYS A 622 -3.03 -18.09 11.32
N TRP A 623 -2.49 -18.43 12.51
CA TRP A 623 -2.07 -19.78 12.79
C TRP A 623 -3.07 -20.79 13.33
N GLY A 624 -4.19 -20.24 13.78
CA GLY A 624 -5.31 -20.99 14.32
C GLY A 624 -5.95 -21.97 13.34
N LYS A 625 -5.67 -21.84 12.04
CA LYS A 625 -6.16 -22.87 11.10
C LYS A 625 -5.30 -24.10 11.12
N TYR A 626 -4.08 -24.04 11.69
CA TYR A 626 -3.22 -25.19 11.78
C TYR A 626 -2.80 -25.63 13.17
N ALA A 627 -2.79 -24.72 14.14
CA ALA A 627 -2.25 -25.07 15.44
C ALA A 627 -3.18 -24.78 16.58
N HIS A 628 -2.99 -25.54 17.67
CA HIS A 628 -3.75 -25.29 18.90
C HIS A 628 -3.30 -24.05 19.68
N GLN A 629 -1.99 -23.93 19.68
CA GLN A 629 -1.34 -22.86 20.42
C GLN A 629 -0.25 -22.28 19.55
N SER A 630 0.12 -21.01 19.75
CA SER A 630 1.09 -20.43 18.83
C SER A 630 2.06 -19.52 19.50
N PHE A 631 3.32 -19.73 19.16
CA PHE A 631 4.40 -18.92 19.71
C PHE A 631 4.82 -17.99 18.58
N GLY A 632 4.59 -16.70 18.72
CA GLY A 632 5.01 -15.73 17.69
C GLY A 632 5.20 -14.34 18.26
N ILE A 633 5.11 -13.26 17.46
CA ILE A 633 5.38 -11.92 17.99
C ILE A 633 4.20 -11.07 17.61
N ASP A 634 3.38 -10.56 18.51
CA ASP A 634 2.24 -9.73 18.17
C ASP A 634 2.45 -8.31 18.65
N ARG A 635 3.66 -7.83 18.48
CA ARG A 635 4.01 -6.47 18.87
C ARG A 635 5.10 -5.97 17.90
N PHE A 636 5.48 -4.71 17.80
CA PHE A 636 6.54 -4.38 16.83
C PHE A 636 7.94 -4.82 17.23
N GLY A 637 8.94 -4.77 16.35
CA GLY A 637 10.26 -5.24 16.66
C GLY A 637 11.14 -4.31 17.51
N ALA A 638 12.41 -4.51 17.26
CA ALA A 638 13.45 -3.80 18.00
C ALA A 638 14.76 -3.66 17.25
N SER A 639 15.38 -2.51 17.37
CA SER A 639 16.70 -2.30 16.81
C SER A 639 17.87 -2.90 17.64
N GLY A 640 18.54 -3.95 17.22
CA GLY A 640 19.73 -4.45 17.92
C GLY A 640 20.40 -5.49 17.06
N LYS A 641 21.52 -6.13 17.43
CA LYS A 641 22.05 -7.19 16.59
C LYS A 641 21.01 -8.32 16.57
N ALA A 642 20.75 -8.91 15.39
CA ALA A 642 19.75 -9.97 15.21
C ALA A 642 19.73 -11.10 16.23
N PRO A 643 20.82 -11.76 16.68
CA PRO A 643 20.72 -12.85 17.69
C PRO A 643 20.25 -12.39 19.05
N GLU A 644 20.61 -11.15 19.42
CA GLU A 644 20.14 -10.55 20.67
C GLU A 644 18.66 -10.22 20.62
N VAL A 645 18.17 -9.85 19.43
CA VAL A 645 16.73 -9.57 19.26
C VAL A 645 15.93 -10.86 19.31
N PHE A 646 16.36 -11.94 18.62
CA PHE A 646 15.72 -13.25 18.78
C PHE A 646 15.73 -13.68 20.24
N LYS A 647 16.83 -13.57 20.97
CA LYS A 647 16.82 -13.88 22.39
C LYS A 647 15.86 -13.02 23.24
N PHE A 648 15.79 -11.71 22.91
CA PHE A 648 14.86 -10.80 23.59
C PHE A 648 13.38 -11.23 23.52
N PHE A 649 12.90 -11.67 22.37
CA PHE A 649 11.51 -12.18 22.28
C PHE A 649 11.28 -13.65 22.73
N GLY A 650 12.29 -14.38 23.24
CA GLY A 650 12.10 -15.78 23.69
C GLY A 650 12.39 -16.87 22.63
N PHE A 651 12.86 -16.51 21.42
CA PHE A 651 13.12 -17.47 20.35
C PHE A 651 14.54 -18.05 20.31
N THR A 652 14.65 -18.93 21.31
CA THR A 652 15.83 -19.70 21.74
C THR A 652 15.50 -21.20 21.66
N PRO A 653 16.35 -22.20 21.45
CA PRO A 653 15.98 -23.62 21.55
C PRO A 653 15.25 -23.96 22.83
N GLU A 654 15.80 -23.57 23.99
CA GLU A 654 15.06 -23.92 25.21
C GLU A 654 13.82 -23.08 25.47
N GLY A 655 13.68 -21.97 24.76
CA GLY A 655 12.51 -21.08 24.90
C GLY A 655 11.29 -21.66 24.19
N VAL A 656 11.55 -22.24 23.02
CA VAL A 656 10.53 -23.01 22.30
C VAL A 656 10.22 -24.30 23.05
N ALA A 657 11.23 -25.03 23.46
CA ALA A 657 11.06 -26.26 24.29
C ALA A 657 10.20 -26.03 25.55
N GLU A 658 10.43 -24.96 26.33
CA GLU A 658 9.60 -24.63 27.49
C GLU A 658 8.16 -24.39 27.13
N ARG A 659 7.86 -23.62 26.08
CA ARG A 659 6.45 -23.42 25.68
C ARG A 659 5.86 -24.69 25.08
N ALA A 660 6.67 -25.54 24.46
CA ALA A 660 6.19 -26.89 24.09
C ALA A 660 5.78 -27.75 25.31
N GLN A 661 6.61 -27.74 26.35
CA GLN A 661 6.22 -28.45 27.58
C GLN A 661 4.97 -27.88 28.21
N LYS A 662 4.77 -26.54 28.24
CA LYS A 662 3.56 -25.97 28.84
C LYS A 662 2.31 -26.34 28.06
N THR A 663 2.49 -26.37 26.73
CA THR A 663 1.44 -26.83 25.82
C THR A 663 1.07 -28.31 26.11
N ILE A 664 2.05 -29.21 26.21
CA ILE A 664 1.80 -30.61 26.57
C ILE A 664 1.04 -30.68 27.91
N ALA A 665 1.52 -29.91 28.91
CA ALA A 665 0.85 -29.86 30.21
C ALA A 665 -0.62 -29.39 30.27
N PHE A 666 -0.91 -28.28 29.59
CA PHE A 666 -2.22 -27.68 29.49
C PHE A 666 -3.27 -28.63 28.90
N TYR A 667 -2.83 -29.41 27.90
CA TYR A 667 -3.73 -30.35 27.22
C TYR A 667 -3.72 -31.79 27.74
N LYS A 668 -2.78 -32.14 28.65
CA LYS A 668 -2.66 -33.54 29.10
C LYS A 668 -3.97 -34.03 29.70
N GLY A 669 -4.51 -35.04 29.09
CA GLY A 669 -5.79 -35.52 29.56
C GLY A 669 -6.97 -35.17 28.64
N ASP A 670 -6.89 -34.10 27.83
CA ASP A 670 -7.96 -33.71 26.93
C ASP A 670 -7.94 -34.43 25.59
N LYS A 671 -9.08 -34.64 24.94
CA LYS A 671 -9.00 -35.14 23.55
C LYS A 671 -8.89 -34.00 22.52
N LEU A 672 -7.87 -34.05 21.68
CA LEU A 672 -7.62 -32.98 20.76
C LEU A 672 -8.01 -33.28 19.29
N ILE A 673 -8.85 -32.42 18.73
CA ILE A 673 -9.25 -32.47 17.31
C ILE A 673 -8.23 -31.75 16.39
N SER A 674 -7.70 -32.27 15.29
CA SER A 674 -6.97 -31.46 14.29
C SER A 674 -7.60 -30.13 13.95
N PRO A 675 -6.91 -28.99 13.97
CA PRO A 675 -7.45 -27.68 13.56
C PRO A 675 -7.96 -27.62 12.10
N LEU A 676 -7.39 -28.47 11.24
CA LEU A 676 -7.91 -28.72 9.88
C LEU A 676 -9.38 -29.19 9.83
N LYS A 677 -9.92 -29.88 10.83
CA LYS A 677 -11.26 -30.38 10.59
C LYS A 677 -12.40 -29.38 10.62
N LYS A 678 -13.18 -29.21 9.56
CA LYS A 678 -14.33 -28.34 9.71
C LYS A 678 -15.69 -28.96 9.63
N ALA A 679 -16.63 -28.31 10.34
CA ALA A 679 -18.02 -28.75 10.46
C ALA A 679 -18.97 -28.54 9.28
N PHE A 680 -18.61 -27.68 8.35
CA PHE A 680 -19.34 -27.33 7.18
C PHE A 680 -18.34 -26.76 6.17
N GLN B 3 26.33 35.82 7.70
CA GLN B 3 27.66 35.62 8.27
C GLN B 3 28.11 34.48 9.17
N PHE B 4 29.10 33.73 8.66
CA PHE B 4 29.72 32.61 9.37
C PHE B 4 31.23 32.70 9.59
N THR B 5 31.73 32.14 10.70
CA THR B 5 33.12 32.29 11.13
C THR B 5 33.89 31.01 11.32
N ASP B 6 35.15 31.06 11.72
CA ASP B 6 35.85 29.84 12.07
C ASP B 6 35.17 28.83 13.00
N ILE B 7 34.49 29.27 14.04
CA ILE B 7 33.73 28.36 14.90
C ILE B 7 32.63 27.57 14.15
N ASP B 8 31.96 28.22 13.16
CA ASP B 8 30.94 27.52 12.35
C ASP B 8 31.57 26.41 11.55
N LYS B 9 32.79 26.61 11.08
CA LYS B 9 33.47 25.53 10.37
C LYS B 9 33.95 24.50 11.36
N LEU B 10 34.42 24.84 12.56
CA LEU B 10 34.69 23.81 13.54
C LEU B 10 33.42 23.03 13.87
N ALA B 11 32.24 23.65 14.03
CA ALA B 11 31.01 22.92 14.31
C ALA B 11 30.59 21.96 13.20
N VAL B 12 30.72 22.29 11.91
CA VAL B 12 30.44 21.41 10.77
C VAL B 12 31.36 20.20 10.83
N SER B 13 32.67 20.37 11.08
CA SER B 13 33.61 19.25 11.20
C SER B 13 33.30 18.37 12.39
N THR B 14 32.98 18.95 13.53
CA THR B 14 32.55 18.17 14.71
C THR B 14 31.27 17.34 14.43
N ILE B 15 30.27 17.88 13.71
CA ILE B 15 29.08 17.14 13.29
C ILE B 15 29.43 15.92 12.42
N ARG B 16 30.26 16.15 11.40
CA ARG B 16 30.69 15.10 10.47
C ARG B 16 31.44 13.97 11.15
N ILE B 17 32.37 14.29 12.02
CA ILE B 17 33.10 13.26 12.73
C ILE B 17 32.30 12.62 13.85
N LEU B 18 31.44 13.34 14.59
CA LEU B 18 30.55 12.68 15.51
C LEU B 18 29.63 11.66 14.84
N ALA B 19 29.08 11.95 13.64
CA ALA B 19 28.16 11.07 12.90
C ALA B 19 28.91 9.80 12.45
N VAL B 20 30.15 10.01 11.96
CA VAL B 20 31.05 8.94 11.53
C VAL B 20 31.49 8.04 12.67
N ASP B 21 31.90 8.61 13.81
CA ASP B 21 32.21 7.80 14.99
C ASP B 21 30.99 7.02 15.51
N THR B 22 29.77 7.60 15.55
CA THR B 22 28.55 6.87 15.90
C THR B 22 28.30 5.63 15.01
N VAL B 23 28.43 5.78 13.68
CA VAL B 23 28.21 4.66 12.78
C VAL B 23 29.31 3.64 12.93
N SER B 24 30.55 4.10 12.96
CA SER B 24 31.66 3.15 13.10
C SER B 24 31.62 2.33 14.39
N LYS B 25 31.34 2.81 15.60
CA LYS B 25 31.26 2.00 16.83
C LYS B 25 30.16 0.91 16.77
N ALA B 26 29.01 1.25 16.20
CA ALA B 26 27.91 0.31 15.96
C ALA B 26 28.22 -0.72 14.91
N ASN B 27 29.20 -0.41 14.05
CA ASN B 27 29.60 -1.19 12.91
C ASN B 27 28.43 -1.57 12.01
N SER B 28 27.45 -0.69 12.08
CA SER B 28 26.25 -0.78 11.33
C SER B 28 25.77 0.65 11.02
N GLY B 29 25.22 0.95 9.86
CA GLY B 29 24.64 2.26 9.65
C GLY B 29 25.10 2.97 8.40
N HIS B 30 24.61 4.19 8.29
CA HIS B 30 24.80 4.95 7.05
C HIS B 30 25.56 6.26 7.20
N PRO B 31 26.83 6.32 6.79
CA PRO B 31 27.69 7.50 7.02
C PRO B 31 27.62 8.58 5.95
N GLY B 32 27.23 8.16 4.76
CA GLY B 32 27.31 9.00 3.57
C GLY B 32 26.49 10.26 3.54
N ALA B 33 25.19 10.16 3.79
CA ALA B 33 24.35 11.36 3.77
C ALA B 33 24.53 12.29 4.97
N PRO B 34 24.81 11.75 6.20
CA PRO B 34 25.36 12.50 7.32
C PRO B 34 26.55 13.33 6.89
N LEU B 35 27.58 12.77 6.26
CA LEU B 35 28.70 13.61 5.82
C LEU B 35 28.39 14.73 4.77
N GLY B 36 27.58 14.43 3.76
CA GLY B 36 27.20 15.44 2.75
C GLY B 36 26.25 16.53 3.26
N MET B 37 25.35 16.23 4.20
CA MET B 37 24.42 17.23 4.69
C MET B 37 24.80 17.99 5.95
N ALA B 38 25.95 17.77 6.57
CA ALA B 38 26.32 18.46 7.79
C ALA B 38 26.37 19.99 7.66
N PRO B 39 26.91 20.62 6.56
CA PRO B 39 26.85 22.05 6.38
C PRO B 39 25.40 22.56 6.43
N ALA B 40 24.48 21.94 5.70
CA ALA B 40 23.10 22.40 5.73
C ALA B 40 22.45 22.26 7.09
N ALA B 41 22.74 21.17 7.82
CA ALA B 41 22.21 20.96 9.16
C ALA B 41 22.65 22.04 10.16
N HIS B 42 23.93 22.37 10.12
CA HIS B 42 24.47 23.47 10.92
C HIS B 42 23.76 24.77 10.55
N VAL B 43 23.65 25.13 9.29
CA VAL B 43 23.03 26.41 8.93
C VAL B 43 21.56 26.49 9.27
N LEU B 44 20.82 25.42 8.95
CA LEU B 44 19.42 25.35 9.26
C LEU B 44 19.14 25.40 10.77
N TRP B 45 19.74 24.50 11.58
CA TRP B 45 19.39 24.45 13.00
C TRP B 45 19.78 25.74 13.69
N SER B 46 20.89 26.37 13.30
CA SER B 46 21.32 27.64 13.86
C SER B 46 20.34 28.75 13.73
N GLN B 47 19.51 28.73 12.70
CA GLN B 47 18.47 29.72 12.57
C GLN B 47 17.06 29.24 12.91
N MET B 48 16.91 28.01 13.39
CA MET B 48 15.60 27.55 13.84
C MET B 48 15.25 28.09 15.20
N ARG B 49 13.99 28.44 15.42
CA ARG B 49 13.50 28.89 16.72
C ARG B 49 13.02 27.65 17.47
N MET B 50 13.73 27.29 18.52
CA MET B 50 13.39 26.03 19.19
C MET B 50 13.92 26.03 20.58
N ASN B 51 13.25 25.34 21.48
CA ASN B 51 13.74 25.16 22.85
C ASN B 51 14.10 23.72 23.21
N PRO B 52 15.40 23.35 23.22
CA PRO B 52 15.87 21.97 23.47
C PRO B 52 15.44 21.33 24.79
N THR B 53 15.40 22.22 25.77
CA THR B 53 14.83 22.13 27.13
C THR B 53 13.30 21.88 27.22
N ASN B 54 12.56 22.25 26.17
CA ASN B 54 11.11 22.06 26.07
C ASN B 54 10.75 21.63 24.64
N PRO B 55 10.97 20.34 24.28
CA PRO B 55 10.77 19.83 22.94
C PRO B 55 9.31 19.90 22.50
N ASP B 56 8.39 20.21 23.41
CA ASP B 56 6.98 20.30 23.10
C ASP B 56 6.41 21.67 22.84
N TRP B 57 7.20 22.73 22.97
CA TRP B 57 6.69 24.07 22.71
C TRP B 57 5.88 24.09 21.40
N ILE B 58 4.59 24.43 21.49
CA ILE B 58 3.73 24.37 20.29
C ILE B 58 4.17 25.22 19.09
N ASN B 59 4.90 26.32 19.39
CA ASN B 59 5.32 27.21 18.31
C ASN B 59 6.81 27.13 17.97
N ARG B 60 7.40 25.98 18.29
CA ARG B 60 8.77 25.69 17.85
C ARG B 60 8.84 25.52 16.33
N ASP B 61 9.90 25.95 15.67
CA ASP B 61 10.10 25.48 14.32
C ASP B 61 10.31 23.96 14.31
N ARG B 62 9.77 23.22 13.33
CA ARG B 62 9.84 21.75 13.24
C ARG B 62 10.78 21.31 12.14
N PHE B 63 11.60 20.35 12.53
CA PHE B 63 12.49 19.76 11.56
C PHE B 63 12.12 18.26 11.30
N VAL B 64 12.05 17.77 10.07
CA VAL B 64 11.78 16.36 9.76
C VAL B 64 12.92 15.80 8.93
N LEU B 65 13.57 14.74 9.34
CA LEU B 65 14.56 14.07 8.51
C LEU B 65 13.83 13.02 7.67
N SER B 66 13.40 13.32 6.44
CA SER B 66 12.67 12.33 5.61
C SER B 66 13.51 11.16 5.15
N ASN B 67 14.75 11.38 4.82
CA ASN B 67 15.68 10.30 4.56
C ASN B 67 16.22 9.76 5.92
N GLY B 68 15.32 9.11 6.67
CA GLY B 68 15.60 8.57 8.02
C GLY B 68 16.84 7.69 8.17
N HIS B 69 17.38 7.06 7.11
CA HIS B 69 18.63 6.32 7.26
C HIS B 69 19.82 7.20 7.65
N ALA B 70 19.73 8.54 7.44
CA ALA B 70 20.77 9.54 7.77
C ALA B 70 20.75 9.96 9.24
N VAL B 71 20.04 9.12 10.02
CA VAL B 71 19.79 9.31 11.45
C VAL B 71 20.98 9.65 12.34
N ALA B 72 22.21 9.20 12.01
CA ALA B 72 23.41 9.56 12.79
C ALA B 72 23.59 11.09 12.78
N LEU B 73 23.18 11.78 11.71
CA LEU B 73 23.22 13.25 11.67
C LEU B 73 22.20 13.81 12.65
N LEU B 74 20.93 13.37 12.63
CA LEU B 74 19.93 13.91 13.53
C LEU B 74 20.32 13.68 15.00
N TYR B 75 20.79 12.49 15.40
CA TYR B 75 21.29 12.26 16.76
C TYR B 75 22.55 13.08 17.07
N SER B 76 23.52 13.32 16.17
CA SER B 76 24.59 14.26 16.45
C SER B 76 24.10 15.69 16.73
N MET B 77 23.09 16.20 16.01
CA MET B 77 22.60 17.55 16.20
C MET B 77 21.86 17.72 17.51
N LEU B 78 21.00 16.73 17.81
CA LEU B 78 20.26 16.75 19.07
C LEU B 78 21.19 16.74 20.29
N HIS B 79 22.27 15.99 20.24
CA HIS B 79 23.26 16.03 21.31
C HIS B 79 23.94 17.39 21.43
N LEU B 80 24.48 17.87 20.30
CA LEU B 80 25.28 19.10 20.31
C LEU B 80 24.52 20.36 20.65
N THR B 81 23.22 20.38 20.34
CA THR B 81 22.41 21.57 20.62
C THR B 81 21.66 21.59 21.95
N GLY B 82 21.87 20.59 22.79
CA GLY B 82 21.27 20.63 24.11
C GLY B 82 20.08 19.76 24.43
N TYR B 83 19.62 18.90 23.52
CA TYR B 83 18.52 17.97 23.83
C TYR B 83 18.95 16.85 24.75
N ASP B 84 17.99 16.20 25.40
CA ASP B 84 18.36 15.06 26.24
C ASP B 84 18.90 13.81 25.51
N LEU B 85 20.10 13.83 24.92
CA LEU B 85 20.70 12.69 24.25
C LEU B 85 22.17 12.87 24.54
N SER B 86 22.73 11.93 25.30
CA SER B 86 24.11 12.07 25.71
C SER B 86 25.11 11.38 24.80
N ILE B 87 26.41 11.61 24.91
CA ILE B 87 27.41 10.78 24.21
C ILE B 87 27.24 9.29 24.50
N GLU B 88 26.96 8.82 25.73
CA GLU B 88 26.75 7.38 25.95
C GLU B 88 25.62 6.80 25.12
N ASP B 89 24.52 7.55 24.90
CA ASP B 89 23.46 7.09 23.99
C ASP B 89 23.95 6.93 22.56
N LEU B 90 24.74 7.88 22.04
CA LEU B 90 25.34 7.75 20.72
C LEU B 90 26.28 6.55 20.57
N LYS B 91 27.06 6.24 21.64
CA LYS B 91 27.82 4.99 21.72
C LYS B 91 26.94 3.72 21.73
N GLN B 92 25.63 3.81 21.99
CA GLN B 92 24.69 2.69 21.95
C GLN B 92 23.76 2.64 20.72
N PHE B 93 24.20 3.29 19.65
CA PHE B 93 23.47 3.38 18.40
C PHE B 93 23.23 2.00 17.83
N ARG B 94 21.98 1.67 17.46
CA ARG B 94 21.65 0.40 16.81
C ARG B 94 21.76 -0.81 17.72
N GLN B 95 22.01 -0.59 19.03
CA GLN B 95 22.06 -1.70 20.00
C GLN B 95 20.74 -1.87 20.73
N LEU B 96 20.48 -3.10 21.09
CA LEU B 96 19.25 -3.48 21.72
C LEU B 96 18.88 -2.72 23.00
N GLY B 97 17.69 -2.14 23.07
CA GLY B 97 17.20 -1.39 24.21
C GLY B 97 17.74 0.03 24.26
N SER B 98 18.55 0.56 23.35
CA SER B 98 19.03 1.94 23.53
C SER B 98 18.06 3.06 23.17
N ARG B 99 18.39 4.30 23.57
CA ARG B 99 17.63 5.49 23.15
C ARG B 99 17.93 5.89 21.71
N THR B 100 18.86 5.21 21.04
CA THR B 100 19.26 5.48 19.67
C THR B 100 19.01 4.40 18.63
N PRO B 101 17.77 4.05 18.25
CA PRO B 101 17.46 3.05 17.26
C PRO B 101 18.02 3.40 15.87
N GLY B 102 18.20 2.36 15.02
CA GLY B 102 18.74 2.51 13.68
C GLY B 102 18.04 3.48 12.73
N HIS B 103 16.76 3.80 13.01
CA HIS B 103 15.97 4.83 12.28
C HIS B 103 15.21 5.69 13.33
N PRO B 104 15.06 7.00 13.21
CA PRO B 104 14.45 7.81 14.25
C PRO B 104 13.01 7.42 14.61
N GLU B 105 12.70 7.39 15.89
CA GLU B 105 11.36 7.07 16.32
C GLU B 105 10.71 8.23 17.04
N PHE B 106 9.42 8.43 16.75
CA PHE B 106 8.58 9.51 17.25
C PHE B 106 8.72 9.72 18.73
N GLU B 107 8.99 8.63 19.44
CA GLU B 107 9.06 8.61 20.88
C GLU B 107 10.23 9.40 21.45
N LEU B 108 11.34 9.60 20.76
CA LEU B 108 12.46 10.37 21.29
C LEU B 108 12.28 11.91 21.29
N PRO B 109 12.58 12.65 22.35
CA PRO B 109 12.45 14.12 22.38
C PRO B 109 13.27 14.76 21.29
N GLY B 110 12.62 15.67 20.56
CA GLY B 110 13.28 16.33 19.43
C GLY B 110 13.14 15.53 18.11
N VAL B 111 12.63 14.28 18.09
CA VAL B 111 12.38 13.55 16.85
C VAL B 111 10.89 13.73 16.59
N GLU B 112 10.50 14.39 15.50
CA GLU B 112 9.11 14.77 15.28
C GLU B 112 8.07 13.75 14.83
N VAL B 113 8.60 12.75 14.15
CA VAL B 113 7.83 11.67 13.56
C VAL B 113 8.74 10.48 13.40
N THR B 114 8.24 9.23 13.25
CA THR B 114 9.15 8.10 12.95
C THR B 114 9.50 8.10 11.47
N THR B 115 10.73 8.05 10.99
CA THR B 115 10.94 8.03 9.56
C THR B 115 11.88 6.92 9.21
N GLY B 116 12.13 6.69 7.94
CA GLY B 116 12.94 5.55 7.55
C GLY B 116 12.31 4.84 6.35
N PRO B 117 11.06 4.35 6.39
CA PRO B 117 10.27 4.06 5.17
C PRO B 117 10.26 5.32 4.28
N LEU B 118 10.76 5.19 3.09
CA LEU B 118 10.93 6.39 2.25
C LEU B 118 9.63 7.03 1.80
N GLY B 119 9.69 8.34 1.58
CA GLY B 119 8.48 9.08 1.22
C GLY B 119 7.58 9.47 2.39
N GLN B 120 7.66 8.88 3.57
CA GLN B 120 6.77 9.25 4.67
C GLN B 120 7.06 10.64 5.27
N GLY B 121 8.29 10.92 5.71
CA GLY B 121 8.67 12.17 6.35
C GLY B 121 8.25 13.43 5.59
N ILE B 122 8.56 13.57 4.30
CA ILE B 122 8.06 14.75 3.54
C ILE B 122 6.54 14.83 3.59
N SER B 123 5.78 13.71 3.53
CA SER B 123 4.31 13.77 3.52
C SER B 123 3.80 14.10 4.90
N ASN B 124 4.49 13.65 5.96
CA ASN B 124 4.13 14.09 7.33
C ASN B 124 4.38 15.61 7.49
N ALA B 125 5.47 16.11 6.92
CA ALA B 125 5.80 17.52 7.03
C ALA B 125 4.76 18.38 6.37
N VAL B 126 4.19 17.92 5.24
CA VAL B 126 3.05 18.61 4.62
C VAL B 126 1.92 18.61 5.64
N GLY B 127 1.58 17.53 6.33
CA GLY B 127 0.51 17.61 7.34
C GLY B 127 0.83 18.60 8.51
N MET B 128 2.09 18.68 8.92
CA MET B 128 2.45 19.58 10.05
C MET B 128 2.26 21.04 9.66
N ALA B 129 2.66 21.34 8.43
CA ALA B 129 2.45 22.68 7.86
C ALA B 129 0.98 23.02 7.71
N MET B 130 0.07 22.12 7.38
CA MET B 130 -1.37 22.35 7.37
C MET B 130 -1.96 22.64 8.73
N ALA B 131 -1.52 21.86 9.73
CA ALA B 131 -1.98 22.07 11.11
C ALA B 131 -1.52 23.42 11.61
N GLN B 132 -0.28 23.83 11.31
CA GLN B 132 0.19 25.19 11.66
C GLN B 132 -0.68 26.31 11.03
N ALA B 133 -0.95 26.15 9.73
CA ALA B 133 -1.80 27.10 9.01
C ALA B 133 -3.21 27.14 9.63
N ASN B 134 -3.76 26.00 10.08
CA ASN B 134 -5.06 26.02 10.73
C ASN B 134 -5.03 26.60 12.13
N LEU B 135 -4.01 26.29 12.93
CA LEU B 135 -3.89 26.83 14.29
C LEU B 135 -3.79 28.37 14.28
N ALA B 136 -2.90 28.84 13.41
CA ALA B 136 -2.78 30.28 13.16
C ALA B 136 -4.12 30.93 12.76
N ALA B 137 -4.86 30.35 11.83
CA ALA B 137 -6.08 31.00 11.38
C ALA B 137 -7.21 30.94 12.36
N THR B 138 -7.14 30.00 13.29
CA THR B 138 -8.14 29.85 14.32
C THR B 138 -7.89 30.68 15.60
N TYR B 139 -6.65 30.75 16.07
CA TYR B 139 -6.37 31.44 17.35
C TYR B 139 -5.61 32.75 17.29
N ASN B 140 -4.81 33.05 16.28
CA ASN B 140 -4.08 34.33 16.19
C ASN B 140 -5.03 35.49 16.19
N LYS B 141 -4.72 36.53 16.95
CA LYS B 141 -5.55 37.73 16.99
C LYS B 141 -4.66 38.95 16.83
N PRO B 142 -5.08 40.18 16.48
CA PRO B 142 -4.15 41.31 16.38
C PRO B 142 -3.40 41.51 17.68
N GLY B 143 -2.06 41.56 17.63
CA GLY B 143 -1.21 41.68 18.81
C GLY B 143 -0.83 40.36 19.50
N PHE B 144 -1.43 39.27 19.02
CA PHE B 144 -1.24 37.94 19.59
C PHE B 144 -0.92 36.96 18.46
N THR B 145 0.28 36.99 17.91
CA THR B 145 0.67 35.96 16.96
C THR B 145 1.14 34.75 17.78
N LEU B 146 0.22 33.83 18.06
CA LEU B 146 0.60 32.68 18.88
C LEU B 146 1.25 31.62 18.05
N SER B 147 0.90 31.64 16.76
CA SER B 147 1.35 30.60 15.83
C SER B 147 1.89 31.17 14.54
N ASP B 148 3.16 30.89 14.28
CA ASP B 148 3.82 31.32 13.05
C ASP B 148 5.06 30.46 12.70
N ASN B 149 5.20 29.24 13.19
CA ASN B 149 6.39 28.45 12.89
C ASN B 149 6.55 27.92 11.47
N TYR B 150 7.80 27.56 11.14
CA TYR B 150 8.20 26.91 9.90
C TYR B 150 8.33 25.38 10.06
N THR B 151 8.07 24.72 8.93
CA THR B 151 8.30 23.27 8.85
C THR B 151 9.39 22.97 7.83
N TYR B 152 10.48 22.36 8.27
CA TYR B 152 11.67 22.13 7.46
C TYR B 152 11.89 20.66 7.28
N VAL B 153 12.31 20.25 6.11
CA VAL B 153 12.39 18.81 5.79
C VAL B 153 13.70 18.55 5.09
N PHE B 154 14.42 17.53 5.44
CA PHE B 154 15.55 17.09 4.64
C PHE B 154 15.07 15.85 3.90
N LEU B 155 15.53 15.68 2.67
CA LEU B 155 15.11 14.53 1.87
C LEU B 155 16.10 14.14 0.81
N GLY B 156 16.00 12.91 0.31
CA GLY B 156 16.97 12.39 -0.62
C GLY B 156 16.35 11.83 -1.91
N ASP B 157 17.15 11.21 -2.78
CA ASP B 157 16.63 10.69 -4.03
C ASP B 157 15.52 9.63 -3.90
N GLY B 158 15.69 8.74 -2.92
CA GLY B 158 14.69 7.69 -2.62
C GLY B 158 13.30 8.23 -2.24
N CYS B 159 13.24 9.33 -1.48
CA CYS B 159 11.96 9.95 -1.15
C CYS B 159 11.21 10.52 -2.37
N LEU B 160 11.99 11.04 -3.34
CA LEU B 160 11.43 11.63 -4.53
C LEU B 160 11.03 10.64 -5.59
N GLN B 161 11.51 9.38 -5.51
CA GLN B 161 11.02 8.29 -6.36
C GLN B 161 9.73 7.61 -5.87
N GLU B 162 9.52 7.63 -4.54
CA GLU B 162 8.26 7.17 -3.97
C GLU B 162 7.02 7.98 -4.31
N GLY B 163 6.05 7.26 -4.83
CA GLY B 163 4.78 7.83 -5.29
C GLY B 163 4.09 8.63 -4.24
N ILE B 164 4.15 8.16 -2.98
CA ILE B 164 3.55 8.95 -1.87
C ILE B 164 4.03 10.41 -1.76
N SER B 165 5.32 10.67 -2.02
CA SER B 165 5.81 12.03 -1.88
C SER B 165 5.41 12.91 -3.08
N SER B 166 4.96 12.27 -4.21
CA SER B 166 4.35 12.99 -5.34
C SER B 166 2.96 13.46 -5.01
N GLU B 167 2.16 12.57 -4.41
CA GLU B 167 0.81 12.93 -3.99
C GLU B 167 0.83 14.05 -2.97
N ALA B 168 1.75 13.95 -1.96
CA ALA B 168 1.80 14.98 -0.95
C ALA B 168 2.27 16.34 -1.45
N SER B 169 3.23 16.34 -2.34
CA SER B 169 3.75 17.56 -2.96
C SER B 169 2.77 18.23 -3.94
N SER B 170 1.93 17.42 -4.63
CA SER B 170 0.87 18.00 -5.49
C SER B 170 -0.21 18.68 -4.64
N LEU B 171 -0.69 18.04 -3.58
CA LEU B 171 -1.60 18.71 -2.66
C LEU B 171 -1.00 19.96 -1.95
N ALA B 172 0.26 19.85 -1.50
CA ALA B 172 0.99 20.95 -0.85
C ALA B 172 1.11 22.18 -1.78
N GLY B 173 1.36 21.96 -3.07
CA GLY B 173 1.40 23.03 -4.06
C GLY B 173 0.04 23.70 -4.26
N HIS B 174 -0.99 22.90 -4.48
CA HIS B 174 -2.35 23.39 -4.42
C HIS B 174 -2.67 24.19 -3.16
N LEU B 175 -2.32 23.72 -1.97
CA LEU B 175 -2.70 24.45 -0.75
C LEU B 175 -1.79 25.64 -0.44
N LYS B 176 -0.72 25.86 -1.21
CA LYS B 176 0.10 27.06 -1.13
C LYS B 176 0.73 27.28 0.24
N LEU B 177 1.19 26.17 0.79
CA LEU B 177 1.76 26.12 2.14
C LEU B 177 3.15 26.72 2.17
N GLY B 178 3.20 28.05 2.20
CA GLY B 178 4.45 28.78 2.16
C GLY B 178 5.46 28.63 3.33
N ASN B 179 5.06 28.12 4.52
CA ASN B 179 6.04 27.89 5.57
C ASN B 179 6.68 26.53 5.49
N LEU B 180 6.44 25.75 4.45
CA LEU B 180 7.05 24.44 4.29
C LEU B 180 8.29 24.60 3.45
N ILE B 181 9.47 24.28 3.99
CA ILE B 181 10.73 24.40 3.26
C ILE B 181 11.45 23.07 3.30
N ALA B 182 11.54 22.48 2.10
CA ALA B 182 12.19 21.20 1.87
C ALA B 182 13.60 21.27 1.30
N ILE B 183 14.60 20.63 1.85
CA ILE B 183 15.93 20.63 1.28
C ILE B 183 16.29 19.25 0.76
N TYR B 184 16.54 19.24 -0.53
CA TYR B 184 16.88 18.00 -1.18
C TYR B 184 18.37 17.82 -1.38
N ASP B 185 18.82 16.71 -0.80
CA ASP B 185 20.22 16.28 -0.91
C ASP B 185 20.45 15.66 -2.28
N ASP B 186 20.79 16.46 -3.25
CA ASP B 186 21.03 16.00 -4.58
C ASP B 186 22.47 15.49 -4.78
N ASN B 187 22.77 14.28 -4.31
CA ASN B 187 24.11 13.76 -4.42
C ASN B 187 24.32 12.72 -5.50
N LYS B 188 23.35 12.50 -6.42
CA LYS B 188 23.46 11.56 -7.55
C LYS B 188 23.73 10.09 -7.29
N ILE B 189 23.43 9.64 -6.06
CA ILE B 189 23.66 8.27 -5.60
C ILE B 189 22.48 7.67 -4.83
N THR B 190 22.11 6.44 -5.22
CA THR B 190 21.21 5.63 -4.40
C THR B 190 21.87 4.27 -4.20
N ILE B 191 21.22 3.21 -3.64
CA ILE B 191 21.85 1.92 -3.40
C ILE B 191 22.45 1.20 -4.63
N ASP B 192 21.69 1.07 -5.71
CA ASP B 192 22.24 0.48 -6.93
C ASP B 192 23.31 1.27 -7.68
N GLY B 193 23.71 2.45 -7.21
CA GLY B 193 24.75 3.26 -7.84
C GLY B 193 24.31 4.68 -8.21
N ALA B 194 24.79 5.26 -9.32
CA ALA B 194 24.35 6.57 -9.79
C ALA B 194 22.85 6.63 -10.11
N THR B 195 22.25 7.75 -9.75
CA THR B 195 20.83 7.98 -10.07
C THR B 195 20.49 7.84 -11.57
N SER B 196 21.47 8.12 -12.45
CA SER B 196 21.28 8.06 -13.90
C SER B 196 20.65 6.79 -14.46
N ILE B 197 20.93 5.69 -13.76
CA ILE B 197 20.40 4.36 -14.08
C ILE B 197 18.89 4.08 -14.00
N SER B 198 18.19 4.85 -13.19
CA SER B 198 16.73 4.79 -13.17
C SER B 198 16.06 6.05 -12.73
N PHE B 199 16.74 7.17 -12.56
CA PHE B 199 16.13 8.39 -12.03
C PHE B 199 16.71 9.68 -12.62
N ASP B 200 16.35 9.97 -13.86
CA ASP B 200 16.89 11.15 -14.51
C ASP B 200 15.84 12.18 -14.93
N GLU B 201 14.64 12.09 -14.32
CA GLU B 201 13.64 13.10 -14.53
C GLU B 201 14.11 14.50 -14.08
N ASP B 202 13.53 15.54 -14.65
CA ASP B 202 13.85 16.87 -14.20
C ASP B 202 13.02 17.22 -12.96
N VAL B 203 13.59 16.98 -11.78
CA VAL B 203 12.91 17.25 -10.50
C VAL B 203 12.43 18.66 -10.28
N ALA B 204 13.33 19.62 -10.54
CA ALA B 204 13.02 21.06 -10.45
C ALA B 204 11.82 21.43 -11.31
N LYS B 205 11.72 20.86 -12.51
CA LYS B 205 10.55 21.12 -13.35
C LYS B 205 9.20 20.51 -12.86
N ARG B 206 9.26 19.28 -12.36
CA ARG B 206 8.10 18.60 -11.74
C ARG B 206 7.59 19.40 -10.54
N TYR B 207 8.49 19.86 -9.65
CA TYR B 207 8.07 20.68 -8.52
C TYR B 207 7.45 22.05 -8.86
N GLU B 208 8.01 22.78 -9.84
CA GLU B 208 7.32 23.98 -10.38
C GLU B 208 5.96 23.63 -10.99
N ALA B 209 5.79 22.46 -11.65
CA ALA B 209 4.45 22.06 -12.07
C ALA B 209 3.46 21.95 -10.92
N TYR B 210 3.90 21.50 -9.74
CA TYR B 210 3.01 21.40 -8.59
C TYR B 210 2.75 22.78 -7.99
N GLY B 211 3.40 23.89 -8.40
CA GLY B 211 3.16 25.19 -7.74
C GLY B 211 4.19 25.50 -6.63
N TRP B 212 5.30 24.74 -6.57
CA TRP B 212 6.33 25.00 -5.60
C TRP B 212 7.38 25.93 -6.24
N GLU B 213 8.04 26.70 -5.40
CA GLU B 213 9.23 27.46 -5.78
C GLU B 213 10.45 26.55 -5.64
N VAL B 214 11.36 26.59 -6.63
CA VAL B 214 12.55 25.77 -6.59
C VAL B 214 13.81 26.67 -6.57
N LEU B 215 14.62 26.58 -5.51
CA LEU B 215 15.87 27.35 -5.43
C LEU B 215 17.09 26.43 -5.62
N TYR B 216 18.26 26.88 -6.05
CA TYR B 216 19.41 26.00 -6.22
C TYR B 216 20.65 26.35 -5.39
N VAL B 217 21.33 25.38 -4.80
CA VAL B 217 22.61 25.61 -4.13
C VAL B 217 23.59 24.67 -4.79
N GLU B 218 24.40 25.22 -5.70
CA GLU B 218 25.41 24.42 -6.41
C GLU B 218 26.51 23.84 -5.51
N ASN B 219 27.01 24.52 -4.47
CA ASN B 219 27.98 23.90 -3.57
C ASN B 219 27.53 23.72 -2.11
N GLY B 220 26.79 22.64 -1.92
CA GLY B 220 26.30 22.28 -0.60
C GLY B 220 27.36 21.76 0.36
N ASN B 221 28.47 21.30 -0.18
CA ASN B 221 29.60 20.83 0.62
C ASN B 221 30.26 21.92 1.43
N GLU B 222 30.37 23.11 0.89
CA GLU B 222 31.02 24.15 1.65
C GLU B 222 30.44 25.54 1.63
N ASP B 223 29.37 25.85 0.89
CA ASP B 223 28.90 27.21 0.81
C ASP B 223 27.87 27.57 1.86
N LEU B 224 28.38 27.83 3.05
CA LEU B 224 27.48 28.18 4.14
C LEU B 224 26.64 29.43 3.91
N ALA B 225 27.20 30.55 3.39
CA ALA B 225 26.41 31.75 3.08
C ALA B 225 25.33 31.49 2.01
N GLY B 226 25.62 30.72 0.96
CA GLY B 226 24.62 30.35 -0.08
C GLY B 226 23.46 29.50 0.44
N ILE B 227 23.82 28.55 1.29
CA ILE B 227 22.85 27.75 2.03
C ILE B 227 21.98 28.70 2.88
N ALA B 228 22.60 29.62 3.67
CA ALA B 228 21.78 30.56 4.48
C ALA B 228 20.85 31.49 3.66
N LYS B 229 21.38 31.98 2.52
CA LYS B 229 20.70 32.77 1.51
C LYS B 229 19.46 32.13 0.97
N ALA B 230 19.72 30.87 0.58
CA ALA B 230 18.64 30.04 0.04
C ALA B 230 17.56 29.87 1.05
N ILE B 231 17.86 29.62 2.33
CA ILE B 231 16.78 29.42 3.32
C ILE B 231 16.04 30.74 3.59
N ALA B 232 16.71 31.89 3.72
CA ALA B 232 15.86 33.04 3.98
C ALA B 232 15.12 33.54 2.78
N GLN B 233 15.53 33.24 1.56
CA GLN B 233 14.71 33.54 0.37
C GLN B 233 13.41 32.69 0.36
N ALA B 234 13.53 31.43 0.82
CA ALA B 234 12.35 30.52 0.95
C ALA B 234 11.32 31.03 1.93
N LYS B 235 11.81 31.72 2.97
CA LYS B 235 10.93 32.38 3.94
C LYS B 235 10.17 33.56 3.37
N LEU B 236 10.67 34.14 2.30
CA LEU B 236 9.97 35.28 1.70
C LEU B 236 8.77 34.88 0.87
N SER B 237 8.81 33.73 0.18
CA SER B 237 7.68 33.24 -0.63
C SER B 237 6.56 32.62 0.20
N LYS B 238 5.67 33.44 0.74
CA LYS B 238 4.61 32.97 1.64
C LYS B 238 3.49 32.10 1.10
N ASP B 239 3.35 32.26 -0.19
CA ASP B 239 2.33 31.66 -1.02
C ASP B 239 2.71 30.38 -1.79
N LYS B 240 3.99 29.97 -1.67
CA LYS B 240 4.46 28.78 -2.37
C LYS B 240 5.21 27.86 -1.42
N PRO B 241 5.03 26.56 -1.25
CA PRO B 241 6.09 25.74 -0.61
C PRO B 241 7.43 25.82 -1.34
N THR B 242 8.59 25.63 -0.70
CA THR B 242 9.86 25.75 -1.41
C THR B 242 10.75 24.53 -1.37
N LEU B 243 11.28 24.08 -2.48
CA LEU B 243 12.22 22.99 -2.57
C LEU B 243 13.61 23.58 -2.86
N ILE B 244 14.59 23.46 -1.99
CA ILE B 244 15.97 23.88 -2.25
C ILE B 244 16.76 22.67 -2.75
N LYS B 245 17.15 22.68 -4.01
CA LYS B 245 17.88 21.58 -4.55
C LYS B 245 19.34 21.88 -4.28
N MET B 246 19.96 21.09 -3.43
CA MET B 246 21.33 21.35 -3.02
C MET B 246 22.26 20.24 -3.37
N THR B 247 23.26 20.56 -4.17
CA THR B 247 24.27 19.60 -4.59
C THR B 247 25.41 19.33 -3.58
N THR B 248 25.62 18.08 -3.21
CA THR B 248 26.62 17.67 -2.24
C THR B 248 27.31 16.42 -2.72
N THR B 249 28.40 16.01 -2.11
CA THR B 249 29.08 14.79 -2.48
C THR B 249 28.70 13.79 -1.41
N ILE B 250 28.09 12.64 -1.69
CA ILE B 250 27.78 11.67 -0.63
C ILE B 250 29.06 11.21 0.07
N GLY B 251 29.08 11.25 1.40
CA GLY B 251 30.30 10.88 2.13
C GLY B 251 31.45 11.87 1.96
N TYR B 252 31.14 13.16 1.75
CA TYR B 252 32.18 14.18 1.68
C TYR B 252 33.33 14.02 2.70
N GLY B 253 34.57 14.01 2.21
CA GLY B 253 35.73 13.89 3.10
C GLY B 253 36.29 12.46 3.20
N SER B 254 35.42 11.51 2.87
CA SER B 254 35.84 10.13 2.83
C SER B 254 36.80 9.87 1.68
N LEU B 255 37.78 8.98 1.85
CA LEU B 255 38.53 8.40 0.74
C LEU B 255 37.60 7.91 -0.40
N HIS B 256 36.38 7.41 -0.14
CA HIS B 256 35.48 6.92 -1.19
C HIS B 256 34.24 7.79 -1.40
N ALA B 257 34.50 9.07 -1.18
CA ALA B 257 33.51 10.13 -1.32
C ALA B 257 32.91 10.17 -2.72
N GLY B 258 31.60 10.19 -2.89
CA GLY B 258 31.04 10.17 -4.24
C GLY B 258 30.58 8.77 -4.67
N SER B 259 31.03 7.72 -4.00
CA SER B 259 30.57 6.36 -4.29
C SER B 259 29.39 5.81 -3.50
N HIS B 260 28.61 4.92 -4.14
CA HIS B 260 27.51 4.29 -3.39
C HIS B 260 27.95 3.33 -2.26
N SER B 261 29.20 2.86 -2.28
CA SER B 261 29.71 2.08 -1.15
C SER B 261 29.67 2.85 0.17
N VAL B 262 29.83 4.20 0.20
CA VAL B 262 29.65 4.96 1.45
C VAL B 262 28.17 5.19 1.82
N HIS B 263 27.20 4.73 1.03
CA HIS B 263 25.79 4.88 1.37
C HIS B 263 25.35 4.23 2.69
N GLY B 264 25.63 2.96 2.88
CA GLY B 264 25.01 2.24 3.98
C GLY B 264 25.85 1.17 4.65
N ALA B 265 27.09 1.50 4.84
CA ALA B 265 28.03 0.67 5.58
C ALA B 265 29.05 1.61 6.24
N PRO B 266 29.52 1.28 7.45
CA PRO B 266 30.58 2.01 8.13
C PRO B 266 31.83 2.23 7.31
N LEU B 267 32.48 3.37 7.55
CA LEU B 267 33.74 3.70 6.85
C LEU B 267 34.90 2.84 7.33
N LYS B 268 35.94 2.61 6.52
CA LYS B 268 37.03 1.75 6.98
C LYS B 268 37.84 2.42 8.08
N ALA B 269 38.42 1.81 9.14
CA ALA B 269 39.16 2.56 10.16
C ALA B 269 40.24 3.52 9.68
N ASP B 270 41.05 3.06 8.73
CA ASP B 270 42.03 3.88 8.01
C ASP B 270 41.36 5.10 7.31
N ASP B 271 40.14 4.93 6.76
CA ASP B 271 39.40 6.01 6.13
C ASP B 271 38.98 6.99 7.22
N VAL B 272 38.43 6.50 8.32
CA VAL B 272 38.03 7.33 9.48
C VAL B 272 39.23 8.11 10.02
N LYS B 273 40.44 7.51 10.07
CA LYS B 273 41.62 8.24 10.53
C LYS B 273 42.10 9.38 9.64
N GLN B 274 42.19 9.20 8.32
CA GLN B 274 42.54 10.31 7.43
C GLN B 274 41.47 11.43 7.40
N LEU B 275 40.18 11.08 7.62
CA LEU B 275 39.05 12.02 7.66
C LEU B 275 39.23 12.98 8.79
N LYS B 276 39.46 12.39 9.96
CA LYS B 276 39.77 13.09 11.18
C LYS B 276 41.01 13.96 11.04
N SER B 277 42.08 13.41 10.46
CA SER B 277 43.32 14.19 10.29
C SER B 277 43.12 15.42 9.39
N LYS B 278 42.47 15.18 8.25
CA LYS B 278 42.06 16.18 7.28
C LYS B 278 41.29 17.33 7.93
N PHE B 279 40.29 17.01 8.74
CA PHE B 279 39.50 18.06 9.39
C PHE B 279 40.12 18.69 10.64
N GLY B 280 41.37 18.37 10.98
CA GLY B 280 42.01 19.00 12.12
C GLY B 280 41.74 18.36 13.45
N PHE B 281 41.38 17.08 13.39
CA PHE B 281 41.11 16.27 14.57
C PHE B 281 42.10 15.13 14.75
N ASN B 282 42.30 14.69 15.99
CA ASN B 282 43.21 13.61 16.32
C ASN B 282 42.57 12.30 15.85
N PRO B 283 43.25 11.54 14.98
CA PRO B 283 42.72 10.30 14.44
C PRO B 283 42.59 9.18 15.45
N ASP B 284 43.30 9.30 16.56
CA ASP B 284 43.23 8.28 17.59
C ASP B 284 42.17 8.58 18.64
N LYS B 285 41.40 9.66 18.54
CA LYS B 285 40.37 9.88 19.53
C LYS B 285 38.97 9.82 18.89
N SER B 286 37.98 9.43 19.69
CA SER B 286 36.62 9.19 19.24
C SER B 286 35.57 9.88 20.09
N PHE B 287 34.42 10.24 19.50
CA PHE B 287 33.35 10.99 20.18
C PHE B 287 33.81 12.26 20.91
N VAL B 288 34.61 13.01 20.18
CA VAL B 288 35.19 14.25 20.66
C VAL B 288 34.39 15.49 20.29
N VAL B 289 33.89 16.20 21.30
CA VAL B 289 33.31 17.50 21.07
C VAL B 289 34.19 18.61 21.67
N PRO B 290 34.81 19.45 20.84
CA PRO B 290 35.49 20.69 21.25
C PRO B 290 34.63 21.56 22.14
N GLN B 291 35.10 22.10 23.26
CA GLN B 291 34.27 22.94 24.12
C GLN B 291 33.63 24.10 23.39
N GLU B 292 34.38 24.80 22.53
CA GLU B 292 33.92 25.95 21.72
C GLU B 292 32.62 25.64 20.97
N VAL B 293 32.49 24.38 20.52
CA VAL B 293 31.25 23.94 19.89
C VAL B 293 30.10 23.87 20.85
N TYR B 294 30.16 23.16 21.99
CA TYR B 294 29.11 23.27 22.99
C TYR B 294 28.78 24.71 23.39
N ASP B 295 29.76 25.56 23.65
CA ASP B 295 29.56 26.98 23.94
C ASP B 295 28.85 27.73 22.84
N HIS B 296 29.17 27.40 21.61
CA HIS B 296 28.56 28.08 20.46
C HIS B 296 27.08 27.77 20.35
N TYR B 297 26.64 26.50 20.47
CA TYR B 297 25.22 26.19 20.34
C TYR B 297 24.36 26.61 21.51
N GLN B 298 25.02 26.73 22.65
CA GLN B 298 24.43 27.35 23.83
C GLN B 298 24.08 28.81 23.55
N LYS B 299 25.06 29.57 23.05
CA LYS B 299 24.83 30.96 22.67
C LYS B 299 23.85 31.17 21.52
N THR B 300 23.91 30.40 20.42
CA THR B 300 23.10 30.67 19.25
C THR B 300 21.75 29.97 19.15
N ILE B 301 21.57 28.79 19.79
CA ILE B 301 20.31 28.09 19.74
C ILE B 301 19.58 27.97 21.04
N LEU B 302 20.24 27.41 22.03
CA LEU B 302 19.53 27.09 23.27
C LEU B 302 19.18 28.31 24.08
N LYS B 303 20.03 29.25 24.49
CA LYS B 303 19.53 30.44 25.21
C LYS B 303 18.56 31.33 24.47
N PRO B 304 18.72 31.73 23.18
CA PRO B 304 17.70 32.35 22.36
C PRO B 304 16.40 31.57 22.37
N GLY B 305 16.42 30.24 22.14
CA GLY B 305 15.21 29.41 22.16
C GLY B 305 14.47 29.38 23.50
N VAL B 306 15.17 29.29 24.63
CA VAL B 306 14.55 29.36 25.96
C VAL B 306 13.91 30.74 26.16
N GLU B 307 14.58 31.83 25.75
CA GLU B 307 13.98 33.18 25.77
C GLU B 307 12.76 33.31 24.90
N ALA B 308 12.86 32.79 23.67
CA ALA B 308 11.72 32.84 22.76
C ALA B 308 10.48 32.15 23.35
N ASN B 309 10.68 30.95 23.93
CA ASN B 309 9.60 30.19 24.61
C ASN B 309 9.02 30.92 25.81
N ASN B 310 9.89 31.63 26.58
CA ASN B 310 9.44 32.42 27.72
C ASN B 310 8.58 33.64 27.29
N LYS B 311 9.01 34.36 26.27
CA LYS B 311 8.19 35.44 25.72
C LYS B 311 6.85 34.90 25.24
N TRP B 312 6.86 33.72 24.55
CA TRP B 312 5.63 33.10 24.03
C TRP B 312 4.73 32.79 25.22
N ASN B 313 5.20 32.16 26.31
CA ASN B 313 4.35 31.99 27.46
C ASN B 313 3.75 33.25 28.07
N LYS B 314 4.48 34.37 28.20
CA LYS B 314 3.89 35.60 28.71
C LYS B 314 2.70 36.02 27.81
N LEU B 315 2.96 36.00 26.51
CA LEU B 315 1.98 36.38 25.49
C LEU B 315 0.70 35.59 25.58
N PHE B 316 0.85 34.27 25.72
CA PHE B 316 -0.31 33.39 25.83
C PHE B 316 -1.04 33.64 27.13
N SER B 317 -0.40 33.96 28.27
CA SER B 317 -1.26 34.19 29.43
C SER B 317 -1.93 35.55 29.31
N GLU B 318 -1.33 36.56 28.68
CA GLU B 318 -2.11 37.77 28.36
C GLU B 318 -3.31 37.49 27.45
N TYR B 319 -3.08 36.62 26.44
CA TYR B 319 -4.13 36.24 25.49
C TYR B 319 -5.30 35.61 26.23
N GLN B 320 -5.06 34.73 27.19
CA GLN B 320 -6.15 34.12 27.97
C GLN B 320 -6.96 35.10 28.81
N LYS B 321 -6.33 36.21 29.21
CA LYS B 321 -7.03 37.33 29.85
C LYS B 321 -7.88 38.09 28.83
N LYS B 322 -7.29 38.48 27.70
CA LYS B 322 -7.97 39.14 26.61
C LYS B 322 -9.06 38.38 25.86
N PHE B 323 -8.87 37.09 25.61
CA PHE B 323 -9.82 36.26 24.89
C PHE B 323 -10.13 35.02 25.74
N PRO B 324 -10.96 35.17 26.77
CA PRO B 324 -11.23 34.13 27.75
C PRO B 324 -11.70 32.82 27.14
N GLU B 325 -12.65 32.84 26.18
CA GLU B 325 -13.14 31.60 25.55
C GLU B 325 -12.11 30.93 24.67
N LEU B 326 -11.50 31.63 23.71
CA LEU B 326 -10.46 31.09 22.88
C LEU B 326 -9.20 30.66 23.63
N GLY B 327 -8.83 31.38 24.68
CA GLY B 327 -7.67 31.05 25.52
C GLY B 327 -7.88 29.80 26.38
N ALA B 328 -9.08 29.59 26.91
CA ALA B 328 -9.44 28.37 27.63
C ALA B 328 -9.50 27.16 26.69
N GLU B 329 -10.06 27.31 25.49
CA GLU B 329 -10.05 26.30 24.47
C GLU B 329 -8.63 25.87 24.11
N LEU B 330 -7.73 26.79 23.73
CA LEU B 330 -6.36 26.41 23.33
C LEU B 330 -5.61 25.87 24.55
N ALA B 331 -5.79 26.41 25.77
CA ALA B 331 -5.17 25.82 26.96
C ALA B 331 -5.61 24.36 27.15
N ARG B 332 -6.89 24.05 26.98
CA ARG B 332 -7.43 22.68 27.09
C ARG B 332 -6.82 21.76 26.03
N ARG B 333 -6.74 22.24 24.77
CA ARG B 333 -6.07 21.51 23.71
C ARG B 333 -4.60 21.23 23.90
N LEU B 334 -3.85 22.23 24.33
CA LEU B 334 -2.46 22.04 24.63
C LEU B 334 -2.25 21.11 25.82
N SER B 335 -3.26 20.83 26.64
CA SER B 335 -3.05 19.85 27.68
C SER B 335 -3.47 18.48 27.18
N GLY B 336 -3.85 18.17 25.92
CA GLY B 336 -4.27 16.81 25.55
C GLY B 336 -5.65 16.41 26.05
N GLN B 337 -6.49 17.31 26.51
CA GLN B 337 -7.78 16.97 27.05
C GLN B 337 -8.98 17.26 26.19
N LEU B 338 -9.92 16.34 26.00
CA LEU B 338 -11.13 16.62 25.22
C LEU B 338 -12.11 17.42 26.07
N PRO B 339 -13.13 18.16 25.61
CA PRO B 339 -14.07 18.83 26.50
C PRO B 339 -14.73 17.88 27.50
N ALA B 340 -14.80 18.23 28.77
CA ALA B 340 -15.54 17.47 29.79
C ALA B 340 -16.97 17.20 29.38
N ASN B 341 -17.38 15.96 29.60
CA ASN B 341 -18.67 15.49 29.12
C ASN B 341 -18.95 15.69 27.63
N TRP B 342 -17.92 15.78 26.75
CA TRP B 342 -18.15 15.84 25.31
C TRP B 342 -19.03 14.68 24.79
N GLU B 343 -18.81 13.43 25.25
CA GLU B 343 -19.62 12.27 24.89
C GLU B 343 -21.12 12.29 25.21
N SER B 344 -21.57 13.26 25.99
CA SER B 344 -23.01 13.44 26.25
C SER B 344 -23.78 13.78 24.96
N LYS B 345 -23.05 14.32 23.97
CA LYS B 345 -23.54 14.74 22.67
C LYS B 345 -23.58 13.64 21.59
N LEU B 346 -23.12 12.43 21.95
CA LEU B 346 -23.14 11.34 20.99
C LEU B 346 -24.54 10.74 20.87
N PRO B 347 -25.00 10.39 19.67
CA PRO B 347 -26.33 9.90 19.45
C PRO B 347 -26.56 8.50 19.98
N THR B 348 -27.68 8.26 20.63
CA THR B 348 -28.04 6.90 21.05
C THR B 348 -29.37 6.45 20.43
N TYR B 349 -29.60 5.16 20.29
CA TYR B 349 -30.75 4.68 19.54
C TYR B 349 -31.45 3.52 20.23
N THR B 350 -32.63 3.13 19.76
CA THR B 350 -33.41 2.05 20.34
C THR B 350 -33.94 1.20 19.21
N ALA B 351 -34.52 0.04 19.52
CA ALA B 351 -34.95 -0.93 18.52
C ALA B 351 -36.03 -0.46 17.57
N LYS B 352 -36.87 0.40 18.14
CA LYS B 352 -37.86 1.07 17.30
C LYS B 352 -37.33 2.16 16.37
N ASP B 353 -36.07 2.65 16.46
CA ASP B 353 -35.63 3.62 15.46
C ASP B 353 -35.42 2.94 14.10
N SER B 354 -35.38 3.64 12.96
CA SER B 354 -35.24 2.95 11.70
C SER B 354 -33.90 2.33 11.28
N ALA B 355 -33.95 1.44 10.31
CA ALA B 355 -32.78 0.86 9.66
C ALA B 355 -31.98 1.91 8.94
N VAL B 356 -30.69 2.06 9.22
CA VAL B 356 -29.86 3.12 8.60
C VAL B 356 -28.53 2.46 8.21
N ALA B 357 -27.88 2.73 7.08
CA ALA B 357 -26.54 2.21 6.82
C ALA B 357 -25.57 2.76 7.86
N THR B 358 -24.59 2.03 8.38
CA THR B 358 -23.71 2.66 9.39
C THR B 358 -22.80 3.79 8.85
N ARG B 359 -22.68 3.95 7.56
CA ARG B 359 -22.08 5.15 6.94
C ARG B 359 -22.90 6.43 7.24
N LYS B 360 -24.24 6.40 7.06
CA LYS B 360 -25.07 7.54 7.38
C LYS B 360 -25.14 7.87 8.87
N LEU B 361 -25.07 6.82 9.69
CA LEU B 361 -24.97 7.01 11.13
C LEU B 361 -23.69 7.69 11.60
N SER B 362 -22.57 7.37 10.93
CA SER B 362 -21.28 8.01 11.16
C SER B 362 -21.33 9.49 10.76
N GLU B 363 -21.96 9.80 9.63
CA GLU B 363 -22.22 11.18 9.23
C GLU B 363 -22.87 12.02 10.32
N THR B 364 -23.94 11.48 10.90
CA THR B 364 -24.67 12.09 12.02
C THR B 364 -23.84 12.34 13.26
N VAL B 365 -22.90 11.45 13.59
CA VAL B 365 -22.00 11.62 14.73
C VAL B 365 -21.11 12.79 14.42
N LEU B 366 -20.50 12.90 13.24
CA LEU B 366 -19.59 14.00 12.91
C LEU B 366 -20.38 15.31 12.90
N GLU B 367 -21.59 15.37 12.35
CA GLU B 367 -22.46 16.55 12.45
C GLU B 367 -22.88 16.86 13.89
N ASP B 368 -23.19 15.92 14.78
CA ASP B 368 -23.46 16.28 16.18
C ASP B 368 -22.26 16.61 17.07
N VAL B 369 -21.02 16.20 16.79
CA VAL B 369 -19.89 16.53 17.66
C VAL B 369 -18.95 17.57 17.06
N TYR B 370 -18.91 17.85 15.75
CA TYR B 370 -18.02 18.85 15.17
C TYR B 370 -17.86 20.15 15.95
N ASN B 371 -18.99 20.68 16.41
CA ASN B 371 -18.89 21.93 17.15
C ASN B 371 -18.50 21.91 18.63
N GLN B 372 -18.50 20.70 19.15
CA GLN B 372 -18.09 20.40 20.50
C GLN B 372 -16.55 20.30 20.53
N LEU B 373 -15.98 19.76 19.45
CA LEU B 373 -14.56 19.48 19.29
C LEU B 373 -13.85 20.30 18.22
N PRO B 374 -13.38 21.54 18.49
CA PRO B 374 -12.64 22.34 17.52
C PRO B 374 -11.37 21.68 16.95
N GLU B 375 -10.85 20.66 17.64
CA GLU B 375 -9.65 19.98 17.20
C GLU B 375 -9.85 18.92 16.12
N LEU B 376 -11.12 18.60 15.88
CA LEU B 376 -11.52 17.68 14.84
C LEU B 376 -11.42 18.39 13.49
N ILE B 377 -10.54 17.80 12.70
CA ILE B 377 -10.35 18.23 11.32
C ILE B 377 -10.54 17.01 10.37
N GLY B 378 -11.54 17.07 9.46
CA GLY B 378 -11.88 15.95 8.60
C GLY B 378 -11.45 16.00 7.16
N GLY B 379 -11.74 14.96 6.39
CA GLY B 379 -11.38 14.97 5.01
C GLY B 379 -11.81 13.70 4.29
N SER B 380 -11.78 13.69 2.98
CA SER B 380 -12.13 12.53 2.16
C SER B 380 -11.16 12.49 1.00
N ALA B 381 -10.77 11.29 0.57
CA ALA B 381 -9.94 11.16 -0.61
C ALA B 381 -10.81 11.10 -1.90
N ASP B 382 -11.46 12.25 -2.16
CA ASP B 382 -12.44 12.43 -3.24
C ASP B 382 -13.68 11.56 -3.14
N LEU B 383 -14.12 11.16 -1.96
CA LEU B 383 -15.32 10.34 -1.83
C LEU B 383 -16.29 10.92 -0.83
N THR B 384 -16.24 12.23 -0.61
CA THR B 384 -17.15 12.94 0.30
C THR B 384 -18.64 12.57 0.22
N PRO B 385 -19.28 12.51 -0.98
CA PRO B 385 -20.70 12.15 -1.09
C PRO B 385 -20.98 10.71 -0.73
N SER B 386 -19.99 9.82 -0.90
CA SER B 386 -20.15 8.37 -0.60
C SER B 386 -19.67 7.99 0.78
N ASN B 387 -18.78 8.79 1.36
CA ASN B 387 -18.30 8.56 2.73
C ASN B 387 -19.12 9.27 3.81
N LEU B 388 -19.85 10.33 3.43
CA LEU B 388 -20.65 11.21 4.31
C LEU B 388 -19.88 11.83 5.49
N THR B 389 -18.61 12.07 5.20
CA THR B 389 -17.61 12.68 6.10
C THR B 389 -17.76 14.18 6.32
N ARG B 390 -18.53 14.90 5.47
CA ARG B 390 -18.72 16.35 5.52
C ARG B 390 -19.86 16.92 6.37
N TRP B 391 -19.58 17.65 7.46
CA TRP B 391 -20.67 18.35 8.13
C TRP B 391 -21.15 19.56 7.28
N LYS B 392 -22.46 19.88 7.19
CA LYS B 392 -22.85 20.99 6.31
C LYS B 392 -22.53 22.40 6.75
N GLU B 393 -22.40 22.74 8.04
CA GLU B 393 -21.87 24.06 8.36
C GLU B 393 -20.40 24.12 7.95
N ALA B 394 -19.69 23.04 7.61
CA ALA B 394 -18.28 23.11 7.28
C ALA B 394 -17.67 24.07 6.25
N LEU B 395 -16.53 24.65 6.56
CA LEU B 395 -15.84 25.48 5.60
C LEU B 395 -14.64 24.67 5.18
N ASP B 396 -14.29 24.63 3.93
CA ASP B 396 -13.13 23.88 3.54
C ASP B 396 -11.78 24.54 3.82
N PHE B 397 -10.84 23.65 4.12
CA PHE B 397 -9.44 24.02 4.31
C PHE B 397 -8.87 24.23 2.91
N GLN B 398 -8.62 25.52 2.62
CA GLN B 398 -8.14 26.03 1.33
C GLN B 398 -7.31 27.29 1.44
N PRO B 399 -6.41 27.67 0.53
CA PRO B 399 -5.72 28.97 0.57
C PRO B 399 -6.74 30.12 0.58
N PRO B 400 -6.65 31.24 1.31
CA PRO B 400 -7.67 32.27 1.34
C PRO B 400 -7.95 32.87 -0.05
N SER B 401 -6.94 32.91 -0.90
CA SER B 401 -7.11 33.42 -2.27
C SER B 401 -7.98 32.56 -3.17
N SER B 402 -8.38 31.36 -2.75
CA SER B 402 -9.11 30.46 -3.63
C SER B 402 -10.57 30.80 -3.85
N GLY B 403 -11.19 31.43 -2.84
CA GLY B 403 -12.64 31.65 -2.84
C GLY B 403 -13.50 30.47 -2.40
N SER B 404 -12.87 29.29 -2.17
CA SER B 404 -13.57 28.10 -1.72
C SER B 404 -13.50 27.88 -0.22
N GLY B 405 -12.58 28.55 0.41
CA GLY B 405 -12.46 28.44 1.86
C GLY B 405 -11.25 29.20 2.32
N ASN B 406 -10.78 28.87 3.51
CA ASN B 406 -9.57 29.49 3.96
C ASN B 406 -8.84 28.59 4.97
N TYR B 407 -7.68 28.99 5.50
CA TYR B 407 -6.98 28.09 6.43
C TYR B 407 -7.62 27.79 7.78
N SER B 408 -8.69 28.52 8.13
CA SER B 408 -9.51 28.27 9.33
C SER B 408 -10.51 27.14 9.10
N GLY B 409 -10.64 26.70 7.84
CA GLY B 409 -11.54 25.60 7.57
C GLY B 409 -11.06 24.28 8.13
N ARG B 410 -12.00 23.34 8.36
CA ARG B 410 -11.71 22.06 9.01
C ARG B 410 -12.12 20.83 8.21
N TYR B 411 -12.34 21.04 6.91
CA TYR B 411 -12.65 19.93 6.01
C TYR B 411 -11.65 19.87 4.88
N ILE B 412 -10.81 18.86 4.73
CA ILE B 412 -9.81 18.82 3.67
C ILE B 412 -10.15 18.00 2.44
N ARG B 413 -9.93 18.58 1.28
CA ARG B 413 -10.18 17.86 0.03
C ARG B 413 -8.90 17.19 -0.39
N TYR B 414 -8.73 15.92 -0.04
CA TYR B 414 -7.45 15.28 -0.29
C TYR B 414 -7.21 14.87 -1.73
N GLY B 415 -8.26 14.82 -2.55
CA GLY B 415 -8.13 14.31 -3.91
C GLY B 415 -7.97 12.77 -3.87
N ILE B 416 -7.56 12.11 -4.95
CA ILE B 416 -7.48 10.66 -4.97
C ILE B 416 -6.04 10.29 -4.64
N ARG B 417 -5.81 10.52 -3.35
CA ARG B 417 -4.47 10.34 -2.74
C ARG B 417 -4.47 9.68 -1.35
N GLU B 418 -4.88 8.41 -1.30
CA GLU B 418 -5.00 7.73 0.00
C GLU B 418 -3.69 7.57 0.80
N HIS B 419 -2.53 7.29 0.18
CA HIS B 419 -1.31 7.10 0.96
C HIS B 419 -0.79 8.42 1.52
N ALA B 420 -0.74 9.49 0.72
CA ALA B 420 -0.38 10.76 1.31
C ALA B 420 -1.50 11.14 2.31
N MET B 421 -2.80 10.91 2.12
CA MET B 421 -3.78 11.26 3.14
C MET B 421 -3.45 10.62 4.51
N GLY B 422 -2.98 9.36 4.49
CA GLY B 422 -2.56 8.70 5.72
C GLY B 422 -1.33 9.34 6.37
N ALA B 423 -0.27 9.66 5.60
CA ALA B 423 0.92 10.28 6.19
C ALA B 423 0.72 11.75 6.59
N ILE B 424 -0.14 12.45 5.88
CA ILE B 424 -0.55 13.81 6.22
C ILE B 424 -1.38 13.77 7.51
N MET B 425 -2.31 12.84 7.70
CA MET B 425 -3.01 12.79 8.96
C MET B 425 -2.04 12.46 10.12
N ASN B 426 -1.00 11.63 9.90
CA ASN B 426 0.02 11.39 10.91
C ASN B 426 0.70 12.68 11.26
N GLY B 427 1.00 13.51 10.24
CA GLY B 427 1.63 14.82 10.46
C GLY B 427 0.83 15.85 11.28
N ILE B 428 -0.46 15.97 10.97
CA ILE B 428 -1.41 16.82 11.68
C ILE B 428 -1.51 16.35 13.14
N SER B 429 -1.58 15.02 13.34
CA SER B 429 -1.64 14.49 14.68
C SER B 429 -0.37 14.82 15.45
N ALA B 430 0.80 14.53 14.85
CA ALA B 430 2.13 14.78 15.45
C ALA B 430 2.41 16.26 15.75
N PHE B 431 1.75 17.22 15.06
CA PHE B 431 1.91 18.65 15.32
C PHE B 431 1.63 19.00 16.79
N GLY B 432 0.53 18.48 17.32
CA GLY B 432 0.16 18.78 18.70
C GLY B 432 -1.20 19.50 18.79
N ALA B 433 -1.39 20.25 19.86
CA ALA B 433 -2.63 20.98 20.13
C ALA B 433 -3.85 20.07 20.07
N ASN B 434 -3.78 18.78 20.49
CA ASN B 434 -4.88 17.80 20.45
C ASN B 434 -5.56 17.59 19.09
N TYR B 435 -4.93 17.98 17.95
CA TYR B 435 -5.54 17.75 16.64
C TYR B 435 -5.96 16.28 16.45
N LYS B 436 -7.21 16.16 16.05
CA LYS B 436 -7.84 14.88 15.80
C LYS B 436 -8.17 14.69 14.32
N PRO B 437 -7.26 14.26 13.43
CA PRO B 437 -7.55 14.14 12.00
C PRO B 437 -8.33 12.88 11.68
N TYR B 438 -9.35 12.98 10.85
CA TYR B 438 -9.89 11.75 10.30
C TYR B 438 -9.86 11.82 8.81
N GLY B 439 -9.88 10.71 8.09
CA GLY B 439 -9.89 10.74 6.61
C GLY B 439 -10.79 9.64 6.06
N GLY B 440 -11.46 9.90 4.96
CA GLY B 440 -12.36 8.90 4.39
C GLY B 440 -11.96 8.40 3.02
N THR B 441 -12.28 7.13 2.90
CA THR B 441 -12.12 6.42 1.65
C THR B 441 -12.90 5.08 1.71
N PHE B 442 -12.96 4.33 0.62
CA PHE B 442 -13.54 2.98 0.70
C PHE B 442 -12.54 2.10 1.45
N LEU B 443 -13.08 1.23 2.30
CA LEU B 443 -12.25 0.25 3.04
C LEU B 443 -11.22 -0.49 2.15
N ASN B 444 -11.55 -0.85 0.91
CA ASN B 444 -10.66 -1.60 0.02
C ASN B 444 -9.41 -0.87 -0.38
N PHE B 445 -9.47 0.46 -0.37
CA PHE B 445 -8.35 1.26 -0.78
C PHE B 445 -7.63 1.92 0.39
N VAL B 446 -8.01 1.61 1.67
CA VAL B 446 -7.11 1.95 2.82
C VAL B 446 -5.80 1.16 2.61
N SER B 447 -5.92 0.07 1.84
CA SER B 447 -4.76 -0.76 1.53
C SER B 447 -3.75 -0.04 0.67
N TYR B 448 -4.15 1.01 -0.04
CA TYR B 448 -3.22 1.84 -0.81
C TYR B 448 -2.29 2.64 0.12
N ALA B 449 -2.73 2.87 1.37
CA ALA B 449 -2.09 3.68 2.39
C ALA B 449 -1.38 2.83 3.44
N ALA B 450 -1.18 1.54 3.17
CA ALA B 450 -0.59 0.69 4.18
C ALA B 450 0.76 1.13 4.70
N GLY B 451 1.72 1.65 3.91
CA GLY B 451 2.98 2.14 4.43
C GLY B 451 2.84 3.20 5.54
N ALA B 452 1.80 4.02 5.43
CA ALA B 452 1.50 5.09 6.38
C ALA B 452 0.68 4.66 7.58
N VAL B 453 -0.33 3.80 7.33
CA VAL B 453 -1.15 3.29 8.44
C VAL B 453 -0.25 2.48 9.44
N ARG B 454 0.73 1.78 8.91
CA ARG B 454 1.65 1.03 9.76
C ARG B 454 2.40 2.01 10.67
N LEU B 455 2.84 3.17 10.21
CA LEU B 455 3.50 4.15 11.07
C LEU B 455 2.56 4.83 12.04
N SER B 456 1.27 4.90 11.72
CA SER B 456 0.32 5.42 12.67
C SER B 456 0.31 4.46 13.86
N ALA B 457 0.31 3.14 13.60
CA ALA B 457 0.34 2.18 14.71
C ALA B 457 1.65 2.08 15.48
N LEU B 458 2.78 2.07 14.77
CA LEU B 458 4.12 2.01 15.37
C LEU B 458 4.47 3.24 16.23
N SER B 459 4.19 4.42 15.68
CA SER B 459 4.39 5.67 16.42
C SER B 459 3.39 5.93 17.55
N GLY B 460 2.17 5.39 17.37
CA GLY B 460 1.07 5.72 18.25
C GLY B 460 0.42 7.04 17.84
N HIS B 461 0.17 7.36 16.57
CA HIS B 461 -0.57 8.60 16.27
C HIS B 461 -2.07 8.27 16.26
N PRO B 462 -2.96 8.80 17.07
CA PRO B 462 -4.35 8.34 17.11
C PRO B 462 -5.24 8.84 15.99
N VAL B 463 -4.85 8.61 14.75
CA VAL B 463 -5.67 9.05 13.61
C VAL B 463 -6.89 8.15 13.35
N ILE B 464 -7.92 8.71 12.76
CA ILE B 464 -9.08 7.92 12.46
C ILE B 464 -9.29 7.73 10.95
N TRP B 465 -9.40 6.49 10.46
CA TRP B 465 -9.81 6.22 9.08
C TRP B 465 -11.28 5.87 9.08
N VAL B 466 -12.04 6.65 8.33
CA VAL B 466 -13.48 6.40 8.17
C VAL B 466 -13.63 5.64 6.86
N ALA B 467 -13.72 4.33 6.93
CA ALA B 467 -13.61 3.46 5.75
C ALA B 467 -14.95 2.88 5.35
N THR B 468 -15.61 3.42 4.35
CA THR B 468 -16.98 3.00 4.10
C THR B 468 -17.02 1.89 3.07
N HIS B 469 -18.17 1.31 2.70
CA HIS B 469 -18.21 0.23 1.69
C HIS B 469 -17.32 -0.98 2.11
N ASP B 470 -17.64 -1.43 3.30
CA ASP B 470 -16.85 -2.47 3.97
C ASP B 470 -16.86 -3.92 3.48
N SER B 471 -17.77 -4.31 2.55
CA SER B 471 -17.93 -5.72 2.16
C SER B 471 -18.56 -5.92 0.77
N ILE B 472 -18.88 -7.17 0.42
CA ILE B 472 -19.71 -7.53 -0.75
C ILE B 472 -21.05 -6.80 -0.83
N GLY B 473 -21.46 -6.16 0.30
CA GLY B 473 -22.63 -5.28 0.37
C GLY B 473 -22.45 -4.08 -0.54
N VAL B 474 -21.23 -3.73 -0.97
CA VAL B 474 -21.00 -2.79 -2.10
C VAL B 474 -21.91 -3.10 -3.35
N GLY B 475 -22.06 -4.40 -3.59
CA GLY B 475 -22.81 -4.95 -4.70
C GLY B 475 -22.12 -4.94 -6.07
N GLU B 476 -22.78 -4.16 -6.91
CA GLU B 476 -22.45 -4.10 -8.34
C GLU B 476 -21.05 -3.65 -8.74
N ASP B 477 -20.36 -2.75 -8.02
CA ASP B 477 -18.97 -2.47 -8.36
C ASP B 477 -18.07 -3.68 -8.33
N GLY B 478 -18.42 -4.78 -7.66
CA GLY B 478 -17.72 -6.04 -7.81
C GLY B 478 -16.40 -6.27 -7.11
N PRO B 479 -15.71 -7.39 -7.36
CA PRO B 479 -14.58 -7.85 -6.53
C PRO B 479 -13.37 -6.90 -6.42
N THR B 480 -13.15 -6.03 -7.40
CA THR B 480 -12.09 -5.05 -7.34
C THR B 480 -12.38 -4.02 -6.26
N HIS B 481 -13.63 -3.88 -5.81
CA HIS B 481 -14.02 -2.88 -4.78
C HIS B 481 -14.55 -3.48 -3.46
N GLN B 482 -14.71 -4.82 -3.39
CA GLN B 482 -15.24 -5.50 -2.24
C GLN B 482 -14.09 -6.04 -1.39
N PRO B 483 -13.90 -5.57 -0.15
CA PRO B 483 -12.87 -6.03 0.77
C PRO B 483 -13.02 -7.50 1.12
N ILE B 484 -11.98 -8.29 1.18
CA ILE B 484 -12.05 -9.66 1.71
C ILE B 484 -10.99 -9.82 2.82
N GLU B 485 -9.73 -9.55 2.46
CA GLU B 485 -8.56 -9.65 3.36
C GLU B 485 -8.29 -8.44 4.26
N THR B 486 -8.89 -7.29 4.02
CA THR B 486 -8.47 -6.04 4.63
C THR B 486 -8.53 -5.97 6.13
N LEU B 487 -9.60 -6.44 6.76
CA LEU B 487 -9.66 -6.38 8.21
C LEU B 487 -8.78 -7.44 8.80
N ALA B 488 -8.55 -8.64 8.21
CA ALA B 488 -7.63 -9.65 8.75
C ALA B 488 -6.20 -9.07 8.72
N HIS B 489 -5.89 -8.29 7.69
CA HIS B 489 -4.62 -7.56 7.59
C HIS B 489 -4.43 -6.59 8.77
N PHE B 490 -5.33 -5.63 8.96
CA PHE B 490 -5.08 -4.68 10.03
C PHE B 490 -5.34 -5.24 11.44
N ARG B 491 -6.14 -6.30 11.64
CA ARG B 491 -6.17 -6.93 12.98
C ARG B 491 -4.87 -7.69 13.23
N SER B 492 -4.02 -8.02 12.26
CA SER B 492 -2.70 -8.57 12.53
C SER B 492 -1.61 -7.58 12.82
N LEU B 493 -1.98 -6.29 12.65
CA LEU B 493 -1.03 -5.20 12.89
C LEU B 493 -1.16 -4.77 14.34
N PRO B 494 -0.10 -4.81 15.13
CA PRO B 494 -0.16 -4.36 16.54
C PRO B 494 -0.67 -2.93 16.67
N ASN B 495 -1.36 -2.62 17.75
CA ASN B 495 -1.70 -1.22 18.05
C ASN B 495 -2.54 -0.46 17.03
N ILE B 496 -3.61 -1.11 16.57
CA ILE B 496 -4.62 -0.41 15.80
C ILE B 496 -6.02 -0.89 16.18
N GLN B 497 -6.98 0.02 16.43
CA GLN B 497 -8.36 -0.40 16.59
C GLN B 497 -9.00 -0.64 15.21
N VAL B 498 -9.79 -1.70 15.04
CA VAL B 498 -10.46 -1.98 13.75
C VAL B 498 -11.93 -2.19 14.10
N TRP B 499 -12.68 -1.11 14.17
CA TRP B 499 -14.08 -1.11 14.53
C TRP B 499 -14.97 -1.44 13.33
N ARG B 500 -15.85 -2.42 13.48
CA ARG B 500 -16.81 -2.75 12.46
C ARG B 500 -18.18 -2.71 13.15
N PRO B 501 -18.69 -1.49 13.39
CA PRO B 501 -19.93 -1.32 14.13
C PRO B 501 -21.20 -1.86 13.49
N ALA B 502 -22.06 -2.43 14.32
CA ALA B 502 -23.28 -3.06 13.82
C ALA B 502 -24.46 -2.14 13.65
N ASP B 503 -24.60 -1.14 14.49
CA ASP B 503 -25.76 -0.27 14.43
C ASP B 503 -25.47 1.14 14.99
N GLY B 504 -26.45 2.00 15.24
CA GLY B 504 -26.19 3.32 15.74
C GLY B 504 -25.46 3.36 17.07
N ASN B 505 -25.83 2.55 18.06
CA ASN B 505 -25.11 2.66 19.33
C ASN B 505 -23.66 2.20 19.26
N GLU B 506 -23.44 1.22 18.39
CA GLU B 506 -22.08 0.73 18.18
C GLU B 506 -21.21 1.75 17.42
N VAL B 507 -21.81 2.51 16.49
CA VAL B 507 -21.07 3.56 15.79
C VAL B 507 -20.71 4.64 16.82
N SER B 508 -21.57 5.08 17.74
CA SER B 508 -21.16 6.08 18.74
C SER B 508 -20.10 5.55 19.69
N ALA B 509 -20.14 4.23 20.00
CA ALA B 509 -19.11 3.60 20.82
C ALA B 509 -17.73 3.62 20.16
N ALA B 510 -17.74 3.33 18.86
CA ALA B 510 -16.54 3.37 18.05
C ALA B 510 -15.94 4.77 17.97
N TYR B 511 -16.77 5.78 17.73
CA TYR B 511 -16.31 7.15 17.80
C TYR B 511 -15.85 7.60 19.17
N LYS B 512 -16.53 7.25 20.25
CA LYS B 512 -16.07 7.60 21.60
C LYS B 512 -14.66 7.09 21.86
N ASN B 513 -14.45 5.78 21.67
CA ASN B 513 -13.14 5.19 21.94
C ASN B 513 -12.05 5.69 21.01
N SER B 514 -12.37 5.83 19.75
CA SER B 514 -11.41 6.37 18.77
C SER B 514 -10.95 7.78 19.11
N LEU B 515 -11.89 8.67 19.41
CA LEU B 515 -11.51 10.02 19.77
C LEU B 515 -10.86 10.14 21.15
N GLU B 516 -11.23 9.34 22.15
CA GLU B 516 -10.51 9.38 23.42
C GLU B 516 -9.11 8.77 23.41
N SER B 517 -8.74 8.00 22.40
CA SER B 517 -7.40 7.39 22.32
C SER B 517 -6.24 8.38 22.22
N LYS B 518 -5.18 8.19 22.98
CA LYS B 518 -4.01 9.06 22.80
C LYS B 518 -2.88 8.46 22.03
N HIS B 519 -2.85 7.13 21.96
CA HIS B 519 -1.71 6.46 21.32
C HIS B 519 -2.08 5.37 20.31
N THR B 520 -3.35 5.20 19.97
CA THR B 520 -3.74 4.11 19.06
C THR B 520 -4.62 4.60 17.91
N PRO B 521 -4.21 4.46 16.66
CA PRO B 521 -5.03 4.75 15.47
C PRO B 521 -6.26 3.82 15.38
N SER B 522 -7.24 4.22 14.58
CA SER B 522 -8.47 3.51 14.46
C SER B 522 -8.95 3.43 13.02
N ILE B 523 -9.42 2.29 12.53
CA ILE B 523 -10.09 2.17 11.25
C ILE B 523 -11.54 1.87 11.69
N ILE B 524 -12.51 2.67 11.26
CA ILE B 524 -13.92 2.43 11.47
C ILE B 524 -14.54 1.98 10.12
N ALA B 525 -14.79 0.68 9.95
CA ALA B 525 -15.41 0.10 8.80
C ALA B 525 -16.93 0.19 8.76
N LEU B 526 -17.44 0.77 7.70
CA LEU B 526 -18.85 1.09 7.61
C LEU B 526 -19.50 0.54 6.34
N SER B 527 -20.77 0.23 6.53
CA SER B 527 -21.59 -0.40 5.52
C SER B 527 -22.21 0.54 4.50
N ARG B 528 -22.45 0.01 3.30
CA ARG B 528 -23.22 0.71 2.27
C ARG B 528 -24.75 0.66 2.52
N GLN B 529 -25.13 -0.60 2.70
CA GLN B 529 -26.51 -1.02 2.87
C GLN B 529 -27.19 -0.71 4.18
N ASN B 530 -28.52 -0.60 4.26
CA ASN B 530 -29.20 -0.33 5.54
C ASN B 530 -29.07 -1.43 6.58
N LEU B 531 -28.90 -1.16 7.87
CA LEU B 531 -28.84 -2.20 8.91
C LEU B 531 -29.81 -1.81 10.01
N PRO B 532 -30.57 -2.68 10.68
CA PRO B 532 -31.53 -2.28 11.69
C PRO B 532 -30.89 -1.84 13.00
N GLN B 533 -31.64 -1.19 13.87
CA GLN B 533 -31.19 -0.85 15.22
C GLN B 533 -31.54 -2.06 16.05
N LEU B 534 -30.46 -2.58 16.62
CA LEU B 534 -30.48 -3.79 17.40
C LEU B 534 -31.02 -3.72 18.81
N GLU B 535 -31.86 -4.67 19.18
CA GLU B 535 -32.30 -4.73 20.55
C GLU B 535 -31.15 -5.35 21.38
N GLY B 536 -30.71 -4.64 22.42
CA GLY B 536 -29.65 -5.10 23.29
C GLY B 536 -28.26 -4.45 23.15
N SER B 537 -28.12 -3.57 22.19
CA SER B 537 -26.85 -2.87 22.01
C SER B 537 -26.77 -1.61 22.86
N SER B 538 -25.63 -1.21 23.37
CA SER B 538 -25.50 0.11 23.96
C SER B 538 -24.09 0.68 23.74
N ILE B 539 -23.89 1.99 23.92
CA ILE B 539 -22.56 2.60 23.92
C ILE B 539 -21.75 1.99 25.06
N GLU B 540 -22.29 1.81 26.25
CA GLU B 540 -21.48 1.19 27.31
C GLU B 540 -20.96 -0.16 26.98
N SER B 541 -21.87 -1.04 26.61
CA SER B 541 -21.41 -2.35 26.17
C SER B 541 -20.46 -2.43 25.02
N ALA B 542 -20.80 -1.74 23.93
CA ALA B 542 -20.01 -1.78 22.71
C ALA B 542 -18.66 -1.13 22.89
N SER B 543 -18.54 -0.19 23.85
CA SER B 543 -17.26 0.36 24.25
C SER B 543 -16.30 -0.68 24.80
N LYS B 544 -16.78 -1.85 25.12
CA LYS B 544 -15.85 -2.84 25.60
C LYS B 544 -15.22 -3.68 24.50
N GLY B 545 -15.49 -3.39 23.22
CA GLY B 545 -14.88 -4.13 22.13
C GLY B 545 -15.65 -5.39 21.77
N GLY B 546 -16.23 -6.08 22.74
CA GLY B 546 -17.05 -7.24 22.51
C GLY B 546 -17.93 -7.50 23.71
N TYR B 547 -19.15 -7.90 23.41
CA TYR B 547 -20.12 -8.11 24.45
C TYR B 547 -21.25 -9.07 24.02
N VAL B 548 -21.98 -9.56 25.04
CA VAL B 548 -23.10 -10.44 24.83
C VAL B 548 -24.32 -9.61 24.42
N LEU B 549 -24.76 -9.68 23.18
CA LEU B 549 -25.88 -8.88 22.73
C LEU B 549 -27.24 -9.43 23.17
N GLN B 550 -27.33 -10.73 22.95
CA GLN B 550 -28.52 -11.52 23.23
C GLN B 550 -28.12 -12.76 24.00
N ASP B 551 -28.65 -12.91 25.19
CA ASP B 551 -28.25 -14.03 26.02
C ASP B 551 -29.37 -15.01 26.15
N VAL B 552 -29.01 -16.22 26.56
CA VAL B 552 -29.99 -17.26 26.82
C VAL B 552 -29.33 -18.20 27.81
N ALA B 553 -30.10 -18.79 28.73
CA ALA B 553 -29.50 -19.77 29.67
C ALA B 553 -29.12 -21.05 28.96
N ASN B 554 -27.89 -21.49 29.22
CA ASN B 554 -27.41 -22.75 28.71
C ASN B 554 -27.47 -22.93 27.21
N PRO B 555 -26.81 -22.06 26.46
CA PRO B 555 -26.97 -22.07 25.03
C PRO B 555 -26.34 -23.30 24.40
N ASP B 556 -26.89 -23.75 23.26
CA ASP B 556 -26.29 -24.83 22.47
C ASP B 556 -25.08 -24.42 21.64
N ILE B 557 -25.10 -23.13 21.36
CA ILE B 557 -24.05 -22.51 20.56
C ILE B 557 -23.96 -21.03 20.89
N ILE B 558 -22.77 -20.50 20.64
CA ILE B 558 -22.55 -19.04 20.65
C ILE B 558 -22.23 -18.63 19.20
N LEU B 559 -22.99 -17.68 18.68
CA LEU B 559 -22.73 -17.04 17.37
C LEU B 559 -21.93 -15.75 17.63
N VAL B 560 -20.74 -15.54 17.10
CA VAL B 560 -20.00 -14.29 17.29
C VAL B 560 -19.99 -13.60 15.94
N ALA B 561 -20.48 -12.38 15.84
CA ALA B 561 -20.51 -11.69 14.60
C ALA B 561 -20.00 -10.24 14.70
N THR B 562 -19.80 -9.56 13.56
CA THR B 562 -19.38 -8.16 13.57
C THR B 562 -20.21 -7.42 12.55
N GLY B 563 -20.36 -6.10 12.65
CA GLY B 563 -21.00 -5.28 11.62
C GLY B 563 -22.35 -5.74 11.08
N SER B 564 -22.56 -5.74 9.77
CA SER B 564 -23.82 -6.21 9.19
C SER B 564 -24.24 -7.65 9.48
N GLU B 565 -23.30 -8.52 9.91
CA GLU B 565 -23.65 -9.89 10.20
C GLU B 565 -24.19 -10.07 11.60
N VAL B 566 -24.25 -9.06 12.46
CA VAL B 566 -24.87 -9.21 13.78
C VAL B 566 -26.39 -9.32 13.66
N SER B 567 -27.05 -8.50 12.86
CA SER B 567 -28.49 -8.56 12.65
C SER B 567 -28.86 -9.87 11.97
N LEU B 568 -28.00 -10.32 11.06
CA LEU B 568 -28.20 -11.64 10.44
C LEU B 568 -28.12 -12.76 11.50
N SER B 569 -27.13 -12.77 12.39
CA SER B 569 -27.00 -13.80 13.41
C SER B 569 -28.17 -13.78 14.39
N VAL B 570 -28.73 -12.61 14.64
CA VAL B 570 -29.92 -12.44 15.47
C VAL B 570 -31.15 -13.03 14.75
N GLU B 571 -31.27 -12.92 13.41
CA GLU B 571 -32.36 -13.59 12.68
C GLU B 571 -32.16 -15.09 12.65
N ALA B 572 -30.92 -15.49 12.48
CA ALA B 572 -30.54 -16.89 12.57
C ALA B 572 -30.91 -17.55 13.89
N ALA B 573 -30.66 -16.88 15.01
CA ALA B 573 -31.06 -17.39 16.32
C ALA B 573 -32.58 -17.45 16.52
N LYS B 574 -33.38 -16.62 15.85
CA LYS B 574 -34.83 -16.75 15.84
C LYS B 574 -35.22 -18.06 15.15
N THR B 575 -34.70 -18.30 13.91
CA THR B 575 -34.86 -19.57 13.17
C THR B 575 -34.39 -20.73 14.02
N LEU B 576 -33.27 -20.63 14.73
CA LEU B 576 -32.87 -21.67 15.66
C LEU B 576 -33.79 -21.86 16.87
N ALA B 577 -34.37 -20.80 17.42
CA ALA B 577 -35.24 -20.92 18.59
C ALA B 577 -36.50 -21.71 18.29
N ALA B 578 -36.96 -21.50 17.07
CA ALA B 578 -38.10 -22.21 16.55
C ALA B 578 -37.86 -23.73 16.47
N LYS B 579 -36.64 -24.27 16.29
CA LYS B 579 -36.42 -25.71 16.37
C LYS B 579 -35.71 -26.16 17.66
N ASN B 580 -36.04 -25.36 18.68
CA ASN B 580 -35.51 -25.46 20.04
C ASN B 580 -34.00 -25.46 20.26
N ILE B 581 -33.23 -24.71 19.48
CA ILE B 581 -31.80 -24.59 19.78
C ILE B 581 -31.70 -23.19 20.33
N LYS B 582 -31.05 -23.16 21.50
CA LYS B 582 -30.73 -21.88 22.15
C LYS B 582 -29.38 -21.32 21.73
N ALA B 583 -29.42 -20.19 21.04
CA ALA B 583 -28.19 -19.49 20.73
C ALA B 583 -27.90 -18.12 21.43
N ARG B 584 -26.71 -17.99 22.01
CA ARG B 584 -26.27 -16.69 22.45
C ARG B 584 -25.65 -15.97 21.23
N VAL B 585 -25.96 -14.69 21.03
CA VAL B 585 -25.39 -13.87 19.97
C VAL B 585 -24.44 -12.88 20.65
N VAL B 586 -23.20 -12.89 20.22
CA VAL B 586 -22.17 -11.99 20.70
C VAL B 586 -21.79 -11.04 19.57
N SER B 587 -21.76 -9.74 19.91
CA SER B 587 -21.34 -8.71 18.96
C SER B 587 -19.92 -8.36 19.33
N LEU B 588 -19.01 -8.48 18.36
CA LEU B 588 -17.60 -8.15 18.61
C LEU B 588 -17.07 -6.92 17.81
N PRO B 589 -17.49 -5.67 18.07
CA PRO B 589 -17.18 -4.56 17.13
C PRO B 589 -15.69 -4.23 17.04
N ASP B 590 -14.84 -4.54 18.00
CA ASP B 590 -13.39 -4.36 17.79
C ASP B 590 -12.53 -5.39 18.49
N PHE B 591 -11.74 -6.14 17.73
CA PHE B 591 -10.82 -7.07 18.34
C PHE B 591 -9.84 -6.47 19.35
N PHE B 592 -9.17 -5.34 19.04
CA PHE B 592 -8.21 -4.66 19.90
C PHE B 592 -8.72 -4.34 21.32
N THR B 593 -9.86 -3.64 21.27
CA THR B 593 -10.49 -3.17 22.49
C THR B 593 -10.96 -4.36 23.31
N PHE B 594 -11.56 -5.38 22.63
CA PHE B 594 -11.96 -6.63 23.33
C PHE B 594 -10.76 -7.30 24.01
N ASP B 595 -9.66 -7.49 23.25
CA ASP B 595 -8.44 -8.04 23.81
C ASP B 595 -7.78 -7.35 24.99
N LYS B 596 -8.00 -6.03 25.08
CA LYS B 596 -7.54 -5.27 26.22
C LYS B 596 -8.41 -5.44 27.46
N GLN B 597 -9.62 -5.99 27.38
CA GLN B 597 -10.44 -6.19 28.57
C GLN B 597 -9.82 -7.25 29.47
N PRO B 598 -10.04 -7.22 30.79
CA PRO B 598 -9.58 -8.32 31.64
C PRO B 598 -10.12 -9.68 31.20
N LEU B 599 -9.24 -10.67 31.21
CA LEU B 599 -9.58 -12.07 30.91
C LEU B 599 -10.86 -12.59 31.58
N GLU B 600 -11.13 -12.34 32.86
CA GLU B 600 -12.42 -12.63 33.47
C GLU B 600 -13.57 -12.09 32.62
N TYR B 601 -13.55 -10.85 32.13
CA TYR B 601 -14.64 -10.37 31.30
C TYR B 601 -14.71 -11.12 29.94
N ARG B 602 -13.58 -11.29 29.29
CA ARG B 602 -13.53 -11.96 27.99
C ARG B 602 -14.02 -13.42 28.03
N LEU B 603 -13.64 -14.16 29.07
CA LEU B 603 -14.12 -15.52 29.24
C LEU B 603 -15.57 -15.49 29.66
N SER B 604 -16.16 -14.45 30.24
CA SER B 604 -17.59 -14.49 30.44
C SER B 604 -18.34 -14.28 29.13
N VAL B 605 -17.68 -13.68 28.11
CA VAL B 605 -18.30 -13.52 26.81
C VAL B 605 -18.13 -14.79 25.96
N LEU B 606 -16.94 -15.39 25.97
CA LEU B 606 -16.64 -16.57 25.16
C LEU B 606 -16.16 -17.69 26.08
N PRO B 607 -17.10 -18.35 26.79
CA PRO B 607 -16.74 -19.32 27.83
C PRO B 607 -16.34 -20.66 27.28
N ASP B 608 -16.01 -21.56 28.19
CA ASP B 608 -15.75 -22.94 27.83
C ASP B 608 -17.07 -23.68 27.67
N ASN B 609 -16.93 -24.89 27.16
CA ASN B 609 -18.02 -25.86 26.96
C ASN B 609 -19.22 -25.46 26.08
N VAL B 610 -19.04 -24.55 25.14
CA VAL B 610 -20.09 -24.19 24.19
C VAL B 610 -19.40 -24.19 22.85
N PRO B 611 -19.94 -24.69 21.72
CA PRO B 611 -19.47 -24.39 20.37
C PRO B 611 -19.59 -22.91 20.05
N ILE B 612 -18.53 -22.29 19.51
CA ILE B 612 -18.61 -20.86 19.11
C ILE B 612 -18.33 -20.84 17.59
N MET B 613 -19.26 -20.24 16.88
CA MET B 613 -19.10 -20.08 15.42
C MET B 613 -19.07 -18.59 15.03
N SER B 614 -18.07 -18.14 14.29
CA SER B 614 -18.06 -16.74 13.87
C SER B 614 -18.80 -16.53 12.57
N VAL B 615 -19.32 -15.32 12.44
CA VAL B 615 -20.09 -14.97 11.27
C VAL B 615 -19.60 -13.63 10.71
N GLU B 616 -18.99 -13.59 9.54
CA GLU B 616 -18.51 -12.31 9.02
C GLU B 616 -18.20 -12.42 7.54
N VAL B 617 -18.77 -11.61 6.66
CA VAL B 617 -18.54 -11.78 5.22
C VAL B 617 -17.21 -11.36 4.62
N LEU B 618 -16.15 -11.66 5.34
CA LEU B 618 -14.81 -11.42 4.94
C LEU B 618 -14.01 -12.70 5.27
N ALA B 619 -12.69 -12.65 5.06
CA ALA B 619 -11.74 -13.74 5.32
C ALA B 619 -11.87 -14.38 6.67
N THR B 620 -11.72 -15.68 6.80
CA THR B 620 -11.84 -16.32 8.12
C THR B 620 -10.54 -16.54 8.88
N THR B 621 -9.44 -16.13 8.26
CA THR B 621 -8.10 -16.42 8.74
C THR B 621 -7.79 -15.83 10.10
N CYS B 622 -8.31 -14.69 10.48
CA CYS B 622 -8.11 -14.15 11.83
C CYS B 622 -9.01 -14.69 12.96
N TRP B 623 -10.06 -15.47 12.62
CA TRP B 623 -11.00 -15.89 13.63
C TRP B 623 -10.72 -17.09 14.55
N GLY B 624 -9.65 -17.88 14.29
CA GLY B 624 -9.23 -18.94 15.18
C GLY B 624 -8.95 -18.43 16.59
N LYS B 625 -8.58 -17.17 16.88
CA LYS B 625 -8.45 -16.70 18.27
C LYS B 625 -9.75 -16.55 19.08
N TYR B 626 -10.93 -16.59 18.44
CA TYR B 626 -12.20 -16.43 19.16
C TYR B 626 -13.22 -17.53 18.89
N ALA B 627 -13.11 -18.23 17.78
CA ALA B 627 -14.12 -19.21 17.41
C ALA B 627 -13.62 -20.60 17.01
N HIS B 628 -14.42 -21.64 17.29
CA HIS B 628 -14.10 -23.03 16.92
C HIS B 628 -14.32 -23.23 15.42
N GLN B 629 -15.43 -22.68 14.92
CA GLN B 629 -15.67 -22.79 13.49
C GLN B 629 -16.00 -21.39 12.93
N SER B 630 -15.78 -21.14 11.66
CA SER B 630 -16.00 -19.82 11.10
C SER B 630 -16.75 -19.80 9.79
N PHE B 631 -17.85 -19.08 9.67
CA PHE B 631 -18.51 -18.94 8.39
C PHE B 631 -18.12 -17.56 7.85
N GLY B 632 -17.26 -17.57 6.86
CA GLY B 632 -16.91 -16.34 6.16
C GLY B 632 -16.65 -16.48 4.66
N ILE B 633 -15.84 -15.63 4.04
CA ILE B 633 -15.57 -15.74 2.58
C ILE B 633 -14.09 -15.70 2.27
N ASP B 634 -13.50 -16.81 1.83
CA ASP B 634 -12.10 -16.82 1.50
C ASP B 634 -11.79 -16.88 0.01
N ARG B 635 -12.60 -16.22 -0.80
CA ARG B 635 -12.34 -16.04 -2.22
C ARG B 635 -12.75 -14.61 -2.61
N PHE B 636 -12.43 -14.05 -3.80
CA PHE B 636 -12.88 -12.68 -4.14
C PHE B 636 -14.39 -12.54 -4.29
N GLY B 637 -14.94 -11.33 -4.24
CA GLY B 637 -16.37 -11.18 -4.41
C GLY B 637 -16.97 -11.43 -5.80
N ALA B 638 -18.03 -10.68 -6.03
CA ALA B 638 -18.78 -10.81 -7.29
C ALA B 638 -19.60 -9.56 -7.54
N SER B 639 -19.62 -9.18 -8.78
CA SER B 639 -20.40 -8.04 -9.21
C SER B 639 -21.86 -8.41 -9.48
N GLY B 640 -22.73 -7.85 -8.65
CA GLY B 640 -24.17 -8.02 -8.77
C GLY B 640 -24.89 -7.25 -7.71
N LYS B 641 -26.21 -7.25 -7.65
CA LYS B 641 -26.94 -6.53 -6.61
C LYS B 641 -26.71 -7.06 -5.17
N ALA B 642 -26.38 -6.25 -4.13
CA ALA B 642 -26.00 -6.79 -2.82
C ALA B 642 -26.84 -7.91 -2.18
N PRO B 643 -28.20 -7.93 -2.03
CA PRO B 643 -28.97 -9.10 -1.58
C PRO B 643 -28.64 -10.37 -2.35
N GLU B 644 -28.45 -10.26 -3.68
CA GLU B 644 -28.14 -11.43 -4.51
C GLU B 644 -26.77 -11.98 -4.22
N VAL B 645 -25.79 -11.09 -4.04
CA VAL B 645 -24.42 -11.51 -3.67
C VAL B 645 -24.43 -12.15 -2.27
N PHE B 646 -25.11 -11.60 -1.24
CA PHE B 646 -25.18 -12.25 0.09
C PHE B 646 -25.68 -13.70 0.05
N LYS B 647 -26.76 -13.84 -0.67
CA LYS B 647 -27.38 -15.11 -1.05
C LYS B 647 -26.46 -16.09 -1.76
N PHE B 648 -25.77 -15.60 -2.77
CA PHE B 648 -24.82 -16.43 -3.46
C PHE B 648 -23.75 -17.00 -2.52
N PHE B 649 -23.28 -16.24 -1.55
CA PHE B 649 -22.29 -16.74 -0.60
C PHE B 649 -22.82 -17.54 0.60
N GLY B 650 -24.14 -17.64 0.69
CA GLY B 650 -24.89 -18.39 1.70
C GLY B 650 -25.31 -17.60 2.92
N PHE B 651 -25.09 -16.28 2.92
CA PHE B 651 -25.34 -15.45 4.09
C PHE B 651 -26.76 -14.92 4.26
N THR B 652 -27.57 -15.91 4.59
CA THR B 652 -28.99 -15.75 4.89
C THR B 652 -29.26 -16.32 6.29
N PRO B 653 -30.36 -15.96 7.01
CA PRO B 653 -30.72 -16.50 8.31
C PRO B 653 -30.75 -18.02 8.34
N GLU B 654 -31.37 -18.64 7.36
CA GLU B 654 -31.35 -20.11 7.27
C GLU B 654 -30.00 -20.69 6.92
N GLY B 655 -29.22 -20.04 6.04
CA GLY B 655 -27.86 -20.46 5.73
C GLY B 655 -26.93 -20.48 6.93
N VAL B 656 -27.03 -19.40 7.75
CA VAL B 656 -26.27 -19.31 9.01
C VAL B 656 -26.83 -20.35 10.02
N ALA B 657 -28.14 -20.41 10.28
CA ALA B 657 -28.68 -21.41 11.18
C ALA B 657 -28.29 -22.85 10.83
N GLU B 658 -28.23 -23.20 9.53
CA GLU B 658 -27.80 -24.51 9.08
C GLU B 658 -26.34 -24.81 9.41
N ARG B 659 -25.41 -23.89 9.23
CA ARG B 659 -24.00 -24.08 9.62
C ARG B 659 -23.81 -24.22 11.14
N ALA B 660 -24.69 -23.57 11.92
CA ALA B 660 -24.74 -23.69 13.37
C ALA B 660 -25.25 -25.06 13.83
N GLN B 661 -26.34 -25.50 13.18
CA GLN B 661 -26.82 -26.88 13.41
C GLN B 661 -25.71 -27.85 13.06
N LYS B 662 -24.95 -27.67 11.96
CA LYS B 662 -23.81 -28.55 11.68
C LYS B 662 -22.66 -28.54 12.70
N THR B 663 -22.36 -27.33 13.26
CA THR B 663 -21.35 -27.14 14.30
C THR B 663 -21.72 -27.83 15.59
N ILE B 664 -22.96 -27.67 16.04
CA ILE B 664 -23.48 -28.36 17.20
C ILE B 664 -23.35 -29.88 17.01
N ALA B 665 -23.84 -30.43 15.88
CA ALA B 665 -23.66 -31.83 15.54
C ALA B 665 -22.21 -32.29 15.50
N PHE B 666 -21.31 -31.55 14.87
CA PHE B 666 -19.89 -31.93 14.85
C PHE B 666 -19.22 -32.05 16.22
N TYR B 667 -19.65 -31.23 17.17
CA TYR B 667 -19.00 -31.26 18.47
C TYR B 667 -19.77 -32.00 19.53
N LYS B 668 -21.03 -32.36 19.25
CA LYS B 668 -21.93 -33.02 20.22
C LYS B 668 -21.23 -34.18 20.92
N GLY B 669 -21.17 -34.07 22.25
CA GLY B 669 -20.50 -35.06 23.08
C GLY B 669 -19.03 -34.78 23.36
N ASP B 670 -18.43 -33.80 22.68
CA ASP B 670 -17.08 -33.35 23.01
C ASP B 670 -17.03 -32.22 24.03
N LYS B 671 -15.93 -32.15 24.76
CA LYS B 671 -15.76 -31.04 25.70
C LYS B 671 -14.89 -29.99 25.03
N LEU B 672 -15.50 -28.82 24.97
CA LEU B 672 -14.83 -27.69 24.37
C LEU B 672 -14.25 -26.66 25.32
N ILE B 673 -13.09 -26.19 24.92
CA ILE B 673 -12.29 -25.19 25.60
C ILE B 673 -12.44 -23.87 24.83
N SER B 674 -12.68 -22.77 25.48
CA SER B 674 -12.69 -21.43 24.88
C SER B 674 -11.42 -21.15 24.09
N PRO B 675 -11.45 -20.76 22.80
CA PRO B 675 -10.31 -20.32 22.01
C PRO B 675 -9.46 -19.26 22.71
N LEU B 676 -10.04 -18.47 23.59
CA LEU B 676 -9.25 -17.48 24.34
C LEU B 676 -8.09 -17.94 25.23
N LYS B 677 -8.19 -19.16 25.80
CA LYS B 677 -7.20 -19.70 26.74
C LYS B 677 -5.90 -20.12 26.12
N LYS B 678 -4.86 -19.40 26.45
CA LYS B 678 -3.52 -19.71 26.03
C LYS B 678 -2.81 -20.52 27.10
N ALA B 679 -1.91 -21.37 26.67
CA ALA B 679 -1.15 -22.23 27.53
C ALA B 679 0.19 -21.77 28.07
N PHE B 680 0.86 -20.69 27.65
CA PHE B 680 2.28 -20.76 27.98
C PHE B 680 2.85 -20.53 29.39
CA CA C . -12.16 13.55 -14.50
N1' TPP D . -9.45 4.97 -5.07
C2' TPP D . -8.98 4.08 -5.98
CM2 TPP D . -7.58 3.67 -5.86
N3' TPP D . -9.73 3.53 -6.89
C4' TPP D . -11.01 3.97 -7.01
N4' TPP D . -11.71 3.45 -8.00
C5' TPP D . -11.57 4.93 -6.08
C6' TPP D . -10.74 5.39 -5.12
C7' TPP D . -12.98 5.45 -6.20
N3 TPP D . -13.07 6.27 -7.49
C2 TPP D . -13.54 5.80 -8.66
S1 TPP D . -13.60 6.96 -9.86
C5 TPP D . -12.96 8.13 -8.74
C4 TPP D . -12.75 7.56 -7.52
CM4 TPP D . -12.35 8.30 -6.27
C6 TPP D . -12.85 9.60 -9.05
C7 TPP D . -13.17 10.10 -10.41
O7 TPP D . -11.94 9.94 -11.18
PA TPP D . -11.86 10.51 -12.65
O1A TPP D . -10.80 9.67 -13.24
O2A TPP D . -11.65 11.97 -12.57
O3A TPP D . -13.33 10.27 -13.27
PB TPP D . -14.15 10.61 -14.57
O1B TPP D . -13.75 11.98 -14.86
O2B TPP D . -15.58 10.44 -14.26
O3B TPP D . -13.58 9.61 -15.51
CA CA E . 21.05 10.09 -3.03
N1' TPP F . 11.78 1.13 0.33
C2' TPP F . 11.26 1.97 1.29
CM2 TPP F . 9.86 2.44 1.13
N3' TPP F . 11.92 2.29 2.37
C4' TPP F . 13.26 2.08 2.42
N4' TPP F . 13.88 2.51 3.54
C5' TPP F . 13.88 1.20 1.46
C6' TPP F . 13.08 0.75 0.43
C7' TPP F . 15.31 0.71 1.59
N3 TPP F . 16.29 1.86 1.35
C2 TPP F . 16.80 2.63 2.34
S1 TPP F . 17.66 3.97 1.80
C5 TPP F . 17.32 3.46 0.17
C4 TPP F . 16.61 2.29 0.13
CM4 TPP F . 16.06 1.64 -1.12
C6 TPP F . 17.69 4.32 -1.01
C7 TPP F . 18.70 5.33 -0.68
O7 TPP F . 18.09 6.52 -1.20
PA TPP F . 18.72 7.97 -0.98
O1A TPP F . 17.59 8.70 -0.31
O2A TPP F . 19.14 8.38 -2.35
O3A TPP F . 20.11 7.84 -0.15
PB TPP F . 21.33 8.77 0.29
O1B TPP F . 20.56 9.50 1.31
O2B TPP F . 21.73 9.61 -0.86
O3B TPP F . 22.41 7.96 0.86
#